data_9H6G
#
_entry.id   9H6G
#
_cell.length_a   186.05
_cell.length_b   63.485
_cell.length_c   180.9
_cell.angle_alpha   90
_cell.angle_beta   118.443
_cell.angle_gamma   90
#
_symmetry.space_group_name_H-M   'C 1 2 1'
#
loop_
_entity.id
_entity.type
_entity.pdbx_description
1 polymer 'Glycoside hydrolase family 98 domain-containing protein'
2 branched beta-L-arabinofuranose-(1-3)-beta-D-xylopyranose-(1-4)-[beta-L-arabinofuranose-(1-2)][beta-D-xylopyranose-(1-3)]beta-D-xylopyranose-(1-4)-[beta-L-arabinofuranose-(1-3)]beta-D-xylopyranose-(1-4)-[beta-D-xylopyranose-(1-3)]beta-D-xylopyranose
3 branched beta-L-arabinofuranose-(1-3)-beta-D-xylopyranose-(1-4)-[beta-L-arabinofuranose-(1-2)][beta-D-xylopyranose-(1-3)]beta-D-xylopyranose-(1-4)-beta-D-xylopyranose-(1-4)-[beta-D-xylopyranose-(1-3)]beta-D-xylopyranose
4 non-polymer 'CALCIUM ION'
5 water water
#
_entity_poly.entity_id   1
_entity_poly.type   'polypeptide(L)'
_entity_poly.pdbx_seq_one_letter_code
;PGTAVENINTNVKALRKLIEAKQQDLAVKTYNPVNNGASYTIELSDGTSFSMYAQIAALEGGGEDVVYSPKVGAKVEHDE
YYWTLDDVWLTFENDEKVKVLDENNTVAPIVDINTDGYWTVKYGTKSRTLDKAVSGKLTSQFKQVSTIGDESVSFTFTDR
TPVIELNLFKGDNPEIPPVTGALRRPISPEQPAWFVHIDSWNYADPQKIIDLIPADIRPFTIFNISLSVSHDEATGIYNV
SEYGYEIAKSWLRTCAENNVWAMVQPSSGGFSHFKDVSLYSQFESDDKVRVYDEFFREYPNFLGFNYCAQFWGYDDQFSV
SWLQRVAHWNQLLKLTHKYGGYLVVSFCGNTWSANINPIALVKRNSDFAQTAKLYSENFIMCEKYTTQSGFFNVEGICLG
TWLSGFAGQYGIRFDQCGWTEEKGQNGDKDFPPAAGALPIIEHVMLTGQTVIDGPELIWQQCFKETNAVSVGDGYQSRNW
ECFPQFVNINIDMFRKIIDKTIRIPSRKEVIDRTKVVILQDVYSGDDNAKYSSPKNLHEGLYLRDDDGNLWDNHCYFKKT
GRYPTIPVAFELCDDVANSFQYKINQSTFEGSWSDVNTKVGKFNRWFPQEYTGELYAGRIENGWVVYNGLAGIRNAAIPF
KYNTCDKMELAYSKYTVSVIKEYANKLTFYMNNYDPSGSSKTEVIKIYGCTSKPTHSVSSRANGTAQVSENWKEDVYTLT
VTHNGPLDLTVNCSGKATDRLTVSTAASIQVPASPQIYQGAYQYEAECFDFKNVTKRVTKGDSEPIRNYTAQGYINFGAS
SAAAVR(PHD)AVTALEDGVYTIRIRYRAPSATVNTVDMYINNTKVGTPEFAQTDNDNTVWNTALMSVSLRKGANTFELK
ANSSGAGDLYLDNIVIERK
;
_entity_poly.pdbx_strand_id   A,B
#
loop_
_chem_comp.id
_chem_comp.type
_chem_comp.name
_chem_comp.formula
CA non-polymer 'CALCIUM ION' 'Ca 2'
FUB L-saccharide, beta linking beta-L-arabinofuranose 'C5 H10 O5'
XYP D-saccharide, beta linking beta-D-xylopyranose 'C5 H10 O5'
#
# COMPACT_ATOMS: atom_id res chain seq x y z
N PRO A 1 2.31 -2.90 9.40
CA PRO A 1 3.49 -2.25 8.74
C PRO A 1 3.12 -0.85 8.27
N GLY A 2 4.06 0.11 8.43
CA GLY A 2 3.90 1.53 8.12
C GLY A 2 5.21 2.35 8.22
N THR A 3 5.27 3.54 7.61
CA THR A 3 6.53 4.26 7.51
C THR A 3 6.80 5.03 8.80
N ALA A 4 8.06 5.39 9.00
CA ALA A 4 8.52 6.13 10.16
C ALA A 4 7.82 7.49 10.22
N VAL A 5 7.57 8.08 9.06
CA VAL A 5 7.06 9.44 9.03
C VAL A 5 5.59 9.41 9.47
N GLU A 6 4.83 8.40 9.05
CA GLU A 6 3.48 8.18 9.58
C GLU A 6 3.52 8.08 11.10
N ASN A 7 4.33 7.15 11.64
CA ASN A 7 4.44 6.94 13.07
C ASN A 7 4.65 8.26 13.83
N ILE A 8 5.55 9.11 13.33
CA ILE A 8 5.94 10.31 14.04
C ILE A 8 4.72 11.25 14.15
N ASN A 9 4.02 11.43 13.02
CA ASN A 9 2.94 12.40 12.89
C ASN A 9 1.72 11.90 13.66
N THR A 10 1.55 10.57 13.72
CA THR A 10 0.50 9.99 14.52
C THR A 10 0.65 10.41 15.98
N ASN A 11 1.86 10.30 16.53
CA ASN A 11 2.10 10.63 17.92
C ASN A 11 1.85 12.10 18.20
N VAL A 12 2.27 12.97 17.26
CA VAL A 12 2.01 14.40 17.31
C VAL A 12 0.50 14.66 17.35
N LYS A 13 -0.26 14.07 16.43
CA LYS A 13 -1.69 14.30 16.37
C LYS A 13 -2.33 13.81 17.65
N ALA A 14 -1.76 12.76 18.27
CA ALA A 14 -2.24 12.21 19.52
C ALA A 14 -1.95 13.17 20.67
N LEU A 15 -0.74 13.76 20.68
CA LEU A 15 -0.36 14.69 21.72
C LEU A 15 -1.30 15.90 21.67
N ARG A 16 -1.68 16.34 20.46
CA ARG A 16 -2.55 17.51 20.32
C ARG A 16 -3.90 17.19 20.93
N LYS A 17 -4.34 15.95 20.71
CA LYS A 17 -5.66 15.45 21.08
C LYS A 17 -5.73 15.21 22.60
N LEU A 18 -4.63 14.70 23.19
CA LEU A 18 -4.59 14.50 24.63
C LEU A 18 -4.77 15.84 25.35
N ILE A 19 -4.14 16.89 24.81
CA ILE A 19 -4.20 18.21 25.39
C ILE A 19 -5.60 18.78 25.23
N GLU A 20 -6.24 18.43 24.12
CA GLU A 20 -7.60 18.88 23.86
C GLU A 20 -8.53 18.18 24.86
N ALA A 21 -8.36 16.86 25.01
CA ALA A 21 -9.13 16.08 25.97
C ALA A 21 -8.97 16.59 27.40
N LYS A 22 -7.77 17.10 27.72
CA LYS A 22 -7.45 17.50 29.08
C LYS A 22 -8.22 18.76 29.45
N GLN A 23 -8.26 19.74 28.52
CA GLN A 23 -8.95 21.01 28.75
C GLN A 23 -10.44 20.91 28.44
N GLN A 24 -10.94 19.76 27.95
CA GLN A 24 -12.38 19.54 27.80
C GLN A 24 -12.88 18.58 28.87
N ASP A 25 -11.97 18.23 29.79
CA ASP A 25 -12.18 17.30 30.89
C ASP A 25 -12.72 15.96 30.38
N LEU A 26 -12.31 15.55 29.18
CA LEU A 26 -12.70 14.24 28.67
C LEU A 26 -11.93 13.17 29.43
N ALA A 27 -12.46 11.93 29.39
CA ALA A 27 -11.89 10.80 30.10
C ALA A 27 -11.43 9.72 29.14
N VAL A 28 -10.49 8.89 29.62
CA VAL A 28 -10.03 7.72 28.89
C VAL A 28 -10.96 6.61 29.28
N LYS A 29 -11.59 5.98 28.29
CA LYS A 29 -12.46 4.84 28.54
C LYS A 29 -11.58 3.59 28.62
N THR A 30 -10.72 3.42 27.62
CA THR A 30 -9.91 2.22 27.58
C THR A 30 -8.56 2.48 26.92
N TYR A 31 -7.53 1.79 27.37
CA TYR A 31 -6.28 1.73 26.63
C TYR A 31 -5.76 0.31 26.73
N ASN A 32 -4.83 -0.04 25.84
CA ASN A 32 -4.36 -1.41 25.72
C ASN A 32 -3.04 -1.47 24.94
N PRO A 33 -1.99 -2.13 25.47
CA PRO A 33 -0.73 -2.28 24.73
C PRO A 33 -0.74 -3.38 23.67
N VAL A 34 0.15 -3.25 22.68
CA VAL A 34 0.26 -4.23 21.61
C VAL A 34 1.74 -4.43 21.27
N ASN A 35 2.11 -5.66 20.92
CA ASN A 35 3.50 -6.03 20.69
C ASN A 35 4.41 -5.64 21.86
N ASN A 36 3.93 -5.97 23.06
CA ASN A 36 4.71 -5.84 24.26
C ASN A 36 4.97 -4.35 24.46
N GLY A 37 3.95 -3.55 24.16
CA GLY A 37 3.96 -2.13 24.44
C GLY A 37 4.81 -1.33 23.45
N ALA A 38 4.92 -1.80 22.21
CA ALA A 38 5.53 -1.02 21.14
C ALA A 38 4.57 0.06 20.69
N SER A 39 3.27 -0.22 20.87
CA SER A 39 2.21 0.70 20.50
C SER A 39 1.04 0.53 21.47
N TYR A 40 0.22 1.57 21.61
CA TYR A 40 -1.01 1.47 22.37
C TYR A 40 -2.16 1.97 21.50
N THR A 41 -3.37 1.43 21.74
CA THR A 41 -4.58 2.05 21.26
C THR A 41 -5.33 2.59 22.48
N ILE A 42 -6.04 3.71 22.25
CA ILE A 42 -6.59 4.56 23.30
C ILE A 42 -8.01 4.96 22.90
N GLU A 43 -9.01 4.79 23.75
CA GLU A 43 -10.33 5.30 23.47
C GLU A 43 -10.71 6.33 24.53
N LEU A 44 -11.24 7.48 24.09
CA LEU A 44 -11.69 8.50 25.01
C LEU A 44 -13.23 8.44 25.14
N SER A 45 -13.75 9.21 26.10
CA SER A 45 -15.18 9.29 26.39
C SER A 45 -15.96 9.90 25.23
N ASP A 46 -15.34 10.67 24.32
CA ASP A 46 -16.06 11.20 23.16
C ASP A 46 -16.07 10.19 22.00
N GLY A 47 -15.42 9.02 22.18
CA GLY A 47 -15.46 7.93 21.22
C GLY A 47 -14.28 7.93 20.24
N THR A 48 -13.33 8.85 20.46
CA THR A 48 -12.14 8.97 19.62
C THR A 48 -11.12 7.92 20.04
N SER A 49 -10.65 7.16 19.04
CA SER A 49 -9.69 6.12 19.30
C SER A 49 -8.53 6.37 18.35
N PHE A 50 -7.32 6.15 18.87
CA PHE A 50 -6.10 6.51 18.15
C PHE A 50 -4.98 5.69 18.74
N SER A 51 -3.92 5.56 17.94
CA SER A 51 -2.72 4.86 18.34
C SER A 51 -1.66 5.85 18.81
N MET A 52 -0.76 5.34 19.64
CA MET A 52 0.48 6.01 19.98
C MET A 52 1.61 4.97 19.92
N TYR A 53 2.80 5.41 19.46
CA TYR A 53 3.88 4.50 19.16
C TYR A 53 5.07 4.74 20.09
N ALA A 54 5.47 3.66 20.82
CA ALA A 54 6.63 3.72 21.70
C ALA A 54 7.87 3.36 20.90
N GLN A 55 7.67 2.66 19.79
CA GLN A 55 8.70 2.33 18.81
C GLN A 55 8.29 2.89 17.44
N ILE A 56 9.22 3.54 16.77
CA ILE A 56 9.02 4.06 15.43
C ILE A 56 9.61 3.08 14.44
N ALA A 57 8.94 2.92 13.30
CA ALA A 57 9.53 2.21 12.18
C ALA A 57 10.93 2.78 11.82
N ALA A 58 11.84 1.86 11.49
CA ALA A 58 13.10 2.20 10.85
C ALA A 58 12.87 3.21 9.73
N LEU A 59 13.91 3.94 9.34
CA LEU A 59 13.80 4.81 8.19
C LEU A 59 14.39 4.09 6.97
N GLU A 60 13.52 3.76 6.02
CA GLU A 60 13.97 3.17 4.77
C GLU A 60 15.36 3.70 4.41
N GLY A 61 16.26 2.76 4.16
CA GLY A 61 17.61 3.06 3.72
C GLY A 61 18.58 1.94 4.04
N GLY A 62 18.40 1.28 5.21
CA GLY A 62 19.22 0.16 5.64
C GLY A 62 20.04 0.47 6.89
N GLY A 63 20.55 1.71 7.01
CA GLY A 63 21.37 2.09 8.14
C GLY A 63 20.78 1.58 9.46
N GLU A 64 21.63 1.24 10.43
CA GLU A 64 21.06 0.79 11.70
C GLU A 64 21.97 1.16 12.87
N ASP A 65 22.19 2.46 13.00
CA ASP A 65 22.40 3.13 14.27
C ASP A 65 21.18 3.98 14.60
N VAL A 66 21.04 4.41 15.85
CA VAL A 66 20.08 5.44 16.22
C VAL A 66 20.56 6.74 15.62
N VAL A 67 19.67 7.46 14.91
CA VAL A 67 19.98 8.78 14.33
C VAL A 67 18.87 9.77 14.68
N TYR A 68 19.08 11.03 14.29
CA TYR A 68 18.15 12.11 14.55
C TYR A 68 16.86 11.99 13.76
N SER A 69 15.73 12.22 14.47
CA SER A 69 14.42 12.50 13.89
C SER A 69 13.83 13.62 14.74
N PRO A 70 13.15 14.63 14.15
CA PRO A 70 12.55 15.68 14.95
C PRO A 70 11.61 15.20 16.05
N LYS A 71 11.55 15.99 17.12
CA LYS A 71 10.73 15.69 18.27
C LYS A 71 9.80 16.88 18.55
N VAL A 72 8.58 16.77 18.03
CA VAL A 72 7.55 17.73 18.35
C VAL A 72 6.92 17.31 19.68
N GLY A 73 6.98 18.22 20.66
CA GLY A 73 6.37 18.07 21.97
C GLY A 73 5.69 19.37 22.40
N ALA A 74 5.40 19.49 23.69
CA ALA A 74 4.66 20.62 24.24
C ALA A 74 5.13 20.94 25.67
N LYS A 75 5.36 22.23 25.93
CA LYS A 75 5.54 22.76 27.29
C LYS A 75 4.36 23.66 27.59
N VAL A 76 4.20 23.96 28.89
CA VAL A 76 3.23 24.92 29.43
C VAL A 76 3.96 26.24 29.72
N GLU A 77 3.31 27.36 29.38
CA GLU A 77 3.83 28.69 29.70
C GLU A 77 2.65 29.64 29.88
N HIS A 78 2.68 30.46 30.97
CA HIS A 78 1.63 31.42 31.30
C HIS A 78 0.27 30.74 31.07
N ASP A 79 0.13 29.54 31.64
CA ASP A 79 -1.14 28.81 31.71
C ASP A 79 -1.48 28.03 30.43
N GLU A 80 -0.59 28.01 29.42
CA GLU A 80 -1.00 27.61 28.08
C GLU A 80 0.01 26.62 27.47
N TYR A 81 -0.46 25.80 26.52
CA TYR A 81 0.36 24.79 25.86
C TYR A 81 0.81 25.28 24.48
N TYR A 82 2.13 25.23 24.23
CA TYR A 82 2.69 25.65 22.96
C TYR A 82 3.60 24.53 22.43
N TRP A 83 3.74 24.45 21.11
CA TRP A 83 4.51 23.40 20.47
C TRP A 83 6.00 23.59 20.74
N THR A 84 6.71 22.48 21.02
CA THR A 84 8.18 22.46 21.09
C THR A 84 8.76 21.64 19.94
N LEU A 85 10.00 22.02 19.57
CA LEU A 85 10.83 21.24 18.66
C LEU A 85 12.19 21.00 19.29
N ASP A 86 12.46 19.77 19.73
CA ASP A 86 13.73 19.39 20.36
C ASP A 86 14.00 20.23 21.60
N ASP A 87 12.96 20.41 22.41
CA ASP A 87 13.00 21.04 23.74
C ASP A 87 13.25 22.55 23.66
N VAL A 88 13.02 23.14 22.49
CA VAL A 88 12.94 24.60 22.36
C VAL A 88 11.59 24.92 21.70
N TRP A 89 11.06 26.11 21.96
CA TRP A 89 9.77 26.51 21.42
C TRP A 89 9.76 26.28 19.92
N LEU A 90 8.63 25.78 19.37
CA LEU A 90 8.45 25.75 17.94
C LEU A 90 7.95 27.12 17.49
N THR A 91 8.68 27.67 16.49
CA THR A 91 8.51 29.00 15.89
C THR A 91 8.86 28.88 14.39
N PHE A 92 8.31 29.79 13.57
CA PHE A 92 8.59 29.79 12.14
C PHE A 92 9.24 31.09 11.73
N GLU A 93 8.42 32.12 11.47
CA GLU A 93 8.89 33.34 10.84
C GLU A 93 9.68 34.13 11.89
N ASN A 94 8.95 34.65 12.87
CA ASN A 94 9.49 35.56 13.87
C ASN A 94 10.06 34.67 14.97
N ASP A 95 10.01 35.14 16.22
CA ASP A 95 10.26 34.26 17.35
C ASP A 95 8.96 34.02 18.10
N GLU A 96 7.88 33.88 17.35
CA GLU A 96 6.56 33.70 17.92
C GLU A 96 6.28 32.21 18.13
N LYS A 97 6.02 31.88 19.40
CA LYS A 97 5.46 30.61 19.81
C LYS A 97 4.15 30.32 19.08
N VAL A 98 3.77 29.04 19.08
CA VAL A 98 2.63 28.51 18.36
C VAL A 98 1.82 27.68 19.34
N LYS A 99 0.56 28.05 19.56
CA LYS A 99 -0.29 27.36 20.51
C LYS A 99 -0.70 26.00 19.95
N VAL A 100 -0.86 25.01 20.83
CA VAL A 100 -1.41 23.71 20.46
C VAL A 100 -2.88 23.89 20.07
N LEU A 101 -3.61 24.67 20.88
CA LEU A 101 -5.04 24.86 20.77
C LEU A 101 -5.30 26.23 20.18
N ASP A 102 -5.35 26.30 18.85
CA ASP A 102 -5.45 27.55 18.11
C ASP A 102 -6.87 27.68 17.58
N GLU A 103 -7.43 28.89 17.67
CA GLU A 103 -8.83 29.02 17.35
C GLU A 103 -8.96 29.14 15.84
N ASN A 104 -8.80 27.98 15.17
CA ASN A 104 -9.29 27.83 13.79
C ASN A 104 -9.15 26.39 13.28
N ASN A 105 -7.97 25.76 13.45
CA ASN A 105 -7.69 24.48 12.78
C ASN A 105 -7.83 23.32 13.77
N THR A 106 -7.75 22.09 13.22
CA THR A 106 -7.26 20.89 13.90
C THR A 106 -6.09 20.30 13.09
N VAL A 107 -5.26 21.19 12.51
CA VAL A 107 -4.00 20.88 11.85
C VAL A 107 -2.88 21.07 12.88
N ALA A 108 -2.15 19.98 13.07
CA ALA A 108 -0.96 19.92 13.88
C ALA A 108 0.24 20.27 13.01
N PRO A 109 1.41 20.60 13.61
CA PRO A 109 2.63 20.57 12.83
C PRO A 109 2.80 19.20 12.18
N ILE A 110 3.08 19.21 10.88
CA ILE A 110 3.34 18.00 10.14
C ILE A 110 4.83 17.92 9.87
N VAL A 111 5.38 16.74 10.19
CA VAL A 111 6.77 16.42 9.90
C VAL A 111 6.81 15.62 8.60
N ASP A 112 7.87 15.87 7.84
CA ASP A 112 8.05 15.28 6.52
C ASP A 112 9.54 15.29 6.17
N ILE A 113 9.84 14.68 5.02
CA ILE A 113 11.14 14.72 4.39
C ILE A 113 10.97 15.24 2.96
N ASN A 114 11.62 16.38 2.62
CA ASN A 114 11.42 16.96 1.31
C ASN A 114 12.25 16.18 0.29
N THR A 115 12.35 16.72 -0.95
CA THR A 115 12.85 15.94 -2.09
C THR A 115 14.38 16.03 -2.17
N ASP A 116 14.98 17.01 -1.48
CA ASP A 116 16.42 17.06 -1.21
C ASP A 116 16.82 16.26 0.03
N GLY A 117 15.84 15.57 0.64
CA GLY A 117 16.12 14.58 1.67
C GLY A 117 16.35 15.21 3.05
N TYR A 118 15.75 16.39 3.31
CA TYR A 118 15.84 17.06 4.61
C TYR A 118 14.50 16.95 5.36
N TRP A 119 14.54 16.77 6.68
CA TRP A 119 13.34 16.86 7.50
C TRP A 119 12.73 18.26 7.38
N THR A 120 11.40 18.32 7.48
CA THR A 120 10.69 19.58 7.43
C THR A 120 9.52 19.55 8.42
N VAL A 121 9.00 20.74 8.74
CA VAL A 121 7.85 20.85 9.61
C VAL A 121 7.00 22.03 9.15
N LYS A 122 5.69 21.76 8.95
CA LYS A 122 4.77 22.72 8.34
C LYS A 122 3.58 22.91 9.25
N TYR A 123 2.98 24.12 9.25
CA TYR A 123 1.88 24.47 10.13
C TYR A 123 1.04 25.57 9.48
N GLY A 124 -0.05 25.15 8.82
CA GLY A 124 -0.74 26.01 7.88
C GLY A 124 0.18 26.39 6.73
N THR A 125 0.25 27.69 6.43
CA THR A 125 1.00 28.16 5.27
C THR A 125 2.50 28.19 5.58
N LYS A 126 2.85 28.20 6.89
CA LYS A 126 4.24 28.33 7.31
C LYS A 126 4.92 26.97 7.23
N SER A 127 6.25 27.02 7.17
CA SER A 127 7.06 25.89 6.76
C SER A 127 8.53 26.14 7.12
N ARG A 128 9.25 25.09 7.51
CA ARG A 128 10.58 25.22 8.06
C ARG A 128 11.43 23.98 7.72
N THR A 129 12.60 24.22 7.10
CA THR A 129 13.56 23.14 6.82
C THR A 129 14.52 22.98 8.00
N LEU A 130 14.77 21.73 8.34
CA LEU A 130 15.66 21.33 9.43
C LEU A 130 16.76 20.47 8.82
N ASP A 131 17.32 19.52 9.60
CA ASP A 131 18.54 18.82 9.22
C ASP A 131 18.30 17.77 8.13
N LYS A 132 19.39 17.26 7.56
CA LYS A 132 19.35 16.17 6.59
C LYS A 132 18.88 14.89 7.27
N ALA A 133 17.88 14.24 6.66
CA ALA A 133 17.44 12.93 7.12
C ALA A 133 18.47 11.91 6.68
N VAL A 134 18.53 10.80 7.41
CA VAL A 134 19.59 9.83 7.29
C VAL A 134 19.02 8.51 7.75
N SER A 135 19.31 7.45 7.00
CA SER A 135 18.82 6.12 7.26
C SER A 135 19.32 5.64 8.63
N GLY A 136 18.43 4.98 9.40
CA GLY A 136 18.72 4.69 10.79
C GLY A 136 17.46 4.29 11.56
N LYS A 137 17.70 3.70 12.74
CA LYS A 137 16.68 3.50 13.75
C LYS A 137 16.37 4.86 14.36
N LEU A 138 15.10 5.11 14.71
CA LEU A 138 14.69 6.34 15.37
C LEU A 138 14.13 6.04 16.75
N THR A 139 13.99 7.11 17.54
CA THR A 139 13.44 7.05 18.89
C THR A 139 12.14 7.85 18.89
N SER A 140 11.16 7.39 19.67
CA SER A 140 9.84 7.99 19.70
C SER A 140 9.83 9.23 20.61
N GLN A 141 8.87 10.13 20.38
CA GLN A 141 8.69 11.28 21.26
C GLN A 141 7.92 10.83 22.50
N PHE A 142 7.31 9.63 22.44
CA PHE A 142 6.41 9.16 23.48
C PHE A 142 6.94 7.88 24.12
N LYS A 143 6.73 7.75 25.42
CA LYS A 143 7.39 6.73 26.24
C LYS A 143 6.43 5.56 26.45
N GLN A 144 5.28 5.86 27.06
CA GLN A 144 4.30 4.86 27.47
C GLN A 144 3.06 5.52 28.09
N VAL A 145 2.09 4.66 28.46
CA VAL A 145 0.93 5.03 29.25
C VAL A 145 0.73 3.99 30.35
N SER A 146 0.61 4.49 31.58
CA SER A 146 0.33 3.69 32.75
C SER A 146 -0.95 4.21 33.42
N THR A 147 -1.40 3.48 34.45
CA THR A 147 -2.49 3.91 35.30
C THR A 147 -1.95 4.29 36.67
N ILE A 148 -2.50 5.39 37.21
CA ILE A 148 -2.30 5.78 38.60
C ILE A 148 -3.58 5.46 39.39
N GLY A 149 -3.45 4.55 40.38
CA GLY A 149 -4.55 4.18 41.26
C GLY A 149 -5.65 3.43 40.51
N ASP A 150 -6.88 3.90 40.70
CA ASP A 150 -8.01 3.47 39.91
C ASP A 150 -8.75 4.74 39.44
N GLU A 151 -8.08 5.90 39.45
CA GLU A 151 -8.70 7.17 39.11
C GLU A 151 -8.09 7.77 37.85
N SER A 152 -6.75 7.78 37.77
CA SER A 152 -5.99 8.59 36.82
C SER A 152 -5.40 7.65 35.77
N VAL A 153 -5.09 8.22 34.59
CA VAL A 153 -4.30 7.53 33.58
C VAL A 153 -3.26 8.52 33.01
N SER A 154 -2.01 8.08 32.97
CA SER A 154 -0.89 8.97 32.73
C SER A 154 -0.23 8.59 31.40
N PHE A 155 -0.02 9.61 30.56
CA PHE A 155 0.76 9.54 29.33
C PHE A 155 2.09 10.25 29.55
N THR A 156 3.22 9.53 29.33
CA THR A 156 4.57 9.98 29.66
C THR A 156 5.40 10.09 28.38
N PHE A 157 6.21 11.13 28.25
CA PHE A 157 6.96 11.34 27.00
C PHE A 157 8.46 11.13 27.25
N THR A 158 9.27 11.25 26.19
CA THR A 158 10.70 10.97 26.27
C THR A 158 11.48 12.28 26.18
N ASP A 159 10.77 13.39 25.92
CA ASP A 159 11.35 14.70 25.88
C ASP A 159 10.95 15.37 27.19
N ARG A 160 10.89 16.71 27.22
CA ARG A 160 10.60 17.41 28.46
C ARG A 160 9.15 17.90 28.47
N THR A 161 8.37 17.36 27.55
CA THR A 161 6.94 17.50 27.62
C THR A 161 6.52 17.00 28.98
N PRO A 162 5.64 17.72 29.73
CA PRO A 162 5.23 17.25 31.04
C PRO A 162 4.43 15.98 30.89
N VAL A 163 4.18 15.31 32.01
CA VAL A 163 3.23 14.21 32.06
C VAL A 163 1.83 14.79 31.92
N ILE A 164 0.93 13.97 31.37
CA ILE A 164 -0.44 14.38 31.15
C ILE A 164 -1.38 13.34 31.76
N GLU A 165 -2.14 13.76 32.79
CA GLU A 165 -3.09 12.88 33.43
C GLU A 165 -4.50 13.13 32.87
N LEU A 166 -5.24 12.06 32.60
CA LEU A 166 -6.67 12.19 32.32
C LEU A 166 -7.42 11.31 33.28
N ASN A 167 -8.66 11.66 33.60
CA ASN A 167 -9.49 10.80 34.44
C ASN A 167 -9.79 9.50 33.70
N LEU A 168 -9.95 8.43 34.48
CA LEU A 168 -10.26 7.11 33.96
C LEU A 168 -11.77 6.94 34.09
N PHE A 169 -12.48 7.03 32.98
CA PHE A 169 -13.91 6.88 32.94
C PHE A 169 -14.35 5.77 33.89
N LYS A 170 -15.37 6.06 34.70
CA LYS A 170 -16.08 5.05 35.47
C LYS A 170 -17.49 4.97 34.88
N GLY A 171 -17.90 3.77 34.45
CA GLY A 171 -19.18 3.56 33.80
C GLY A 171 -20.26 3.26 34.84
N ASP A 172 -21.45 3.86 34.69
CA ASP A 172 -22.46 3.86 35.74
C ASP A 172 -23.34 2.61 35.61
N ASN A 173 -22.91 1.63 34.77
CA ASN A 173 -23.50 0.31 34.75
C ASN A 173 -23.01 -0.50 35.95
N PRO A 174 -23.88 -1.11 36.80
CA PRO A 174 -23.39 -1.98 37.87
C PRO A 174 -22.68 -3.23 37.30
N GLU A 175 -21.46 -3.47 37.75
CA GLU A 175 -20.64 -4.48 37.08
C GLU A 175 -21.22 -5.84 37.47
N ILE A 176 -21.13 -6.80 36.57
CA ILE A 176 -21.77 -8.10 36.72
C ILE A 176 -20.83 -9.03 37.49
N PRO A 177 -21.21 -9.61 38.64
CA PRO A 177 -20.27 -10.43 39.39
C PRO A 177 -19.86 -11.67 38.61
N PRO A 178 -18.55 -11.98 38.51
CA PRO A 178 -18.08 -13.08 37.67
C PRO A 178 -18.38 -14.43 38.28
N VAL A 179 -18.10 -15.49 37.52
CA VAL A 179 -18.19 -16.87 37.99
C VAL A 179 -16.87 -17.36 38.62
N THR A 180 -16.97 -17.82 39.87
CA THR A 180 -15.81 -18.33 40.59
C THR A 180 -16.14 -19.63 41.30
N GLY A 181 -15.13 -20.20 42.00
CA GLY A 181 -15.29 -21.41 42.78
C GLY A 181 -15.10 -22.64 41.90
N ALA A 182 -16.09 -23.51 41.88
CA ALA A 182 -16.07 -24.75 41.12
C ALA A 182 -15.85 -24.51 39.64
N LEU A 183 -15.21 -25.50 38.99
CA LEU A 183 -15.04 -25.57 37.55
C LEU A 183 -16.32 -25.17 36.83
N ARG A 184 -16.17 -24.27 35.85
CA ARG A 184 -17.26 -23.69 35.09
C ARG A 184 -17.92 -24.75 34.21
N ARG A 185 -17.11 -25.63 33.59
CA ARG A 185 -17.57 -26.60 32.62
C ARG A 185 -16.78 -27.87 32.82
N PRO A 186 -17.22 -28.77 33.72
CA PRO A 186 -16.40 -29.92 34.07
C PRO A 186 -16.15 -30.81 32.86
N ILE A 187 -15.02 -31.49 32.86
CA ILE A 187 -14.67 -32.45 31.80
C ILE A 187 -14.36 -33.81 32.46
N SER A 188 -14.93 -34.87 31.87
CA SER A 188 -14.73 -36.21 32.39
C SER A 188 -15.12 -37.18 31.28
N PRO A 189 -14.99 -38.50 31.49
CA PRO A 189 -15.43 -39.45 30.48
C PRO A 189 -16.91 -39.31 30.14
N GLU A 190 -17.68 -38.90 31.13
CA GLU A 190 -19.10 -38.71 30.97
C GLU A 190 -19.37 -37.39 30.24
N GLN A 191 -18.39 -36.48 30.27
CA GLN A 191 -18.58 -35.15 29.73
C GLN A 191 -17.34 -34.72 28.95
N PRO A 192 -17.02 -35.41 27.84
CA PRO A 192 -15.85 -35.09 27.05
C PRO A 192 -16.00 -33.75 26.31
N ALA A 193 -14.85 -33.27 25.81
CA ALA A 193 -14.77 -31.98 25.13
C ALA A 193 -14.11 -32.15 23.77
N TRP A 194 -14.64 -31.38 22.81
CA TRP A 194 -14.03 -31.19 21.51
C TRP A 194 -13.70 -29.71 21.36
N PHE A 195 -12.40 -29.40 21.19
CA PHE A 195 -11.95 -28.05 20.92
C PHE A 195 -12.00 -27.75 19.42
N VAL A 196 -13.00 -26.96 19.00
CA VAL A 196 -13.17 -26.62 17.59
C VAL A 196 -12.65 -25.20 17.42
N HIS A 197 -11.87 -24.94 16.37
CA HIS A 197 -11.10 -23.71 16.28
C HIS A 197 -11.84 -22.66 15.47
N ILE A 198 -12.04 -21.50 16.11
CA ILE A 198 -12.24 -20.30 15.33
C ILE A 198 -10.85 -19.75 15.02
N ASP A 199 -10.42 -19.78 13.75
CA ASP A 199 -9.01 -19.70 13.43
C ASP A 199 -8.72 -18.42 12.67
N SER A 200 -7.75 -17.64 13.14
CA SER A 200 -7.30 -16.44 12.46
C SER A 200 -6.91 -16.73 11.01
N TRP A 201 -6.43 -17.94 10.73
CA TRP A 201 -6.12 -18.33 9.37
C TRP A 201 -7.35 -18.49 8.48
N ASN A 202 -8.53 -18.74 9.03
CA ASN A 202 -9.76 -18.81 8.24
C ASN A 202 -10.38 -17.42 8.08
N TYR A 203 -9.77 -16.42 8.72
CA TYR A 203 -10.29 -15.07 8.70
C TYR A 203 -11.75 -15.09 9.13
N ALA A 204 -12.06 -15.87 10.17
CA ALA A 204 -13.41 -16.24 10.53
C ALA A 204 -14.35 -15.07 10.81
N ASP A 205 -15.63 -15.29 10.44
CA ASP A 205 -16.79 -14.83 11.18
C ASP A 205 -17.14 -15.89 12.23
N PRO A 206 -16.85 -15.66 13.54
CA PRO A 206 -17.10 -16.67 14.56
C PRO A 206 -18.50 -17.27 14.49
N GLN A 207 -19.47 -16.41 14.18
CA GLN A 207 -20.88 -16.77 14.13
C GLN A 207 -21.14 -17.92 13.15
N LYS A 208 -20.35 -17.98 12.07
CA LYS A 208 -20.60 -18.88 10.97
C LYS A 208 -19.78 -20.16 11.14
N ILE A 209 -18.69 -20.10 11.91
CA ILE A 209 -18.02 -21.31 12.36
C ILE A 209 -18.85 -22.05 13.42
N ILE A 210 -19.41 -21.28 14.37
CA ILE A 210 -20.25 -21.87 15.40
C ILE A 210 -21.42 -22.60 14.75
N ASP A 211 -22.05 -21.97 13.76
CA ASP A 211 -23.24 -22.54 13.14
C ASP A 211 -22.92 -23.74 12.26
N LEU A 212 -21.67 -23.95 11.86
CA LEU A 212 -21.30 -25.13 11.10
C LEU A 212 -21.26 -26.35 12.01
N ILE A 213 -21.37 -26.15 13.34
CA ILE A 213 -21.34 -27.24 14.30
C ILE A 213 -22.78 -27.61 14.67
N PRO A 214 -23.18 -28.88 14.46
CA PRO A 214 -24.57 -29.27 14.68
C PRO A 214 -24.95 -29.26 16.16
N ALA A 215 -26.27 -29.25 16.45
CA ALA A 215 -26.78 -29.04 17.80
C ALA A 215 -26.37 -30.16 18.77
N ASP A 216 -26.25 -31.39 18.27
CA ASP A 216 -25.96 -32.50 19.16
C ASP A 216 -24.53 -32.43 19.62
N ILE A 217 -23.65 -31.79 18.81
CA ILE A 217 -22.23 -31.66 19.10
C ILE A 217 -21.97 -30.41 19.94
N ARG A 218 -22.72 -29.33 19.66
CA ARG A 218 -22.46 -28.00 20.21
C ARG A 218 -22.19 -28.05 21.71
N PRO A 219 -23.09 -28.66 22.50
CA PRO A 219 -22.96 -28.59 23.94
C PRO A 219 -21.67 -29.26 24.45
N PHE A 220 -21.13 -30.26 23.71
CA PHE A 220 -19.87 -30.86 24.08
C PHE A 220 -18.66 -30.10 23.52
N THR A 221 -18.89 -29.02 22.77
CA THR A 221 -17.84 -28.30 22.08
C THR A 221 -17.25 -27.20 22.95
N ILE A 222 -15.95 -26.95 22.78
CA ILE A 222 -15.31 -25.79 23.38
C ILE A 222 -14.61 -25.00 22.27
N PHE A 223 -15.19 -23.86 21.86
CA PHE A 223 -14.65 -23.11 20.73
C PHE A 223 -13.27 -22.53 21.09
N ASN A 224 -12.26 -22.86 20.29
CA ASN A 224 -10.89 -22.45 20.54
C ASN A 224 -10.49 -21.33 19.58
N ILE A 225 -10.38 -20.11 20.16
CA ILE A 225 -10.10 -18.89 19.46
C ILE A 225 -8.59 -18.77 19.26
N SER A 226 -8.16 -18.98 18.00
CA SER A 226 -6.77 -19.15 17.61
C SER A 226 -6.20 -17.81 17.15
N LEU A 227 -5.19 -17.32 17.90
CA LEU A 227 -4.37 -16.21 17.45
C LEU A 227 -3.07 -16.78 16.84
N SER A 228 -2.83 -16.43 15.57
CA SER A 228 -1.63 -16.86 14.89
C SER A 228 -0.47 -16.02 15.39
N VAL A 229 0.66 -16.70 15.63
CA VAL A 229 1.86 -16.00 16.03
C VAL A 229 2.71 -15.67 14.81
N SER A 230 2.12 -15.72 13.59
CA SER A 230 2.83 -15.19 12.42
C SER A 230 3.11 -13.70 12.61
N HIS A 231 4.41 -13.38 12.43
CA HIS A 231 4.96 -12.06 12.70
C HIS A 231 6.14 -11.78 11.76
N ASP A 232 6.50 -10.49 11.59
CA ASP A 232 7.71 -10.05 10.91
C ASP A 232 8.94 -10.29 11.79
N GLU A 233 9.89 -11.11 11.35
CA GLU A 233 10.99 -11.55 12.23
C GLU A 233 11.79 -10.33 12.73
N ALA A 234 11.99 -9.32 11.88
CA ALA A 234 12.78 -8.14 12.23
C ALA A 234 12.14 -7.28 13.34
N THR A 235 10.90 -6.80 13.14
CA THR A 235 10.27 -5.83 14.04
C THR A 235 9.57 -6.53 15.20
N GLY A 236 9.11 -7.78 14.98
CA GLY A 236 8.32 -8.51 15.97
C GLY A 236 6.80 -8.51 15.69
N ILE A 237 6.33 -7.63 14.80
CA ILE A 237 4.93 -7.27 14.79
C ILE A 237 4.09 -8.36 14.15
N TYR A 238 2.95 -8.66 14.80
CA TYR A 238 2.06 -9.72 14.34
C TYR A 238 1.26 -9.21 13.14
N ASN A 239 1.11 -10.07 12.12
CA ASN A 239 0.36 -9.73 10.91
C ASN A 239 -1.00 -10.46 10.85
N VAL A 240 -0.96 -11.79 10.77
CA VAL A 240 -2.16 -12.55 10.47
C VAL A 240 -3.23 -12.14 11.49
N SER A 241 -2.79 -12.18 12.76
CA SER A 241 -3.57 -11.73 13.89
C SER A 241 -2.99 -10.42 14.43
N GLU A 242 -3.07 -9.35 13.61
CA GLU A 242 -2.51 -8.05 13.95
C GLU A 242 -2.87 -7.61 15.38
N TYR A 243 -4.15 -7.53 15.70
CA TYR A 243 -4.53 -7.05 17.02
C TYR A 243 -5.18 -8.20 17.81
N GLY A 244 -4.32 -9.05 18.41
CA GLY A 244 -4.76 -10.30 19.03
C GLY A 244 -5.83 -10.10 20.08
N TYR A 245 -5.58 -9.19 21.04
CA TYR A 245 -6.55 -8.88 22.07
C TYR A 245 -7.89 -8.56 21.42
N GLU A 246 -7.86 -7.71 20.38
CA GLU A 246 -9.10 -7.26 19.76
C GLU A 246 -9.82 -8.39 19.01
N ILE A 247 -9.10 -9.35 18.44
CA ILE A 247 -9.71 -10.52 17.85
C ILE A 247 -10.34 -11.32 18.98
N ALA A 248 -9.50 -11.83 19.87
CA ALA A 248 -10.00 -12.61 21.00
C ALA A 248 -11.24 -11.96 21.62
N LYS A 249 -11.22 -10.64 21.77
CA LYS A 249 -12.32 -9.98 22.47
C LYS A 249 -13.57 -10.14 21.62
N SER A 250 -13.44 -9.77 20.33
CA SER A 250 -14.57 -9.76 19.42
C SER A 250 -15.16 -11.15 19.32
N TRP A 251 -14.31 -12.16 19.13
CA TRP A 251 -14.82 -13.52 18.92
C TRP A 251 -15.31 -14.13 20.21
N LEU A 252 -14.77 -13.68 21.35
CA LEU A 252 -15.18 -14.20 22.62
C LEU A 252 -16.55 -13.65 22.99
N ARG A 253 -16.83 -12.41 22.58
CA ARG A 253 -18.16 -11.85 22.75
C ARG A 253 -19.17 -12.61 21.89
N THR A 254 -18.84 -12.91 20.62
CA THR A 254 -19.80 -13.63 19.80
C THR A 254 -20.06 -14.97 20.46
N CYS A 255 -19.01 -15.69 20.89
CA CYS A 255 -19.24 -16.95 21.57
C CYS A 255 -20.19 -16.72 22.74
N ALA A 256 -19.94 -15.70 23.55
CA ALA A 256 -20.71 -15.52 24.78
C ALA A 256 -22.17 -15.20 24.45
N GLU A 257 -22.38 -14.54 23.31
CA GLU A 257 -23.72 -14.21 22.83
C GLU A 257 -24.49 -15.48 22.51
N ASN A 258 -23.80 -16.44 21.89
CA ASN A 258 -24.39 -17.69 21.41
C ASN A 258 -24.41 -18.73 22.55
N ASN A 259 -23.96 -18.36 23.76
CA ASN A 259 -24.04 -19.25 24.89
C ASN A 259 -23.27 -20.55 24.63
N VAL A 260 -22.01 -20.46 24.20
CA VAL A 260 -21.17 -21.62 23.98
C VAL A 260 -19.79 -21.40 24.59
N TRP A 261 -19.12 -22.51 24.94
CA TRP A 261 -17.91 -22.43 25.74
C TRP A 261 -16.77 -22.01 24.84
N ALA A 262 -15.78 -21.28 25.38
CA ALA A 262 -14.64 -20.88 24.56
C ALA A 262 -13.33 -20.76 25.35
N MET A 263 -12.17 -20.76 24.62
CA MET A 263 -10.83 -20.62 25.21
C MET A 263 -9.89 -19.75 24.37
N GLN A 265 -6.43 -19.18 23.14
CA GLN A 265 -5.19 -19.65 22.41
C GLN A 265 -4.30 -18.51 21.87
N PRO A 266 -3.38 -17.92 22.68
CA PRO A 266 -2.55 -16.81 22.24
C PRO A 266 -1.06 -17.11 21.96
N SER A 267 -0.67 -18.37 22.13
CA SER A 267 0.72 -18.74 21.90
C SER A 267 0.85 -20.02 21.05
N SER A 268 1.91 -20.04 20.24
CA SER A 268 2.49 -21.24 19.70
C SER A 268 4.00 -21.14 19.96
N GLY A 269 4.55 -22.12 20.69
CA GLY A 269 5.90 -21.98 21.26
C GLY A 269 6.01 -20.73 22.13
N GLY A 270 7.16 -20.06 22.08
CA GLY A 270 7.41 -18.94 22.96
C GLY A 270 6.59 -17.71 22.57
N PHE A 271 6.34 -17.58 21.27
CA PHE A 271 5.57 -16.45 20.79
C PHE A 271 4.19 -16.45 21.44
N SER A 272 3.76 -15.25 21.85
CA SER A 272 2.50 -15.06 22.50
C SER A 272 2.04 -13.63 22.29
N HIS A 273 0.77 -13.43 21.95
CA HIS A 273 0.24 -12.09 21.81
C HIS A 273 0.22 -11.35 23.14
N PHE A 274 0.22 -12.07 24.26
CA PHE A 274 0.15 -11.46 25.58
C PHE A 274 1.42 -11.74 26.39
N LYS A 275 1.78 -10.75 27.20
CA LYS A 275 3.01 -10.73 27.97
C LYS A 275 2.90 -11.73 29.10
N ASP A 276 4.00 -12.41 29.39
CA ASP A 276 4.06 -13.38 30.46
C ASP A 276 4.30 -12.62 31.77
N VAL A 277 3.78 -13.20 32.88
CA VAL A 277 3.92 -12.61 34.21
C VAL A 277 4.94 -13.45 34.97
N SER A 278 5.44 -12.90 36.10
CA SER A 278 6.23 -13.68 37.03
C SER A 278 5.67 -13.61 38.46
N LEU A 279 4.57 -12.89 38.65
CA LEU A 279 3.96 -12.78 39.96
C LEU A 279 2.44 -12.73 39.87
N TYR A 280 1.82 -13.36 40.87
CA TYR A 280 0.38 -13.45 40.84
C TYR A 280 -0.19 -12.06 41.03
N SER A 281 0.53 -11.14 41.68
CA SER A 281 -0.01 -9.82 41.94
C SER A 281 -0.36 -9.09 40.62
N GLN A 282 0.41 -9.39 39.56
CA GLN A 282 0.30 -8.62 38.32
C GLN A 282 -1.08 -8.72 37.67
N PHE A 283 -1.87 -9.74 38.05
CA PHE A 283 -3.15 -9.96 37.39
C PHE A 283 -4.13 -8.85 37.78
N GLU A 284 -3.86 -8.15 38.89
CA GLU A 284 -4.69 -7.00 39.27
C GLU A 284 -3.91 -5.68 39.21
N SER A 285 -2.60 -5.74 39.44
CA SER A 285 -1.83 -4.54 39.68
C SER A 285 -1.14 -4.03 38.41
N ASP A 286 -0.93 -4.86 37.37
CA ASP A 286 -0.08 -4.52 36.23
C ASP A 286 -0.89 -4.20 34.97
N ASP A 287 -0.79 -2.95 34.48
CA ASP A 287 -1.55 -2.51 33.32
C ASP A 287 -0.95 -3.07 32.03
N LYS A 288 0.05 -3.93 32.15
CA LYS A 288 0.57 -4.57 30.95
C LYS A 288 -0.06 -5.94 30.74
N VAL A 289 -0.85 -6.46 31.69
CA VAL A 289 -1.32 -7.84 31.57
C VAL A 289 -2.77 -8.01 32.00
N ARG A 290 -3.61 -7.00 31.72
CA ARG A 290 -4.99 -7.01 32.18
C ARG A 290 -5.77 -8.15 31.51
N VAL A 291 -5.35 -8.57 30.32
CA VAL A 291 -6.17 -9.46 29.50
C VAL A 291 -6.51 -10.77 30.25
N TYR A 292 -5.62 -11.24 31.10
CA TYR A 292 -5.81 -12.48 31.81
C TYR A 292 -7.06 -12.34 32.69
N ASP A 293 -7.08 -11.37 33.61
CA ASP A 293 -8.23 -11.27 34.49
C ASP A 293 -9.49 -10.99 33.69
N GLU A 294 -9.40 -10.08 32.71
CA GLU A 294 -10.52 -9.56 31.94
C GLU A 294 -11.37 -10.68 31.30
N PHE A 295 -10.70 -11.63 30.68
CA PHE A 295 -11.44 -12.65 29.96
C PHE A 295 -12.27 -13.47 30.97
N PHE A 296 -11.72 -13.73 32.17
CA PHE A 296 -12.44 -14.51 33.15
C PHE A 296 -13.56 -13.67 33.77
N ARG A 297 -13.27 -12.40 34.00
CA ARG A 297 -14.17 -11.55 34.79
C ARG A 297 -15.48 -11.31 34.02
N GLU A 298 -15.40 -11.09 32.71
CA GLU A 298 -16.48 -10.49 31.93
C GLU A 298 -17.25 -11.51 31.10
N TYR A 299 -16.63 -12.66 30.80
CA TYR A 299 -17.19 -13.65 29.92
C TYR A 299 -17.39 -14.96 30.67
N PRO A 300 -18.61 -15.29 31.12
CA PRO A 300 -18.80 -16.49 31.92
C PRO A 300 -18.62 -17.79 31.12
N ASN A 301 -18.47 -17.71 29.79
CA ASN A 301 -18.20 -18.88 28.97
C ASN A 301 -16.69 -19.08 28.74
N PHE A 302 -15.85 -18.21 29.29
CA PHE A 302 -14.43 -18.30 28.97
C PHE A 302 -13.75 -19.31 29.90
N LEU A 303 -13.12 -20.34 29.34
CA LEU A 303 -12.55 -21.37 30.21
C LEU A 303 -11.06 -21.15 30.44
N GLY A 304 -10.44 -20.27 29.66
CA GLY A 304 -9.05 -19.98 29.88
C GLY A 304 -8.25 -20.09 28.58
N PHE A 305 -6.95 -20.39 28.74
CA PHE A 305 -5.93 -20.09 27.75
C PHE A 305 -5.21 -21.34 27.24
N ASN A 306 -5.00 -21.42 25.91
CA ASN A 306 -4.33 -22.56 25.29
C ASN A 306 -2.96 -22.15 24.75
N TYR A 307 -1.93 -22.74 25.36
CA TYR A 307 -0.54 -22.53 24.95
C TYR A 307 -0.16 -23.79 24.17
N CYS A 308 -0.25 -23.72 22.83
CA CYS A 308 -0.11 -24.92 22.02
C CYS A 308 1.30 -25.01 21.46
N ALA A 309 1.74 -26.24 21.20
CA ALA A 309 3.02 -26.51 20.55
C ALA A 309 4.19 -25.93 21.35
N GLN A 310 4.25 -26.15 22.66
CA GLN A 310 5.25 -25.51 23.50
C GLN A 310 6.58 -26.27 23.42
N PHE A 311 7.22 -26.19 22.24
CA PHE A 311 8.47 -26.89 22.00
C PHE A 311 9.43 -26.09 21.12
N TRP A 312 9.08 -24.86 20.75
CA TRP A 312 9.88 -24.09 19.80
C TRP A 312 9.74 -22.60 20.09
N GLY A 313 10.60 -21.81 19.45
CA GLY A 313 10.50 -20.35 19.43
C GLY A 313 10.80 -19.68 20.77
N TYR A 314 11.59 -20.33 21.62
CA TYR A 314 11.99 -19.76 22.90
C TYR A 314 13.33 -19.03 22.75
N ASP A 315 13.56 -18.07 23.64
CA ASP A 315 14.80 -17.30 23.67
C ASP A 315 14.97 -16.49 22.38
N ASP A 316 13.86 -16.27 21.64
CA ASP A 316 13.86 -15.34 20.53
C ASP A 316 14.05 -13.93 21.06
N GLN A 317 14.31 -13.01 20.14
CA GLN A 317 14.37 -11.61 20.47
C GLN A 317 13.00 -11.16 20.98
N PHE A 318 11.91 -11.78 20.48
CA PHE A 318 10.56 -11.33 20.78
C PHE A 318 9.72 -12.46 21.35
N SER A 319 10.37 -13.35 22.11
CA SER A 319 9.62 -14.37 22.82
C SER A 319 10.03 -14.32 24.28
N VAL A 320 10.12 -15.48 24.93
CA VAL A 320 10.58 -15.59 26.29
C VAL A 320 11.31 -16.90 26.39
N SER A 321 12.03 -17.12 27.50
CA SER A 321 12.65 -18.41 27.76
C SER A 321 11.54 -19.36 28.22
N TRP A 322 11.78 -20.65 28.02
CA TRP A 322 10.79 -21.64 28.40
C TRP A 322 10.63 -21.63 29.91
N LEU A 323 11.72 -21.41 30.63
CA LEU A 323 11.60 -21.23 32.07
C LEU A 323 10.61 -20.10 32.36
N GLN A 324 10.80 -18.93 31.76
CA GLN A 324 9.93 -17.81 32.09
C GLN A 324 8.47 -18.14 31.79
N ARG A 325 8.26 -19.05 30.83
CA ARG A 325 6.92 -19.47 30.44
C ARG A 325 6.29 -20.35 31.53
N VAL A 326 7.01 -21.36 31.99
CA VAL A 326 6.58 -22.22 33.10
C VAL A 326 6.22 -21.35 34.29
N ALA A 327 7.08 -20.40 34.60
CA ALA A 327 6.83 -19.44 35.66
C ALA A 327 5.50 -18.70 35.45
N HIS A 328 5.22 -18.30 34.19
CA HIS A 328 3.97 -17.65 33.86
C HIS A 328 2.79 -18.59 34.10
N TRP A 329 2.97 -19.88 33.78
CA TRP A 329 1.95 -20.90 34.04
C TRP A 329 1.74 -21.05 35.54
N ASN A 330 2.82 -20.89 36.32
CA ASN A 330 2.70 -21.08 37.76
C ASN A 330 1.67 -20.05 38.24
N GLN A 331 1.79 -18.78 37.83
CA GLN A 331 0.84 -17.77 38.28
C GLN A 331 -0.51 -17.95 37.59
N LEU A 332 -0.49 -18.17 36.28
CA LEU A 332 -1.70 -18.28 35.50
C LEU A 332 -2.60 -19.40 36.02
N LEU A 333 -2.00 -20.46 36.53
CA LEU A 333 -2.78 -21.60 36.95
C LEU A 333 -3.57 -21.29 38.20
N LYS A 334 -2.96 -20.59 39.15
CA LYS A 334 -3.70 -20.08 40.31
C LYS A 334 -4.88 -19.25 39.80
N LEU A 335 -4.64 -18.27 38.92
CA LEU A 335 -5.71 -17.43 38.40
C LEU A 335 -6.88 -18.27 37.85
N THR A 336 -6.51 -19.29 37.03
CA THR A 336 -7.42 -20.24 36.39
C THR A 336 -8.24 -20.95 37.46
N HIS A 337 -7.59 -21.33 38.56
CA HIS A 337 -8.23 -22.07 39.63
C HIS A 337 -9.25 -21.21 40.35
N LYS A 338 -8.92 -19.93 40.53
CA LYS A 338 -9.82 -19.01 41.20
C LYS A 338 -11.15 -18.94 40.45
N TYR A 339 -11.09 -19.01 39.12
CA TYR A 339 -12.23 -18.79 38.25
C TYR A 339 -12.83 -20.09 37.67
N GLY A 340 -12.32 -21.28 38.03
CA GLY A 340 -12.95 -22.55 37.57
C GLY A 340 -12.60 -22.93 36.12
N GLY A 341 -11.37 -22.55 35.71
CA GLY A 341 -10.92 -22.65 34.35
C GLY A 341 -9.98 -23.84 34.10
N TYR A 342 -9.60 -24.00 32.84
CA TYR A 342 -8.56 -24.92 32.43
C TYR A 342 -7.40 -24.11 31.88
N LEU A 343 -6.18 -24.52 32.20
CA LEU A 343 -5.04 -24.14 31.39
C LEU A 343 -4.60 -25.34 30.57
N VAL A 344 -4.53 -25.16 29.25
CA VAL A 344 -4.22 -26.27 28.36
C VAL A 344 -2.80 -26.10 27.80
N VAL A 345 -2.02 -27.18 27.85
CA VAL A 345 -0.75 -27.20 27.15
C VAL A 345 -0.68 -28.41 26.22
N SER A 346 0.02 -28.25 25.08
CA SER A 346 0.17 -29.33 24.13
C SER A 346 1.63 -29.43 23.74
N PHE A 347 2.16 -30.66 23.65
CA PHE A 347 3.56 -30.89 23.35
C PHE A 347 3.72 -31.88 22.21
N CYS A 348 4.59 -31.55 21.25
CA CYS A 348 5.20 -32.50 20.32
C CYS A 348 6.72 -32.36 20.38
N GLY A 349 7.45 -33.41 19.96
CA GLY A 349 8.84 -33.61 20.42
C GLY A 349 9.89 -33.65 19.31
N ASN A 350 11.11 -33.24 19.65
CA ASN A 350 12.32 -33.61 18.91
C ASN A 350 13.49 -33.83 19.88
N THR A 351 14.67 -34.15 19.34
CA THR A 351 15.84 -34.42 20.16
C THR A 351 16.29 -33.16 20.93
N TRP A 352 16.10 -31.98 20.30
CA TRP A 352 16.54 -30.70 20.83
C TRP A 352 15.66 -30.19 21.99
N SER A 353 14.51 -30.84 22.26
CA SER A 353 13.43 -30.31 23.10
C SER A 353 13.08 -31.26 24.25
N ALA A 354 13.97 -32.22 24.55
CA ALA A 354 13.79 -33.14 25.67
C ALA A 354 13.76 -32.37 26.99
N ASN A 355 14.57 -31.30 27.09
CA ASN A 355 14.69 -30.54 28.32
C ASN A 355 13.49 -29.62 28.58
N ILE A 356 12.48 -29.59 27.70
CA ILE A 356 11.30 -28.75 27.91
C ILE A 356 10.03 -29.58 27.81
N ASN A 357 10.13 -30.90 27.89
CA ASN A 357 8.97 -31.78 27.74
C ASN A 357 8.16 -31.85 29.04
N PRO A 358 7.03 -32.58 29.06
CA PRO A 358 6.23 -32.73 30.28
C PRO A 358 6.84 -33.50 31.46
N ILE A 359 8.00 -34.12 31.27
CA ILE A 359 8.80 -34.61 32.39
C ILE A 359 9.54 -33.40 32.96
N ALA A 360 10.33 -32.76 32.09
CA ALA A 360 11.18 -31.68 32.54
C ALA A 360 10.32 -30.59 33.14
N LEU A 361 9.09 -30.48 32.64
CA LEU A 361 8.18 -29.44 33.08
C LEU A 361 8.09 -29.46 34.59
N VAL A 362 7.95 -30.65 35.19
CA VAL A 362 7.70 -30.77 36.62
C VAL A 362 8.98 -31.17 37.34
N LYS A 363 9.96 -31.67 36.59
CA LYS A 363 11.21 -32.19 37.15
C LYS A 363 12.24 -31.07 37.28
N ARG A 364 12.16 -30.02 36.45
CA ARG A 364 13.09 -28.90 36.45
C ARG A 364 12.57 -27.76 37.31
N ASN A 365 11.23 -27.62 37.46
CA ASN A 365 10.63 -26.50 38.19
C ASN A 365 9.79 -27.01 39.36
N SER A 366 10.35 -27.02 40.58
CA SER A 366 9.68 -27.59 41.75
C SER A 366 8.49 -26.74 42.19
N ASP A 367 8.55 -25.43 41.91
CA ASP A 367 7.45 -24.57 42.34
C ASP A 367 6.25 -24.85 41.43
N PHE A 368 6.47 -24.86 40.12
CA PHE A 368 5.38 -25.22 39.24
C PHE A 368 4.81 -26.57 39.63
N ALA A 369 5.69 -27.55 39.85
CA ALA A 369 5.26 -28.86 40.34
C ALA A 369 4.22 -28.80 41.48
N GLN A 370 4.47 -28.01 42.53
CA GLN A 370 3.52 -27.87 43.63
C GLN A 370 2.20 -27.32 43.10
N THR A 371 2.27 -26.18 42.42
CA THR A 371 1.10 -25.48 41.96
C THR A 371 0.33 -26.35 40.98
N ALA A 372 1.04 -27.17 40.20
CA ALA A 372 0.38 -28.11 39.30
C ALA A 372 -0.38 -29.18 40.10
N LYS A 373 0.30 -29.82 41.05
CA LYS A 373 -0.21 -30.93 41.84
C LYS A 373 -1.49 -30.51 42.54
N LEU A 374 -1.45 -29.28 43.06
CA LEU A 374 -2.42 -28.78 44.00
C LEU A 374 -3.69 -28.36 43.26
N TYR A 375 -3.54 -27.93 42.01
CA TYR A 375 -4.65 -27.54 41.17
C TYR A 375 -4.70 -28.38 39.89
N SER A 376 -4.54 -29.70 40.00
CA SER A 376 -4.49 -30.52 38.79
C SER A 376 -5.83 -30.48 38.07
N GLU A 377 -6.92 -30.36 38.82
CA GLU A 377 -8.26 -30.24 38.24
C GLU A 377 -8.30 -29.24 37.08
N ASN A 378 -7.41 -28.22 37.13
CA ASN A 378 -7.46 -27.08 36.24
C ASN A 378 -6.42 -27.17 35.12
N PHE A 379 -5.72 -28.29 35.04
CA PHE A 379 -4.57 -28.36 34.15
C PHE A 379 -4.69 -29.57 33.24
N ILE A 380 -4.53 -29.33 31.93
CA ILE A 380 -4.84 -30.28 30.88
C ILE A 380 -3.61 -30.40 29.99
N MET A 381 -3.13 -31.63 29.79
CA MET A 381 -1.91 -31.89 29.04
C MET A 381 -2.27 -32.73 27.82
N CYS A 382 -1.78 -32.31 26.64
CA CYS A 382 -2.20 -32.88 25.36
C CYS A 382 -1.00 -33.26 24.50
N GLU A 383 -1.08 -34.44 23.88
CA GLU A 383 -0.14 -34.83 22.84
C GLU A 383 -0.54 -34.13 21.56
N LYS A 384 0.46 -33.57 20.87
CA LYS A 384 0.30 -32.96 19.56
C LYS A 384 1.02 -33.86 18.56
N TYR A 385 0.42 -34.06 17.37
CA TYR A 385 1.00 -34.91 16.34
C TYR A 385 1.63 -34.07 15.23
N THR A 386 2.40 -33.02 15.57
CA THR A 386 2.88 -32.06 14.58
C THR A 386 4.30 -32.39 14.09
N THR A 387 5.20 -32.81 14.98
CA THR A 387 6.57 -33.16 14.62
C THR A 387 6.64 -34.48 13.87
N GLN A 388 7.86 -34.83 13.41
CA GLN A 388 8.09 -35.93 12.49
C GLN A 388 8.50 -37.24 13.17
N SER A 389 8.74 -37.21 14.49
CA SER A 389 9.19 -38.40 15.18
C SER A 389 8.94 -38.30 16.68
N GLY A 390 9.04 -39.47 17.32
CA GLY A 390 9.05 -39.61 18.76
C GLY A 390 7.66 -39.80 19.37
N PHE A 391 6.68 -40.20 18.54
CA PHE A 391 5.25 -40.20 18.90
C PHE A 391 4.93 -41.09 20.11
N PHE A 392 5.59 -42.26 20.22
CA PHE A 392 5.30 -43.22 21.27
C PHE A 392 5.90 -42.80 22.61
N ASN A 393 7.08 -42.14 22.56
CA ASN A 393 7.75 -41.49 23.68
C ASN A 393 6.89 -40.36 24.26
N VAL A 394 6.44 -39.47 23.37
CA VAL A 394 5.65 -38.30 23.73
C VAL A 394 4.24 -38.73 24.16
N GLU A 395 3.69 -39.82 23.59
CA GLU A 395 2.38 -40.31 24.04
C GLU A 395 2.51 -40.82 25.47
N GLY A 396 3.52 -41.65 25.73
CA GLY A 396 3.76 -42.15 27.07
C GLY A 396 3.86 -41.01 28.07
N ILE A 397 4.60 -39.96 27.72
CA ILE A 397 4.93 -38.93 28.68
C ILE A 397 3.70 -38.07 28.97
N CYS A 398 2.97 -37.69 27.91
CA CYS A 398 1.76 -36.88 28.07
C CYS A 398 0.71 -37.64 28.88
N LEU A 399 0.61 -38.95 28.64
CA LEU A 399 -0.27 -39.79 29.44
C LEU A 399 0.24 -39.88 30.89
N GLY A 400 1.55 -39.98 31.06
CA GLY A 400 2.14 -40.12 32.38
C GLY A 400 1.89 -38.90 33.26
N THR A 401 1.94 -37.69 32.66
CA THR A 401 1.56 -36.45 33.32
C THR A 401 0.21 -36.61 34.03
N TRP A 402 -0.81 -37.09 33.28
CA TRP A 402 -2.15 -37.20 33.81
C TRP A 402 -2.26 -38.29 34.90
N LEU A 403 -1.81 -39.51 34.61
CA LEU A 403 -1.96 -40.62 35.55
C LEU A 403 -1.20 -40.31 36.84
N SER A 404 -0.07 -39.58 36.75
CA SER A 404 0.81 -39.38 37.90
C SER A 404 0.21 -38.37 38.85
N GLY A 405 -0.71 -37.52 38.34
CA GLY A 405 -1.50 -36.64 39.18
C GLY A 405 -1.25 -35.16 38.95
N PHE A 406 -0.39 -34.83 37.97
CA PHE A 406 0.07 -33.47 37.69
C PHE A 406 -0.86 -32.77 36.70
N ALA A 407 -1.65 -33.53 35.93
CA ALA A 407 -2.71 -32.95 35.13
C ALA A 407 -4.03 -33.66 35.39
N GLY A 408 -5.14 -32.93 35.20
CA GLY A 408 -6.46 -33.42 35.54
C GLY A 408 -7.12 -34.18 34.39
N GLN A 409 -6.70 -33.87 33.14
CA GLN A 409 -7.27 -34.48 31.95
C GLN A 409 -6.17 -34.65 30.92
N TYR A 410 -6.39 -35.56 29.99
CA TYR A 410 -5.42 -35.92 28.97
C TYR A 410 -6.11 -35.72 27.62
N GLY A 411 -5.40 -35.16 26.65
CA GLY A 411 -6.01 -34.97 25.34
C GLY A 411 -5.03 -35.18 24.18
N ILE A 412 -5.66 -35.33 23.00
CA ILE A 412 -4.96 -35.44 21.74
C ILE A 412 -5.30 -34.25 20.87
N ARG A 413 -4.27 -33.72 20.19
CA ARG A 413 -4.40 -32.64 19.20
C ARG A 413 -3.77 -33.15 17.92
N PHE A 414 -4.54 -33.82 17.04
CA PHE A 414 -3.90 -34.47 15.91
C PHE A 414 -3.61 -33.44 14.82
N ASP A 415 -2.61 -33.72 13.98
CA ASP A 415 -2.15 -32.83 12.91
C ASP A 415 -1.78 -33.68 11.69
N GLN A 416 -2.21 -33.26 10.49
CA GLN A 416 -1.70 -33.86 9.25
C GLN A 416 -0.16 -33.80 9.18
N CYS A 417 0.41 -32.67 9.65
CA CYS A 417 1.83 -32.34 9.47
C CYS A 417 2.76 -33.42 10.06
N GLY A 418 2.20 -34.35 10.84
CA GLY A 418 2.97 -35.44 11.45
C GLY A 418 3.15 -36.65 10.53
N TRP A 419 2.63 -36.58 9.31
CA TRP A 419 2.95 -37.57 8.29
C TRP A 419 4.41 -37.38 7.86
N THR A 420 5.13 -38.48 7.60
CA THR A 420 6.56 -38.42 7.28
C THR A 420 6.76 -37.85 5.86
N GLU A 421 7.77 -36.97 5.70
CA GLU A 421 7.90 -36.05 4.57
C GLU A 421 8.56 -36.73 3.36
N GLU A 422 7.99 -36.52 2.17
CA GLU A 422 8.40 -37.15 0.92
C GLU A 422 7.79 -38.54 0.78
N LYS A 423 8.20 -39.46 1.68
CA LYS A 423 7.97 -40.89 1.55
C LYS A 423 6.65 -41.31 2.25
N GLY A 424 6.41 -40.76 3.43
CA GLY A 424 5.18 -41.04 4.16
C GLY A 424 5.20 -42.48 4.68
N GLN A 425 4.09 -43.20 4.48
CA GLN A 425 3.90 -44.50 5.11
C GLN A 425 3.09 -45.39 4.17
N ASN A 426 3.61 -46.62 4.00
CA ASN A 426 2.98 -47.74 3.30
C ASN A 426 3.17 -47.61 1.78
N GLY A 427 3.57 -46.42 1.34
CA GLY A 427 3.75 -46.11 -0.07
C GLY A 427 2.83 -44.97 -0.47
N ASP A 428 2.41 -44.14 0.52
CA ASP A 428 1.46 -43.03 0.31
C ASP A 428 2.09 -41.68 0.65
N LYS A 429 2.54 -40.92 -0.36
CA LYS A 429 3.32 -39.71 -0.11
C LYS A 429 2.49 -38.72 0.71
N ASP A 430 1.29 -38.37 0.23
CA ASP A 430 0.44 -37.39 0.87
C ASP A 430 -0.31 -38.01 2.05
N PHE A 431 -0.48 -37.23 3.13
CA PHE A 431 -1.29 -37.68 4.25
C PHE A 431 -2.71 -37.96 3.76
N PRO A 432 -3.24 -39.18 4.01
CA PRO A 432 -4.65 -39.48 3.78
C PRO A 432 -5.48 -39.36 5.07
N PRO A 433 -6.57 -38.54 5.07
CA PRO A 433 -7.37 -38.29 6.28
C PRO A 433 -7.76 -39.52 7.11
N ALA A 434 -8.09 -40.63 6.45
CA ALA A 434 -8.53 -41.86 7.11
C ALA A 434 -7.59 -42.27 8.25
N ALA A 435 -6.29 -42.03 7.99
CA ALA A 435 -5.19 -42.31 8.92
C ALA A 435 -5.45 -41.70 10.28
N GLY A 436 -6.07 -40.51 10.31
CA GLY A 436 -6.15 -39.67 11.50
C GLY A 436 -7.08 -40.29 12.53
N ALA A 437 -8.01 -41.15 12.08
CA ALA A 437 -9.04 -41.66 12.95
C ALA A 437 -8.41 -42.68 13.89
N LEU A 438 -7.27 -43.25 13.47
CA LEU A 438 -6.71 -44.37 14.19
C LEU A 438 -6.12 -43.96 15.54
N PRO A 439 -5.10 -43.07 15.60
CA PRO A 439 -4.56 -42.65 16.90
C PRO A 439 -5.63 -42.16 17.86
N ILE A 440 -6.60 -41.40 17.32
CA ILE A 440 -7.59 -40.73 18.16
C ILE A 440 -8.43 -41.79 18.89
N ILE A 441 -9.08 -42.68 18.13
CA ILE A 441 -9.92 -43.71 18.72
C ILE A 441 -9.07 -44.59 19.66
N GLU A 442 -7.86 -44.96 19.23
CA GLU A 442 -6.94 -45.74 20.03
C GLU A 442 -6.73 -45.07 21.39
N HIS A 443 -6.49 -43.76 21.40
CA HIS A 443 -6.03 -43.14 22.64
C HIS A 443 -7.23 -42.69 23.47
N VAL A 444 -8.36 -42.42 22.81
CA VAL A 444 -9.57 -42.11 23.54
C VAL A 444 -10.01 -43.38 24.28
N MET A 445 -10.08 -44.53 23.59
CA MET A 445 -10.85 -45.65 24.14
C MET A 445 -9.98 -46.44 25.09
N LEU A 446 -8.65 -46.38 24.84
CA LEU A 446 -7.72 -47.21 25.59
C LEU A 446 -6.82 -46.36 26.47
N THR A 447 -6.82 -45.03 26.39
CA THR A 447 -5.98 -44.29 27.29
C THR A 447 -6.67 -43.05 27.86
N GLY A 448 -7.97 -42.92 27.74
CA GLY A 448 -8.68 -42.13 28.72
C GLY A 448 -8.72 -40.64 28.38
N GLN A 449 -8.47 -40.34 27.12
CA GLN A 449 -8.52 -38.96 26.68
C GLN A 449 -9.93 -38.39 26.76
N THR A 450 -10.11 -37.26 27.46
CA THR A 450 -11.39 -36.59 27.47
C THR A 450 -11.45 -35.39 26.51
N VAL A 451 -10.30 -35.05 25.92
CA VAL A 451 -10.22 -33.89 25.07
C VAL A 451 -9.68 -34.28 23.70
N ILE A 452 -10.48 -34.02 22.66
CA ILE A 452 -10.03 -34.07 21.28
C ILE A 452 -9.83 -32.64 20.81
N ASP A 453 -8.64 -32.33 20.26
CA ASP A 453 -8.33 -30.97 19.79
C ASP A 453 -8.00 -30.98 18.29
N GLY A 454 -8.80 -30.19 17.53
CA GLY A 454 -8.54 -29.91 16.13
C GLY A 454 -9.56 -30.52 15.18
N PRO A 455 -9.13 -31.40 14.23
CA PRO A 455 -7.73 -31.69 13.95
C PRO A 455 -7.04 -30.65 13.06
N GLU A 456 -5.71 -30.68 13.03
CA GLU A 456 -4.94 -29.70 12.25
C GLU A 456 -4.53 -30.29 10.89
N LEU A 457 -4.17 -29.44 9.93
CA LEU A 457 -4.39 -28.00 10.01
C LEU A 457 -5.90 -27.70 9.91
N ILE A 458 -6.35 -26.72 10.70
CA ILE A 458 -7.73 -26.29 10.72
C ILE A 458 -8.25 -26.04 9.29
N TRP A 459 -7.45 -25.32 8.48
CA TRP A 459 -7.87 -24.76 7.21
C TRP A 459 -7.69 -25.75 6.05
N GLN A 460 -7.26 -26.99 6.35
CA GLN A 460 -7.21 -28.06 5.37
C GLN A 460 -8.13 -29.21 5.77
N GLN A 461 -8.41 -29.32 7.07
CA GLN A 461 -9.12 -30.47 7.61
C GLN A 461 -10.51 -30.15 8.20
N CYS A 462 -10.78 -28.89 8.60
CA CYS A 462 -12.03 -28.52 9.27
C CYS A 462 -12.85 -27.52 8.43
N PHE A 463 -12.34 -26.29 8.21
CA PHE A 463 -13.11 -25.27 7.51
C PHE A 463 -12.33 -24.52 6.43
N LYS A 464 -13.02 -24.10 5.38
CA LYS A 464 -12.49 -23.12 4.45
C LYS A 464 -13.54 -22.06 4.12
N GLU A 465 -13.05 -20.84 3.82
CA GLU A 465 -13.86 -19.78 3.23
C GLU A 465 -13.97 -20.03 1.73
N THR A 466 -15.18 -19.79 1.19
CA THR A 466 -15.48 -19.91 -0.23
C THR A 466 -15.58 -18.49 -0.77
N ASN A 467 -16.03 -18.37 -2.01
CA ASN A 467 -16.42 -17.07 -2.53
C ASN A 467 -17.74 -16.69 -1.86
N ALA A 468 -18.02 -15.39 -1.93
CA ALA A 468 -19.22 -14.86 -1.35
C ALA A 468 -20.47 -15.37 -2.11
N VAL A 469 -21.60 -15.38 -1.40
CA VAL A 469 -22.86 -15.91 -1.89
C VAL A 469 -23.98 -14.91 -1.61
N SER A 470 -25.05 -15.04 -2.39
CA SER A 470 -26.17 -14.13 -2.39
C SER A 470 -27.14 -14.57 -1.31
N VAL A 471 -27.64 -13.60 -0.53
CA VAL A 471 -28.43 -13.97 0.62
C VAL A 471 -29.66 -13.08 0.66
N GLY A 472 -30.20 -12.76 -0.51
CA GLY A 472 -31.50 -12.10 -0.58
C GLY A 472 -31.35 -10.58 -0.55
N ASP A 473 -32.37 -9.91 -1.09
CA ASP A 473 -32.52 -8.46 -1.15
C ASP A 473 -31.32 -7.83 -1.84
N GLY A 474 -30.68 -8.61 -2.72
CA GLY A 474 -29.52 -8.16 -3.47
C GLY A 474 -28.24 -7.99 -2.65
N TYR A 475 -28.19 -8.63 -1.47
CA TYR A 475 -27.04 -8.53 -0.60
C TYR A 475 -26.23 -9.81 -0.81
N GLN A 476 -24.94 -9.76 -0.47
CA GLN A 476 -24.06 -10.90 -0.55
C GLN A 476 -23.29 -11.03 0.77
N SER A 477 -22.86 -12.24 1.10
CA SER A 477 -22.19 -12.43 2.35
C SER A 477 -20.97 -13.30 2.14
N ARG A 478 -20.03 -13.24 3.06
CA ARG A 478 -18.95 -14.22 3.11
C ARG A 478 -19.54 -15.57 3.51
N ASN A 479 -18.79 -16.65 3.28
CA ASN A 479 -19.32 -17.99 3.46
C ASN A 479 -18.24 -18.98 3.89
N TRP A 480 -18.59 -19.97 4.75
CA TRP A 480 -17.65 -20.98 5.21
C TRP A 480 -18.23 -22.38 5.05
N GLU A 481 -17.39 -23.38 4.79
CA GLU A 481 -17.85 -24.76 4.67
C GLU A 481 -16.93 -25.72 5.39
N CYS A 482 -17.52 -26.77 5.96
CA CYS A 482 -16.81 -27.92 6.47
C CYS A 482 -16.14 -28.61 5.28
N PHE A 483 -14.92 -29.13 5.49
CA PHE A 483 -14.33 -30.09 4.56
C PHE A 483 -15.06 -31.42 4.75
N PRO A 484 -15.19 -32.27 3.71
CA PRO A 484 -15.93 -33.52 3.85
C PRO A 484 -15.37 -34.44 4.94
N GLN A 485 -14.03 -34.50 5.12
CA GLN A 485 -13.42 -35.35 6.11
C GLN A 485 -13.74 -34.88 7.54
N PHE A 486 -14.08 -33.59 7.71
CA PHE A 486 -14.50 -33.11 9.02
C PHE A 486 -15.79 -33.81 9.44
N VAL A 487 -16.74 -33.91 8.51
CA VAL A 487 -18.06 -34.42 8.80
C VAL A 487 -17.99 -35.94 8.90
N ASN A 488 -17.13 -36.55 8.08
CA ASN A 488 -17.15 -37.97 7.82
C ASN A 488 -16.13 -38.71 8.67
N ILE A 489 -15.18 -37.99 9.27
CA ILE A 489 -14.34 -38.61 10.27
C ILE A 489 -14.70 -38.07 11.64
N ASN A 490 -14.67 -36.74 11.77
CA ASN A 490 -14.53 -36.08 13.07
C ASN A 490 -15.89 -35.99 13.73
N ILE A 491 -16.83 -35.32 13.06
CA ILE A 491 -18.15 -35.15 13.64
C ILE A 491 -18.70 -36.51 14.05
N ASP A 492 -18.51 -37.52 13.18
CA ASP A 492 -19.17 -38.80 13.37
C ASP A 492 -18.50 -39.62 14.45
N MET A 493 -17.18 -39.48 14.61
CA MET A 493 -16.47 -40.13 15.70
C MET A 493 -16.96 -39.63 17.05
N PHE A 494 -17.37 -38.35 17.12
CA PHE A 494 -17.81 -37.79 18.40
C PHE A 494 -19.23 -38.28 18.72
N ARG A 495 -20.05 -38.44 17.69
CA ARG A 495 -21.37 -39.01 17.85
C ARG A 495 -21.26 -40.41 18.43
N LYS A 496 -20.12 -41.07 18.23
CA LYS A 496 -19.93 -42.45 18.63
C LYS A 496 -19.39 -42.52 20.06
N ILE A 497 -18.85 -41.39 20.53
CA ILE A 497 -18.55 -41.23 21.95
C ILE A 497 -19.85 -40.90 22.67
N ILE A 498 -20.60 -39.90 22.15
CA ILE A 498 -21.85 -39.44 22.75
C ILE A 498 -22.82 -40.61 22.94
N ASP A 499 -22.94 -41.48 21.91
CA ASP A 499 -23.89 -42.58 21.89
C ASP A 499 -23.38 -43.80 22.64
N LYS A 500 -22.27 -43.65 23.38
CA LYS A 500 -21.77 -44.64 24.32
C LYS A 500 -21.30 -45.92 23.64
N THR A 501 -21.02 -45.88 22.34
CA THR A 501 -20.24 -46.95 21.74
C THR A 501 -18.82 -46.90 22.31
N ILE A 502 -18.15 -45.74 22.20
CA ILE A 502 -16.75 -45.59 22.61
C ILE A 502 -16.68 -45.04 24.04
N ARG A 503 -16.50 -45.94 25.00
CA ARG A 503 -16.51 -45.62 26.42
C ARG A 503 -15.12 -45.17 26.82
N ILE A 504 -15.01 -43.97 27.40
CA ILE A 504 -13.72 -43.43 27.76
C ILE A 504 -13.41 -43.96 29.16
N PRO A 505 -12.23 -44.56 29.44
CA PRO A 505 -11.98 -45.01 30.79
C PRO A 505 -11.53 -43.87 31.67
N SER A 506 -11.87 -43.95 32.94
CA SER A 506 -11.34 -43.02 33.93
C SER A 506 -9.87 -43.27 34.19
N ARG A 507 -9.28 -42.35 34.94
CA ARG A 507 -7.87 -42.40 35.25
C ARG A 507 -7.57 -43.70 35.98
N LYS A 508 -8.39 -44.04 36.98
CA LYS A 508 -8.19 -45.23 37.79
C LYS A 508 -8.42 -46.51 36.97
N GLU A 509 -9.34 -46.44 36.00
CA GLU A 509 -9.59 -47.55 35.10
C GLU A 509 -8.38 -47.84 34.20
N VAL A 510 -7.65 -46.80 33.81
CA VAL A 510 -6.51 -46.92 32.90
C VAL A 510 -5.32 -47.51 33.68
N ILE A 511 -5.17 -47.14 34.96
CA ILE A 511 -4.02 -47.54 35.74
C ILE A 511 -4.14 -49.03 35.99
N ASP A 512 -5.38 -49.50 36.15
CA ASP A 512 -5.64 -50.90 36.43
C ASP A 512 -5.33 -51.74 35.17
N ARG A 513 -5.71 -51.19 34.00
CA ARG A 513 -5.35 -51.78 32.71
C ARG A 513 -3.83 -51.68 32.44
N THR A 514 -3.28 -50.47 32.46
CA THR A 514 -1.87 -50.23 32.18
C THR A 514 -0.97 -51.13 33.02
N LYS A 515 -1.21 -51.26 34.33
CA LYS A 515 -0.37 -52.04 35.24
C LYS A 515 1.03 -51.44 35.54
N VAL A 516 1.71 -50.90 34.52
CA VAL A 516 3.11 -50.53 34.68
C VAL A 516 3.35 -49.03 34.42
N VAL A 517 4.37 -48.48 35.08
CA VAL A 517 4.78 -47.10 34.85
C VAL A 517 6.31 -47.01 34.96
N ILE A 518 6.92 -46.11 34.17
CA ILE A 518 8.34 -45.76 34.31
C ILE A 518 8.46 -44.46 35.10
N LEU A 519 9.39 -44.41 36.06
CA LEU A 519 9.64 -43.16 36.75
C LEU A 519 11.02 -42.60 36.39
N GLN A 520 11.00 -41.34 35.93
CA GLN A 520 12.19 -40.79 35.29
C GLN A 520 13.13 -40.18 36.34
N ASP A 521 13.87 -41.07 37.03
CA ASP A 521 14.63 -40.72 38.22
C ASP A 521 16.09 -40.49 37.86
N VAL A 522 16.37 -40.11 36.60
CA VAL A 522 17.76 -40.00 36.16
C VAL A 522 18.18 -38.53 36.19
N TYR A 523 19.37 -38.26 36.75
CA TYR A 523 19.91 -36.91 36.89
C TYR A 523 21.27 -36.74 36.21
N SER A 524 21.86 -37.84 35.70
CA SER A 524 23.14 -37.82 35.01
C SER A 524 22.96 -38.08 33.50
N GLY A 525 23.81 -37.48 32.65
CA GLY A 525 23.81 -37.73 31.22
C GLY A 525 23.17 -36.57 30.46
N ASP A 526 22.88 -36.80 29.17
CA ASP A 526 22.37 -35.74 28.31
C ASP A 526 20.88 -35.52 28.56
N ASP A 527 20.29 -34.56 27.84
CA ASP A 527 18.91 -34.16 28.05
C ASP A 527 17.97 -35.34 27.79
N ASN A 528 18.36 -36.25 26.90
CA ASN A 528 17.51 -37.38 26.56
C ASN A 528 17.52 -38.39 27.69
N ALA A 529 18.61 -38.46 28.44
CA ALA A 529 18.74 -39.47 29.47
C ALA A 529 17.89 -39.09 30.68
N LYS A 530 17.63 -37.77 30.86
CA LYS A 530 16.95 -37.28 32.05
C LYS A 530 15.49 -36.90 31.82
N TYR A 531 15.03 -36.74 30.56
CA TYR A 531 13.66 -36.27 30.34
C TYR A 531 12.88 -37.13 29.36
N SER A 532 13.55 -37.89 28.48
CA SER A 532 12.87 -38.75 27.50
C SER A 532 12.78 -40.17 28.04
N SER A 533 11.98 -41.01 27.35
CA SER A 533 11.72 -42.36 27.81
C SER A 533 12.91 -43.21 27.38
N PRO A 534 13.13 -44.41 27.98
CA PRO A 534 14.19 -45.30 27.52
C PRO A 534 14.11 -45.50 26.01
N LYS A 535 15.27 -45.47 25.35
CA LYS A 535 15.34 -45.31 23.91
C LYS A 535 14.67 -46.49 23.21
N ASN A 536 14.93 -47.70 23.68
CA ASN A 536 14.35 -48.90 23.10
C ASN A 536 13.09 -49.34 23.85
N LEU A 537 12.35 -48.39 24.45
CA LEU A 537 11.25 -48.72 25.34
C LEU A 537 10.25 -49.59 24.59
N HIS A 538 9.94 -49.17 23.37
CA HIS A 538 8.81 -49.69 22.63
C HIS A 538 9.22 -50.86 21.73
N GLU A 539 10.52 -51.18 21.65
CA GLU A 539 11.04 -52.17 20.72
C GLU A 539 10.65 -53.61 21.08
N GLY A 540 10.08 -54.31 20.08
CA GLY A 540 9.63 -55.67 20.22
C GLY A 540 8.37 -55.75 21.08
N LEU A 541 7.74 -54.59 21.28
CA LEU A 541 6.42 -54.49 21.90
C LEU A 541 5.40 -54.03 20.85
N TYR A 542 5.11 -52.71 20.78
CA TYR A 542 4.12 -52.20 19.85
C TYR A 542 4.76 -51.41 18.70
N LEU A 543 6.10 -51.40 18.62
CA LEU A 543 6.84 -50.68 17.59
C LEU A 543 7.06 -51.56 16.38
N ARG A 544 6.76 -51.01 15.18
CA ARG A 544 6.79 -51.77 13.94
C ARG A 544 8.21 -52.18 13.56
N ASP A 545 8.28 -53.22 12.70
CA ASP A 545 9.55 -53.70 12.18
C ASP A 545 10.20 -52.63 11.31
N ASP A 546 9.41 -51.96 10.49
CA ASP A 546 9.91 -51.00 9.52
C ASP A 546 10.37 -49.71 10.23
N ASP A 547 9.84 -49.45 11.43
CA ASP A 547 10.03 -48.19 12.13
C ASP A 547 11.26 -48.35 13.05
N GLY A 548 11.65 -47.25 13.75
CA GLY A 548 12.80 -47.25 14.63
C GLY A 548 12.51 -46.63 15.99
N ASN A 549 13.50 -46.70 16.90
CA ASN A 549 13.36 -46.31 18.29
C ASN A 549 13.48 -44.78 18.43
N LEU A 550 12.61 -44.22 19.28
CA LEU A 550 12.69 -42.85 19.81
C LEU A 550 12.61 -41.81 18.69
N TRP A 551 13.72 -41.17 18.28
CA TRP A 551 13.63 -40.12 17.27
C TRP A 551 13.71 -40.68 15.85
N ASP A 552 13.85 -42.02 15.72
CA ASP A 552 13.67 -42.71 14.44
C ASP A 552 12.26 -43.36 14.39
N ASN A 553 11.43 -43.11 15.41
CA ASN A 553 10.04 -43.57 15.44
C ASN A 553 9.20 -42.55 14.67
N HIS A 554 8.82 -42.93 13.43
CA HIS A 554 8.17 -42.04 12.45
C HIS A 554 6.71 -42.45 12.17
N CYS A 555 6.20 -43.51 12.81
CA CYS A 555 4.86 -44.00 12.53
C CYS A 555 4.10 -44.18 13.84
N TYR A 556 2.82 -43.79 13.90
CA TYR A 556 2.07 -43.73 15.16
C TYR A 556 1.06 -44.87 15.28
N PHE A 557 1.09 -45.79 14.29
CA PHE A 557 0.27 -46.98 14.30
C PHE A 557 1.01 -48.08 15.05
N LYS A 558 0.30 -48.75 15.95
CA LYS A 558 0.93 -49.78 16.76
C LYS A 558 0.86 -51.10 15.98
N LYS A 559 1.89 -51.94 16.16
CA LYS A 559 1.98 -53.27 15.56
C LYS A 559 0.98 -54.24 16.19
N THR A 560 0.68 -54.01 17.46
CA THR A 560 -0.23 -54.84 18.24
C THR A 560 -0.79 -53.98 19.36
N GLY A 561 -1.91 -54.41 19.96
CA GLY A 561 -2.48 -53.73 21.12
C GLY A 561 -2.49 -54.64 22.35
N ARG A 562 -1.63 -55.66 22.35
CA ARG A 562 -1.58 -56.61 23.43
C ARG A 562 -1.02 -55.93 24.67
N TYR A 563 0.04 -55.14 24.49
CA TYR A 563 0.61 -54.38 25.59
C TYR A 563 0.00 -52.98 25.55
N PRO A 564 -0.38 -52.37 26.70
CA PRO A 564 -1.00 -51.05 26.65
C PRO A 564 0.01 -49.93 26.48
N THR A 565 -0.44 -48.74 26.08
CA THR A 565 0.44 -47.58 26.02
C THR A 565 1.18 -47.47 27.34
N ILE A 566 2.53 -47.34 27.30
CA ILE A 566 3.38 -47.30 28.50
C ILE A 566 3.67 -45.86 28.93
N PRO A 567 3.25 -45.51 30.17
CA PRO A 567 3.39 -44.15 30.69
C PRO A 567 4.72 -43.90 31.40
N VAL A 568 5.19 -42.66 31.29
CA VAL A 568 6.47 -42.26 31.84
C VAL A 568 6.20 -40.97 32.61
N ALA A 569 6.50 -41.01 33.91
CA ALA A 569 6.20 -39.91 34.80
C ALA A 569 7.45 -39.52 35.53
N PHE A 570 7.39 -38.33 36.14
CA PHE A 570 8.44 -37.83 37.00
C PHE A 570 8.34 -38.53 38.34
N GLU A 571 7.14 -38.45 38.95
CA GLU A 571 6.84 -38.90 40.31
C GLU A 571 5.36 -39.25 40.39
N LEU A 572 4.95 -40.02 41.41
CA LEU A 572 3.55 -40.31 41.64
C LEU A 572 3.04 -39.48 42.84
N CYS A 573 2.09 -38.58 42.57
CA CYS A 573 1.72 -37.52 43.50
C CYS A 573 0.70 -37.94 44.54
N ASP A 574 0.02 -39.08 44.39
CA ASP A 574 -1.14 -39.33 45.23
C ASP A 574 -1.35 -40.83 45.41
N ASP A 575 -2.27 -41.18 46.30
CA ASP A 575 -2.71 -42.54 46.58
C ASP A 575 -2.89 -43.35 45.29
N VAL A 576 -3.76 -42.82 44.43
CA VAL A 576 -4.25 -43.48 43.22
C VAL A 576 -3.09 -43.74 42.26
N ALA A 577 -2.24 -42.74 42.06
CA ALA A 577 -1.08 -42.91 41.20
C ALA A 577 -0.16 -43.99 41.78
N ASN A 578 -0.23 -44.20 43.09
CA ASN A 578 0.65 -45.15 43.75
C ASN A 578 -0.02 -46.53 43.76
N SER A 579 -1.17 -46.66 43.10
CA SER A 579 -1.82 -47.95 42.99
C SER A 579 -1.35 -48.69 41.74
N PHE A 580 -0.42 -48.07 40.98
CA PHE A 580 0.26 -48.78 39.90
C PHE A 580 0.83 -50.10 40.45
N GLN A 581 0.60 -51.20 39.71
CA GLN A 581 1.07 -52.52 40.14
C GLN A 581 2.60 -52.59 40.03
N TYR A 582 3.16 -52.12 38.90
CA TYR A 582 4.59 -52.29 38.63
C TYR A 582 5.26 -50.92 38.38
N LYS A 583 6.04 -50.45 39.35
CA LYS A 583 6.77 -49.21 39.25
C LYS A 583 8.23 -49.54 38.93
N ILE A 584 8.72 -49.07 37.78
CA ILE A 584 10.07 -49.29 37.33
C ILE A 584 10.79 -47.95 37.25
N ASN A 585 11.94 -47.88 37.92
CA ASN A 585 12.80 -46.72 37.83
C ASN A 585 13.69 -46.83 36.60
N GLN A 586 13.81 -45.71 35.88
CA GLN A 586 14.60 -45.63 34.65
C GLN A 586 16.08 -45.93 34.92
N SER A 587 16.61 -45.52 36.08
CA SER A 587 17.98 -45.81 36.46
C SER A 587 18.25 -47.31 36.44
N THR A 588 17.23 -48.14 36.70
CA THR A 588 17.44 -49.59 36.68
C THR A 588 17.29 -50.12 35.26
N PHE A 589 16.81 -49.26 34.33
CA PHE A 589 16.32 -49.72 33.02
C PHE A 589 17.47 -50.21 32.15
N GLU A 590 18.57 -49.44 32.14
CA GLU A 590 19.75 -49.81 31.39
C GLU A 590 20.29 -51.17 31.84
N GLY A 591 20.07 -51.59 33.09
CA GLY A 591 20.58 -52.86 33.58
C GLY A 591 19.77 -54.06 33.06
N SER A 592 18.44 -53.97 33.20
CA SER A 592 17.53 -55.11 33.16
C SER A 592 16.67 -55.10 31.88
N TRP A 593 15.97 -53.99 31.66
CA TRP A 593 14.85 -53.95 30.71
C TRP A 593 15.30 -53.59 29.29
N SER A 594 16.57 -53.24 29.14
CA SER A 594 17.12 -52.84 27.85
C SER A 594 17.45 -54.07 27.01
N ASP A 595 17.47 -55.24 27.65
CA ASP A 595 17.53 -56.47 26.89
C ASP A 595 16.13 -56.73 26.35
N VAL A 596 15.90 -56.53 25.05
CA VAL A 596 14.57 -56.47 24.47
C VAL A 596 13.79 -57.76 24.78
N ASN A 597 14.49 -58.92 24.71
CA ASN A 597 13.91 -60.23 24.94
C ASN A 597 13.44 -60.43 26.41
N THR A 598 14.23 -59.98 27.40
CA THR A 598 13.88 -60.14 28.82
C THR A 598 12.64 -59.30 29.13
N LYS A 599 12.65 -58.04 28.66
CA LYS A 599 11.49 -57.16 28.77
C LYS A 599 10.25 -57.85 28.20
N VAL A 600 10.35 -58.37 26.97
CA VAL A 600 9.20 -58.98 26.31
C VAL A 600 8.70 -60.18 27.12
N GLY A 601 9.64 -60.86 27.78
CA GLY A 601 9.34 -62.05 28.57
C GLY A 601 8.53 -61.73 29.83
N LYS A 602 8.92 -60.66 30.55
CA LYS A 602 8.24 -60.26 31.78
C LYS A 602 6.90 -59.62 31.39
N PHE A 603 6.88 -58.83 30.30
CA PHE A 603 5.66 -58.16 29.84
C PHE A 603 4.60 -59.17 29.41
N ASN A 604 5.04 -60.33 28.88
CA ASN A 604 4.15 -61.37 28.39
C ASN A 604 3.40 -62.03 29.55
N ARG A 605 4.01 -62.14 30.73
CA ARG A 605 3.31 -62.67 31.90
C ARG A 605 2.25 -61.68 32.37
N TRP A 606 2.56 -60.37 32.34
CA TRP A 606 1.63 -59.33 32.79
C TRP A 606 0.43 -59.16 31.86
N PHE A 607 0.67 -59.31 30.54
CA PHE A 607 -0.34 -59.00 29.55
C PHE A 607 -0.57 -60.17 28.61
N PRO A 608 -1.58 -61.04 28.88
CA PRO A 608 -1.85 -62.22 28.09
C PRO A 608 -2.17 -61.96 26.63
N GLN A 609 -1.94 -63.00 25.81
CA GLN A 609 -2.32 -62.96 24.41
C GLN A 609 -3.83 -63.04 24.29
N GLU A 610 -4.44 -62.06 23.63
CA GLU A 610 -5.87 -62.02 23.50
C GLU A 610 -6.28 -62.28 22.05
N TYR A 611 -5.31 -62.17 21.12
CA TYR A 611 -5.52 -62.51 19.72
C TYR A 611 -4.18 -62.78 19.01
N THR A 612 -4.26 -63.18 17.73
CA THR A 612 -3.09 -63.32 16.87
C THR A 612 -3.36 -62.69 15.49
N GLY A 613 -2.29 -62.25 14.81
CA GLY A 613 -2.35 -61.66 13.49
C GLY A 613 -1.84 -60.21 13.46
N GLU A 614 -1.86 -59.57 12.29
CA GLU A 614 -1.04 -58.40 12.03
C GLU A 614 -1.83 -57.09 12.12
N LEU A 615 -3.11 -57.20 12.46
CA LEU A 615 -3.92 -56.04 12.74
C LEU A 615 -3.58 -55.55 14.14
N TYR A 616 -3.98 -54.31 14.42
CA TYR A 616 -3.98 -53.77 15.76
C TYR A 616 -5.25 -54.22 16.47
N ALA A 617 -5.11 -54.80 17.66
CA ALA A 617 -6.26 -55.11 18.51
C ALA A 617 -5.91 -54.91 19.98
N GLY A 618 -6.56 -53.93 20.61
CA GLY A 618 -6.55 -53.77 22.05
C GLY A 618 -7.96 -53.99 22.59
N ARG A 619 -8.07 -54.62 23.77
CA ARG A 619 -9.36 -54.80 24.41
C ARG A 619 -9.43 -54.02 25.71
N ILE A 620 -10.57 -53.36 25.94
CA ILE A 620 -10.89 -52.87 27.27
C ILE A 620 -12.36 -53.18 27.59
N GLU A 621 -12.60 -53.92 28.69
CA GLU A 621 -13.93 -54.44 29.00
C GLU A 621 -14.43 -55.18 27.74
N ASN A 622 -15.67 -54.96 27.29
CA ASN A 622 -16.15 -55.71 26.14
C ASN A 622 -16.00 -54.89 24.85
N GLY A 623 -14.96 -54.06 24.79
CA GLY A 623 -14.72 -53.21 23.64
C GLY A 623 -13.33 -53.46 23.05
N TRP A 624 -13.29 -53.75 21.74
CA TRP A 624 -12.05 -53.83 20.97
C TRP A 624 -11.89 -52.57 20.11
N VAL A 625 -10.69 -52.01 20.06
CA VAL A 625 -10.28 -51.17 18.96
C VAL A 625 -9.48 -52.04 18.01
N VAL A 626 -9.92 -52.18 16.75
CA VAL A 626 -9.16 -52.93 15.77
C VAL A 626 -8.94 -52.06 14.54
N TYR A 627 -7.69 -51.98 14.08
CA TYR A 627 -7.37 -51.18 12.90
C TYR A 627 -6.21 -51.81 12.14
N ASN A 628 -6.02 -51.32 10.91
CA ASN A 628 -4.97 -51.81 10.02
C ASN A 628 -4.12 -50.64 9.56
N GLY A 629 -2.87 -50.59 10.04
CA GLY A 629 -2.00 -49.47 9.78
C GLY A 629 -0.90 -49.81 8.78
N LEU A 630 -1.08 -50.96 8.10
CA LEU A 630 -0.14 -51.49 7.13
C LEU A 630 -0.78 -51.49 5.73
N ALA A 631 0.09 -51.64 4.71
CA ALA A 631 -0.32 -51.87 3.34
C ALA A 631 -0.94 -53.27 3.21
N GLY A 632 -2.00 -53.33 2.40
CA GLY A 632 -2.57 -54.60 1.95
C GLY A 632 -3.58 -55.10 2.98
N ILE A 633 -4.43 -56.03 2.58
CA ILE A 633 -5.34 -56.71 3.48
C ILE A 633 -4.55 -57.37 4.60
N ARG A 634 -5.02 -57.20 5.84
CA ARG A 634 -4.39 -57.77 7.02
C ARG A 634 -5.44 -58.38 7.95
N ASN A 635 -5.04 -59.45 8.65
CA ASN A 635 -5.98 -60.33 9.34
C ASN A 635 -5.73 -60.41 10.84
N ALA A 636 -6.70 -61.00 11.55
CA ALA A 636 -6.56 -61.34 12.95
C ALA A 636 -7.61 -62.35 13.36
N ALA A 637 -7.23 -63.19 14.33
CA ALA A 637 -8.14 -64.15 14.93
C ALA A 637 -8.32 -63.80 16.40
N ILE A 638 -9.54 -63.38 16.74
CA ILE A 638 -9.86 -62.85 18.06
C ILE A 638 -10.88 -63.78 18.71
N PRO A 639 -10.49 -64.64 19.69
CA PRO A 639 -11.46 -65.30 20.55
C PRO A 639 -12.24 -64.28 21.38
N PHE A 640 -13.56 -64.46 21.37
CA PHE A 640 -14.47 -63.63 22.16
C PHE A 640 -14.27 -63.83 23.66
N LYS A 641 -14.61 -62.79 24.44
CA LYS A 641 -14.52 -62.80 25.90
C LYS A 641 -15.90 -62.67 26.54
N TYR A 642 -16.89 -62.16 25.78
CA TYR A 642 -18.26 -61.99 26.25
C TYR A 642 -19.25 -62.71 25.32
N ASN A 643 -19.09 -62.60 24.00
CA ASN A 643 -20.00 -63.28 23.10
C ASN A 643 -19.82 -64.77 23.25
N THR A 644 -20.92 -65.52 23.02
CA THR A 644 -21.00 -66.95 23.35
C THR A 644 -20.57 -67.84 22.17
N CYS A 645 -20.37 -67.22 20.99
CA CYS A 645 -19.74 -67.87 19.83
C CYS A 645 -18.24 -67.97 20.13
N ASP A 646 -17.40 -68.52 19.23
CA ASP A 646 -16.06 -68.99 19.62
C ASP A 646 -15.01 -67.93 19.35
N LYS A 647 -14.99 -67.41 18.11
CA LYS A 647 -13.99 -66.45 17.68
C LYS A 647 -14.44 -65.72 16.41
N MET A 648 -13.73 -64.63 16.10
CA MET A 648 -13.98 -63.86 14.89
C MET A 648 -12.69 -63.70 14.12
N GLU A 649 -12.70 -63.84 12.79
CA GLU A 649 -11.50 -63.63 11.99
C GLU A 649 -11.73 -62.37 11.17
N LEU A 650 -10.78 -61.44 11.21
CA LEU A 650 -11.02 -60.13 10.64
C LEU A 650 -10.04 -59.88 9.50
N ALA A 651 -10.51 -59.29 8.40
CA ALA A 651 -9.68 -58.96 7.26
C ALA A 651 -10.01 -57.57 6.72
N TYR A 652 -9.08 -56.64 6.92
CA TYR A 652 -9.39 -55.24 6.76
C TYR A 652 -8.44 -54.59 5.76
N SER A 653 -9.03 -53.66 4.98
CA SER A 653 -8.28 -52.77 4.12
C SER A 653 -7.43 -51.80 4.96
N LYS A 654 -6.45 -51.21 4.27
CA LYS A 654 -5.49 -50.28 4.88
C LYS A 654 -6.21 -49.02 5.38
N TYR A 655 -6.00 -48.70 6.67
CA TYR A 655 -6.52 -47.50 7.33
C TYR A 655 -7.99 -47.65 7.66
N THR A 656 -8.49 -48.89 7.66
CA THR A 656 -9.81 -49.17 8.22
C THR A 656 -9.63 -49.34 9.71
N VAL A 657 -10.48 -48.63 10.46
CA VAL A 657 -10.49 -48.65 11.91
C VAL A 657 -11.88 -49.14 12.30
N SER A 658 -11.99 -49.82 13.45
CA SER A 658 -13.27 -50.35 13.89
C SER A 658 -13.36 -50.31 15.42
N VAL A 659 -14.59 -50.17 15.95
CA VAL A 659 -14.86 -50.28 17.37
C VAL A 659 -15.92 -51.37 17.56
N ILE A 660 -15.50 -52.46 18.23
CA ILE A 660 -16.26 -53.69 18.26
C ILE A 660 -16.68 -53.97 19.68
N LYS A 661 -17.99 -53.97 19.92
CA LYS A 661 -18.53 -54.21 21.25
C LYS A 661 -19.06 -55.64 21.30
N GLU A 662 -18.57 -56.41 22.28
CA GLU A 662 -19.03 -57.78 22.50
C GLU A 662 -20.24 -57.79 23.44
N TYR A 663 -21.26 -58.54 23.03
CA TYR A 663 -22.40 -58.83 23.88
C TYR A 663 -22.63 -60.34 23.82
N ALA A 664 -23.32 -60.87 24.83
CA ALA A 664 -23.54 -62.29 24.94
C ALA A 664 -24.07 -62.85 23.62
N ASN A 665 -25.06 -62.14 23.01
CA ASN A 665 -25.74 -62.63 21.82
C ASN A 665 -25.77 -61.59 20.68
N LYS A 666 -24.82 -60.65 20.69
CA LYS A 666 -24.83 -59.53 19.77
C LYS A 666 -23.37 -59.10 19.61
N LEU A 667 -23.06 -58.49 18.46
CA LEU A 667 -21.85 -57.72 18.26
C LEU A 667 -22.22 -56.44 17.52
N THR A 668 -21.55 -55.33 17.87
CA THR A 668 -21.59 -54.14 17.04
C THR A 668 -20.16 -53.84 16.52
N PHE A 669 -20.10 -53.42 15.25
CA PHE A 669 -18.93 -52.81 14.64
C PHE A 669 -19.28 -51.39 14.19
N TYR A 670 -18.55 -50.41 14.70
CA TYR A 670 -18.41 -49.14 14.01
C TYR A 670 -17.13 -49.22 13.19
N MET A 671 -17.26 -49.12 11.86
CA MET A 671 -16.13 -49.17 10.96
C MET A 671 -16.07 -47.84 10.20
N ASN A 672 -14.86 -47.37 9.89
CA ASN A 672 -14.66 -46.21 9.03
C ASN A 672 -13.35 -46.36 8.28
N ASN A 673 -13.32 -45.68 7.12
CA ASN A 673 -12.15 -45.57 6.27
C ASN A 673 -12.54 -44.68 5.12
N TYR A 674 -12.58 -43.37 5.42
CA TYR A 674 -13.23 -42.41 4.51
C TYR A 674 -12.18 -41.80 3.60
N ASP A 675 -12.38 -41.94 2.29
CA ASP A 675 -11.58 -41.26 1.27
C ASP A 675 -12.43 -40.17 0.61
N PRO A 676 -12.06 -38.86 0.64
CA PRO A 676 -12.87 -37.83 0.01
C PRO A 676 -13.02 -38.01 -1.51
N SER A 677 -12.10 -38.74 -2.14
CA SER A 677 -12.11 -38.92 -3.58
C SER A 677 -13.09 -40.00 -4.02
N GLY A 678 -13.56 -40.83 -3.08
CA GLY A 678 -14.77 -41.64 -3.26
C GLY A 678 -14.52 -43.13 -3.47
N SER A 679 -13.31 -43.63 -3.16
CA SER A 679 -13.00 -45.05 -3.37
C SER A 679 -13.76 -45.93 -2.37
N SER A 680 -14.00 -47.18 -2.78
CA SER A 680 -14.48 -48.21 -1.87
C SER A 680 -13.31 -49.03 -1.32
N LYS A 681 -13.53 -49.63 -0.13
CA LYS A 681 -12.64 -50.62 0.44
C LYS A 681 -13.49 -51.83 0.86
N THR A 682 -12.89 -53.02 0.92
CA THR A 682 -13.57 -54.25 1.28
C THR A 682 -13.11 -54.72 2.65
N GLU A 683 -14.02 -55.30 3.45
CA GLU A 683 -13.68 -55.85 4.75
C GLU A 683 -14.38 -57.19 4.91
N VAL A 684 -13.77 -58.14 5.63
CA VAL A 684 -14.37 -59.46 5.78
C VAL A 684 -14.41 -59.82 7.27
N ILE A 685 -15.59 -60.26 7.73
CA ILE A 685 -15.79 -60.67 9.11
C ILE A 685 -16.32 -62.10 9.11
N LYS A 686 -15.67 -62.99 9.85
CA LYS A 686 -16.15 -64.34 9.98
C LYS A 686 -16.39 -64.66 11.46
N ILE A 687 -17.58 -65.17 11.78
CA ILE A 687 -17.93 -65.65 13.12
C ILE A 687 -17.93 -67.18 13.12
N TYR A 688 -17.23 -67.72 14.12
CA TYR A 688 -17.11 -69.16 14.31
C TYR A 688 -17.92 -69.56 15.53
N GLY A 689 -18.49 -70.76 15.47
CA GLY A 689 -19.02 -71.36 16.68
C GLY A 689 -20.50 -71.03 16.86
N CYS A 690 -21.14 -70.47 15.83
CA CYS A 690 -22.57 -70.24 15.90
C CYS A 690 -23.35 -71.54 16.00
N THR A 691 -24.30 -71.60 16.93
CA THR A 691 -25.29 -72.66 16.99
C THR A 691 -26.64 -72.21 16.44
N SER A 692 -26.66 -71.34 15.42
CA SER A 692 -27.89 -70.77 14.88
C SER A 692 -27.57 -69.97 13.62
N LYS A 693 -28.51 -69.90 12.67
CA LYS A 693 -28.37 -68.99 11.55
C LYS A 693 -28.32 -67.57 12.11
N PRO A 694 -27.17 -66.87 12.01
CA PRO A 694 -27.10 -65.48 12.36
C PRO A 694 -27.78 -64.55 11.36
N THR A 695 -28.06 -63.33 11.83
CA THR A 695 -28.54 -62.24 11.00
C THR A 695 -27.69 -61.00 11.31
N HIS A 696 -27.77 -60.00 10.42
CA HIS A 696 -26.97 -58.79 10.48
C HIS A 696 -27.79 -57.58 10.10
N SER A 697 -27.40 -56.40 10.55
CA SER A 697 -28.06 -55.17 10.16
C SER A 697 -26.97 -54.11 9.97
N VAL A 698 -27.15 -53.19 9.02
CA VAL A 698 -26.14 -52.17 8.76
C VAL A 698 -26.79 -50.84 8.46
N SER A 699 -26.24 -49.78 9.03
CA SER A 699 -26.63 -48.45 8.62
C SER A 699 -25.37 -47.64 8.28
N SER A 700 -25.43 -46.96 7.12
CA SER A 700 -24.42 -46.02 6.71
C SER A 700 -24.51 -44.80 7.64
N ARG A 701 -23.45 -44.00 7.68
CA ARG A 701 -23.43 -42.82 8.51
C ARG A 701 -22.91 -41.64 7.71
N ALA A 702 -23.42 -40.45 8.04
CA ALA A 702 -23.00 -39.24 7.39
C ALA A 702 -23.12 -39.43 5.88
N ASN A 703 -22.06 -39.12 5.11
CA ASN A 703 -22.09 -39.13 3.66
C ASN A 703 -21.51 -40.44 3.16
N GLY A 704 -21.37 -41.43 4.04
CA GLY A 704 -20.84 -42.73 3.65
C GLY A 704 -21.81 -43.56 2.78
N THR A 705 -21.25 -44.60 2.14
CA THR A 705 -21.98 -45.65 1.42
C THR A 705 -21.68 -47.00 2.06
N ALA A 706 -22.44 -48.03 1.68
CA ALA A 706 -22.14 -49.37 2.14
C ALA A 706 -23.05 -50.41 1.49
N GLN A 707 -22.47 -51.59 1.18
CA GLN A 707 -23.22 -52.80 0.82
C GLN A 707 -22.66 -53.97 1.63
N VAL A 708 -23.52 -54.86 2.13
CA VAL A 708 -23.05 -55.98 2.94
C VAL A 708 -23.68 -57.26 2.43
N SER A 709 -22.84 -58.30 2.26
CA SER A 709 -23.23 -59.62 1.80
C SER A 709 -23.03 -60.60 2.95
N GLU A 710 -23.88 -61.64 2.95
CA GLU A 710 -23.97 -62.58 4.05
C GLU A 710 -23.73 -64.01 3.54
N ASN A 711 -23.16 -64.88 4.38
CA ASN A 711 -22.87 -66.24 3.97
C ASN A 711 -22.86 -67.20 5.15
N TRP A 712 -23.87 -68.07 5.21
CA TRP A 712 -23.97 -69.12 6.20
C TRP A 712 -23.61 -70.44 5.52
N LYS A 713 -22.68 -71.20 6.12
CA LYS A 713 -22.10 -72.40 5.52
C LYS A 713 -21.22 -73.11 6.53
N GLU A 714 -21.61 -74.34 6.88
CA GLU A 714 -20.83 -75.24 7.72
C GLU A 714 -20.50 -74.57 9.06
N ASP A 715 -21.49 -73.84 9.60
CA ASP A 715 -21.41 -73.24 10.93
C ASP A 715 -20.42 -72.07 11.01
N VAL A 716 -19.96 -71.62 9.84
CA VAL A 716 -19.30 -70.34 9.70
C VAL A 716 -20.24 -69.32 9.06
N TYR A 717 -20.29 -68.12 9.68
CA TYR A 717 -21.05 -66.99 9.18
C TYR A 717 -20.10 -65.90 8.72
N THR A 718 -20.22 -65.43 7.46
CA THR A 718 -19.25 -64.55 6.83
C THR A 718 -19.91 -63.33 6.19
N LEU A 719 -19.50 -62.15 6.67
CA LEU A 719 -20.00 -60.87 6.20
C LEU A 719 -18.92 -60.17 5.39
N THR A 720 -19.29 -59.71 4.20
CA THR A 720 -18.37 -59.07 3.28
C THR A 720 -18.81 -57.60 3.11
N VAL A 721 -18.08 -56.65 3.71
CA VAL A 721 -18.55 -55.28 3.85
C VAL A 721 -17.77 -54.34 2.92
N THR A 722 -18.25 -54.06 1.71
CA THR A 722 -17.69 -52.97 0.92
C THR A 722 -18.35 -51.65 1.36
N HIS A 723 -17.58 -50.54 1.35
CA HIS A 723 -18.03 -49.25 1.84
C HIS A 723 -17.04 -48.12 1.58
N ASN A 724 -17.54 -46.87 1.49
CA ASN A 724 -16.70 -45.70 1.71
C ASN A 724 -17.28 -44.91 2.89
N GLY A 725 -16.43 -44.64 3.89
CA GLY A 725 -16.85 -43.88 5.05
C GLY A 725 -17.46 -44.77 6.14
N PRO A 726 -18.04 -44.13 7.19
CA PRO A 726 -18.40 -44.83 8.40
C PRO A 726 -19.77 -45.51 8.33
N LEU A 727 -19.92 -46.56 9.14
CA LEU A 727 -21.13 -47.32 9.18
C LEU A 727 -21.18 -48.05 10.51
N ASP A 728 -22.40 -48.34 10.98
CA ASP A 728 -22.61 -49.25 12.10
C ASP A 728 -23.23 -50.53 11.56
N LEU A 729 -22.66 -51.65 11.99
CA LEU A 729 -23.09 -52.96 11.58
C LEU A 729 -23.44 -53.76 12.83
N THR A 730 -24.59 -54.44 12.83
CA THR A 730 -25.01 -55.21 13.99
C THR A 730 -25.16 -56.70 13.60
N VAL A 731 -24.54 -57.57 14.41
CA VAL A 731 -24.48 -58.99 14.14
C VAL A 731 -25.14 -59.73 15.29
N ASN A 732 -26.22 -60.46 14.98
CA ASN A 732 -26.93 -61.28 15.95
C ASN A 732 -26.44 -62.71 15.82
N CYS A 733 -25.59 -63.10 16.76
CA CYS A 733 -24.97 -64.41 16.67
C CYS A 733 -24.84 -64.97 18.07
N SER A 734 -25.27 -66.22 18.24
CA SER A 734 -25.26 -66.89 19.52
C SER A 734 -24.54 -68.22 19.40
N GLY A 735 -23.89 -68.59 20.51
CA GLY A 735 -23.18 -69.85 20.63
C GLY A 735 -23.52 -70.49 21.97
N LYS A 736 -22.64 -71.37 22.42
CA LYS A 736 -22.96 -72.31 23.49
C LYS A 736 -21.94 -72.21 24.62
N ALA A 737 -21.17 -71.13 24.69
CA ALA A 737 -20.14 -71.04 25.70
C ALA A 737 -20.77 -70.64 27.03
N THR A 738 -20.12 -71.06 28.12
CA THR A 738 -20.39 -70.57 29.46
C THR A 738 -19.17 -69.88 30.10
N ASP A 739 -17.92 -70.15 29.68
CA ASP A 739 -16.79 -69.42 30.25
C ASP A 739 -16.65 -68.04 29.58
N ARG A 740 -17.35 -67.02 30.10
CA ARG A 740 -17.43 -65.71 29.47
C ARG A 740 -17.70 -64.62 30.52
N LEU A 741 -17.12 -63.43 30.33
CA LEU A 741 -17.37 -62.31 31.23
C LEU A 741 -18.75 -61.70 30.94
N THR A 742 -19.18 -60.76 31.81
CA THR A 742 -20.53 -60.23 31.82
C THR A 742 -20.51 -58.72 31.63
N VAL A 743 -21.37 -58.23 30.73
CA VAL A 743 -21.28 -56.85 30.29
C VAL A 743 -21.91 -55.91 31.33
N SER A 744 -21.12 -54.95 31.84
CA SER A 744 -21.62 -53.93 32.77
C SER A 744 -22.61 -53.03 32.04
N THR A 745 -23.41 -52.29 32.80
CA THR A 745 -24.50 -51.52 32.22
C THR A 745 -23.99 -50.26 31.52
N ALA A 746 -24.91 -49.60 30.82
CA ALA A 746 -24.60 -48.42 30.02
C ALA A 746 -23.70 -47.46 30.80
N ALA A 747 -22.55 -47.14 30.20
CA ALA A 747 -21.74 -46.01 30.63
C ALA A 747 -22.59 -44.75 30.57
N SER A 748 -22.28 -43.77 31.44
CA SER A 748 -22.97 -42.49 31.48
C SER A 748 -22.35 -41.54 30.46
N ILE A 749 -23.21 -40.84 29.74
CA ILE A 749 -22.87 -39.59 29.10
C ILE A 749 -23.85 -38.52 29.60
N GLN A 750 -23.27 -37.44 30.12
CA GLN A 750 -24.01 -36.32 30.68
C GLN A 750 -23.80 -35.11 29.80
N VAL A 751 -24.90 -34.57 29.27
CA VAL A 751 -24.85 -33.45 28.35
C VAL A 751 -24.36 -32.25 29.13
N PRO A 752 -23.19 -31.67 28.77
CA PRO A 752 -22.62 -30.57 29.56
C PRO A 752 -23.55 -29.37 29.59
N ALA A 753 -23.83 -28.86 30.81
CA ALA A 753 -24.54 -27.60 30.97
C ALA A 753 -23.96 -26.48 30.12
N SER A 754 -24.86 -25.63 29.61
CA SER A 754 -24.52 -24.32 29.09
C SER A 754 -23.83 -23.40 30.10
N PRO A 755 -23.04 -22.43 29.65
CA PRO A 755 -22.53 -21.40 30.53
C PRO A 755 -23.60 -20.40 30.97
N GLN A 756 -23.36 -19.69 32.07
CA GLN A 756 -24.30 -18.68 32.46
C GLN A 756 -24.47 -17.66 31.33
N ILE A 757 -25.60 -16.97 31.36
CA ILE A 757 -26.01 -16.10 30.26
C ILE A 757 -25.19 -14.81 30.32
N TYR A 758 -24.56 -14.44 29.21
CA TYR A 758 -23.70 -13.26 29.18
C TYR A 758 -24.53 -11.98 29.14
N GLN A 759 -24.33 -11.10 30.15
CA GLN A 759 -25.12 -9.90 30.33
C GLN A 759 -24.43 -8.69 29.69
N GLY A 760 -23.23 -8.85 29.17
CA GLY A 760 -22.49 -7.73 28.61
C GLY A 760 -22.80 -7.47 27.13
N ALA A 761 -21.96 -6.61 26.55
CA ALA A 761 -22.21 -6.04 25.23
C ALA A 761 -21.84 -7.02 24.13
N TYR A 762 -22.55 -6.91 22.99
CA TYR A 762 -22.34 -7.76 21.83
C TYR A 762 -21.55 -6.98 20.76
N GLN A 763 -20.89 -7.72 19.85
CA GLN A 763 -20.03 -7.12 18.83
C GLN A 763 -20.20 -7.87 17.51
N TYR A 764 -20.15 -7.11 16.42
CA TYR A 764 -20.47 -7.62 15.09
C TYR A 764 -19.53 -6.90 14.14
N GLU A 765 -18.57 -7.61 13.55
CA GLU A 765 -17.53 -6.97 12.78
C GLU A 765 -18.01 -6.67 11.36
N ALA A 766 -17.74 -5.44 10.87
CA ALA A 766 -18.27 -4.94 9.61
C ALA A 766 -17.79 -5.78 8.45
N GLU A 767 -16.56 -6.30 8.57
CA GLU A 767 -16.01 -7.18 7.55
C GLU A 767 -16.79 -8.49 7.47
N CYS A 768 -17.68 -8.78 8.45
CA CYS A 768 -18.55 -9.96 8.37
C CYS A 768 -19.99 -9.61 7.95
N PHE A 769 -20.29 -8.31 7.75
CA PHE A 769 -21.62 -7.90 7.38
C PHE A 769 -21.96 -8.44 5.99
N ASP A 770 -23.27 -8.56 5.70
CA ASP A 770 -23.76 -8.73 4.34
C ASP A 770 -23.67 -7.35 3.69
N PHE A 771 -23.42 -7.26 2.38
CA PHE A 771 -23.07 -5.98 1.80
C PHE A 771 -23.50 -5.85 0.35
N LYS A 772 -23.70 -4.61 -0.10
CA LYS A 772 -23.81 -4.38 -1.52
C LYS A 772 -23.12 -3.07 -1.86
N ASN A 773 -22.38 -3.08 -2.97
CA ASN A 773 -21.95 -1.83 -3.57
C ASN A 773 -21.08 -1.07 -2.59
N VAL A 774 -20.03 -1.72 -2.11
CA VAL A 774 -19.09 -1.07 -1.21
C VAL A 774 -17.77 -0.90 -1.94
N THR A 775 -16.98 0.08 -1.53
CA THR A 775 -15.74 0.36 -2.20
C THR A 775 -14.72 -0.73 -1.93
N LYS A 776 -14.50 -1.09 -0.66
CA LYS A 776 -13.56 -2.17 -0.40
C LYS A 776 -13.85 -2.87 0.92
N ARG A 777 -13.59 -4.18 0.93
CA ARG A 777 -13.83 -5.00 2.10
C ARG A 777 -12.50 -5.64 2.51
N VAL A 778 -11.94 -5.21 3.64
CA VAL A 778 -10.63 -5.63 4.10
C VAL A 778 -10.80 -6.70 5.17
N THR A 779 -10.59 -7.97 4.78
CA THR A 779 -10.71 -9.13 5.64
C THR A 779 -9.36 -9.53 6.20
N LYS A 780 -8.29 -8.93 5.66
CA LYS A 780 -6.93 -9.22 6.08
C LYS A 780 -6.13 -7.91 6.17
N GLY A 781 -6.28 -7.19 7.29
CA GLY A 781 -6.01 -5.76 7.36
C GLY A 781 -4.54 -5.40 7.42
N ASP A 782 -3.75 -6.36 7.90
CA ASP A 782 -2.37 -6.15 8.33
C ASP A 782 -1.51 -5.58 7.21
N SER A 783 -1.91 -5.87 5.97
CA SER A 783 -1.18 -5.50 4.77
C SER A 783 -1.75 -4.24 4.13
N GLU A 784 -2.67 -3.56 4.81
CA GLU A 784 -3.36 -2.40 4.27
C GLU A 784 -3.05 -1.15 5.12
N PRO A 785 -3.42 0.08 4.67
CA PRO A 785 -2.93 1.30 5.28
C PRO A 785 -3.56 1.70 6.60
N ILE A 786 -4.76 1.18 6.88
CA ILE A 786 -5.52 1.64 8.04
C ILE A 786 -5.12 0.76 9.19
N ARG A 787 -4.82 1.40 10.33
CA ARG A 787 -4.36 0.75 11.55
C ARG A 787 -5.46 0.79 12.61
N ASN A 788 -5.17 0.22 13.79
CA ASN A 788 -6.02 0.31 14.96
C ASN A 788 -7.47 -0.07 14.64
N TYR A 789 -7.73 -1.29 14.18
CA TYR A 789 -9.09 -1.75 13.89
C TYR A 789 -9.36 -2.93 14.82
N THR A 790 -10.57 -3.54 14.79
CA THR A 790 -10.93 -4.66 15.66
C THR A 790 -11.06 -5.94 14.84
N ALA A 791 -10.70 -7.08 15.46
CA ALA A 791 -10.63 -8.34 14.74
C ALA A 791 -9.66 -8.14 13.58
N GLN A 792 -9.86 -8.77 12.40
CA GLN A 792 -8.80 -8.77 11.39
C GLN A 792 -8.99 -7.71 10.31
N GLY A 793 -10.02 -6.87 10.41
CA GLY A 793 -10.43 -6.10 9.25
C GLY A 793 -11.41 -4.97 9.54
N TYR A 794 -11.84 -4.35 8.44
CA TYR A 794 -12.80 -3.27 8.36
C TYR A 794 -13.32 -3.25 6.92
N ILE A 795 -14.25 -2.34 6.64
CA ILE A 795 -14.65 -2.08 5.25
C ILE A 795 -14.64 -0.58 4.96
N ASN A 796 -14.48 -0.29 3.67
CA ASN A 796 -14.76 1.01 3.13
C ASN A 796 -16.13 0.97 2.45
N PHE A 797 -17.15 1.45 3.17
CA PHE A 797 -18.50 1.51 2.66
C PHE A 797 -18.55 2.33 1.39
N GLY A 798 -17.89 3.51 1.40
CA GLY A 798 -17.72 4.36 0.23
C GLY A 798 -18.94 5.24 -0.06
N ALA A 799 -18.91 5.91 -1.20
CA ALA A 799 -19.84 7.00 -1.46
C ALA A 799 -21.04 6.56 -2.27
N SER A 800 -21.09 5.32 -2.79
CA SER A 800 -22.15 4.99 -3.74
C SER A 800 -23.51 5.28 -3.11
N SER A 801 -24.40 5.90 -3.89
CA SER A 801 -25.77 6.13 -3.44
C SER A 801 -26.54 4.82 -3.20
N ALA A 802 -26.05 3.70 -3.73
CA ALA A 802 -26.67 2.39 -3.62
C ALA A 802 -25.91 1.49 -2.64
N ALA A 803 -25.04 2.09 -1.85
CA ALA A 803 -24.24 1.31 -0.92
C ALA A 803 -25.07 0.98 0.33
N ALA A 804 -25.00 -0.26 0.77
CA ALA A 804 -25.65 -0.67 2.01
C ALA A 804 -25.00 -1.90 2.66
N VAL A 805 -25.28 -2.12 3.96
CA VAL A 805 -24.87 -3.30 4.69
C VAL A 805 -25.98 -3.79 5.60
N ARG A 806 -25.90 -5.07 6.02
CA ARG A 806 -26.86 -5.67 6.94
C ARG A 806 -26.18 -6.75 7.76
N PHD A 807 -26.56 -6.86 9.04
CA PHD A 807 -26.26 -8.07 9.81
C PHD A 807 -27.48 -8.45 10.65
O PHD A 807 -28.36 -7.61 10.83
CB PHD A 807 -25.08 -7.81 10.74
CG PHD A 807 -24.17 -8.95 11.07
OD1 PHD A 807 -24.50 -10.19 10.66
OD2 PHD A 807 -23.19 -8.74 11.63
P PHD A 807 -23.53 -11.51 11.00
OP1 PHD A 807 -24.19 -12.12 12.22
OP2 PHD A 807 -23.53 -12.43 9.79
OP3 PHD A 807 -22.09 -11.14 11.39
H PHD A 807 -27.01 -6.17 9.45
HA PHD A 807 -26.03 -8.80 9.19
HB2 PHD A 807 -24.54 -7.11 10.33
HB3 PHD A 807 -25.44 -7.44 11.58
N ALA A 808 -27.49 -9.67 11.17
CA ALA A 808 -28.43 -10.14 12.17
C ALA A 808 -27.81 -10.14 13.56
N VAL A 809 -28.47 -9.38 14.46
CA VAL A 809 -28.03 -9.12 15.84
C VAL A 809 -29.10 -9.66 16.79
N THR A 810 -28.79 -9.77 18.10
CA THR A 810 -29.70 -10.39 19.05
C THR A 810 -29.82 -9.55 20.31
N ALA A 811 -30.82 -9.85 21.13
CA ALA A 811 -31.12 -9.11 22.36
C ALA A 811 -31.77 -10.02 23.40
N LEU A 812 -31.25 -10.00 24.63
CA LEU A 812 -31.82 -10.90 25.64
C LEU A 812 -33.30 -10.58 25.85
N GLU A 813 -33.67 -9.30 25.74
CA GLU A 813 -35.08 -8.98 25.72
C GLU A 813 -35.35 -7.62 25.09
N ASP A 814 -36.64 -7.29 25.03
CA ASP A 814 -37.16 -6.08 24.40
C ASP A 814 -36.70 -4.88 25.20
N GLY A 815 -36.35 -3.79 24.51
CA GLY A 815 -35.98 -2.60 25.24
C GLY A 815 -35.08 -1.71 24.42
N VAL A 816 -34.64 -0.60 25.04
CA VAL A 816 -33.78 0.36 24.37
C VAL A 816 -32.34 -0.11 24.54
N TYR A 817 -31.63 -0.11 23.40
CA TYR A 817 -30.21 -0.39 23.35
C TYR A 817 -29.47 0.76 22.66
N THR A 818 -28.18 0.83 22.96
CA THR A 818 -27.25 1.76 22.37
C THR A 818 -26.40 1.04 21.33
N ILE A 819 -26.36 1.60 20.11
CA ILE A 819 -25.60 1.07 19.00
C ILE A 819 -24.49 2.07 18.65
N ARG A 820 -23.25 1.60 18.87
CA ARG A 820 -22.06 2.39 18.67
C ARG A 820 -21.37 1.88 17.41
N ILE A 821 -21.32 2.76 16.38
CA ILE A 821 -20.70 2.47 15.10
C ILE A 821 -19.32 3.11 15.09
N ARG A 822 -18.27 2.27 15.11
CA ARG A 822 -16.91 2.75 15.00
C ARG A 822 -16.66 2.98 13.53
N TYR A 823 -16.20 4.19 13.16
CA TYR A 823 -16.13 4.57 11.75
C TYR A 823 -15.00 5.56 11.46
N ARG A 824 -14.75 5.83 10.17
CA ARG A 824 -13.81 6.83 9.71
C ARG A 824 -14.46 7.63 8.58
N ALA A 825 -14.33 8.97 8.63
CA ALA A 825 -14.91 9.86 7.63
C ALA A 825 -13.89 10.94 7.31
N PRO A 826 -12.71 10.57 6.75
CA PRO A 826 -11.54 11.41 6.84
C PRO A 826 -11.62 12.69 6.01
N SER A 827 -12.39 12.70 4.91
CA SER A 827 -12.38 13.83 3.99
C SER A 827 -13.55 14.80 4.21
N ALA A 828 -14.67 14.29 4.76
CA ALA A 828 -15.88 15.08 4.86
C ALA A 828 -16.92 14.35 5.70
N THR A 829 -17.78 15.14 6.35
CA THR A 829 -18.89 14.59 7.12
C THR A 829 -19.78 13.82 6.16
N VAL A 830 -20.34 12.68 6.63
CA VAL A 830 -21.32 11.90 5.90
C VAL A 830 -22.65 11.97 6.66
N ASN A 831 -23.60 12.77 6.12
CA ASN A 831 -24.94 12.97 6.67
C ASN A 831 -25.97 12.20 5.83
N THR A 832 -25.52 11.16 5.14
CA THR A 832 -26.23 10.69 3.96
C THR A 832 -26.42 9.18 4.03
N VAL A 833 -26.11 8.56 5.19
CA VAL A 833 -26.42 7.14 5.37
C VAL A 833 -27.42 7.00 6.50
N ASP A 834 -28.43 6.13 6.31
CA ASP A 834 -29.53 5.95 7.22
C ASP A 834 -29.49 4.56 7.83
N MET A 835 -30.04 4.42 9.05
CA MET A 835 -30.07 3.15 9.75
C MET A 835 -31.49 2.59 9.77
N TYR A 836 -31.60 1.28 9.49
CA TYR A 836 -32.87 0.57 9.53
C TYR A 836 -32.70 -0.57 10.54
N ILE A 837 -33.63 -0.63 11.51
CA ILE A 837 -33.83 -1.78 12.38
C ILE A 837 -35.10 -2.45 11.89
N ASN A 838 -35.02 -3.77 11.57
CA ASN A 838 -36.20 -4.58 11.34
C ASN A 838 -37.01 -3.99 10.17
N ASN A 839 -36.26 -3.44 9.20
CA ASN A 839 -36.78 -2.90 7.95
C ASN A 839 -37.61 -1.63 8.20
N THR A 840 -37.29 -0.86 9.25
CA THR A 840 -37.88 0.45 9.47
C THR A 840 -36.75 1.42 9.80
N LYS A 841 -36.74 2.55 9.05
CA LYS A 841 -35.72 3.58 9.18
C LYS A 841 -35.86 4.25 10.54
N VAL A 842 -34.74 4.45 11.26
CA VAL A 842 -34.79 4.91 12.64
C VAL A 842 -33.92 6.16 12.83
N GLY A 843 -33.15 6.56 11.83
CA GLY A 843 -32.34 7.77 11.95
C GLY A 843 -31.23 7.85 10.90
N THR A 844 -30.42 8.89 11.05
CA THR A 844 -29.29 9.15 10.19
C THR A 844 -28.07 9.39 11.07
N PRO A 845 -27.22 8.39 11.39
CA PRO A 845 -26.08 8.62 12.26
C PRO A 845 -25.30 9.83 11.77
N GLU A 846 -24.80 10.60 12.76
CA GLU A 846 -23.89 11.71 12.54
C GLU A 846 -22.51 11.09 12.36
N PHE A 847 -22.07 10.91 11.12
CA PHE A 847 -20.71 10.49 10.84
C PHE A 847 -19.81 11.71 10.60
N ALA A 848 -19.47 12.45 11.67
CA ALA A 848 -18.65 13.65 11.56
C ALA A 848 -17.31 13.35 10.90
N GLN A 849 -16.79 14.32 10.15
CA GLN A 849 -15.46 14.27 9.58
C GLN A 849 -14.50 13.82 10.69
N THR A 850 -13.70 12.79 10.40
CA THR A 850 -12.65 12.31 11.28
C THR A 850 -11.27 12.75 10.76
N ASP A 851 -10.29 12.60 11.65
CA ASP A 851 -8.93 13.03 11.41
C ASP A 851 -8.33 12.14 10.33
N ASN A 852 -7.45 12.74 9.52
CA ASN A 852 -6.91 12.11 8.33
C ASN A 852 -6.01 10.93 8.67
N ASP A 853 -5.48 10.93 9.89
CA ASP A 853 -4.44 10.00 10.26
C ASP A 853 -5.01 8.59 10.18
N ASN A 854 -4.11 7.61 9.97
CA ASN A 854 -4.48 6.26 9.56
C ASN A 854 -4.85 5.41 10.78
N THR A 855 -4.67 5.94 12.00
CA THR A 855 -4.95 5.17 13.20
C THR A 855 -6.23 5.64 13.86
N VAL A 856 -6.75 6.82 13.45
CA VAL A 856 -7.89 7.42 14.10
C VAL A 856 -9.18 6.76 13.60
N TRP A 857 -10.02 6.39 14.57
CA TRP A 857 -11.39 6.01 14.37
C TRP A 857 -12.27 6.88 15.27
N ASN A 858 -13.58 6.83 15.07
CA ASN A 858 -14.52 7.57 15.91
C ASN A 858 -15.72 6.68 16.15
N THR A 859 -16.66 7.14 17.01
CA THR A 859 -17.86 6.35 17.26
C THR A 859 -19.06 7.27 17.19
N ALA A 860 -20.07 6.80 16.46
CA ALA A 860 -21.36 7.45 16.26
C ALA A 860 -22.47 6.66 16.95
N LEU A 861 -23.34 7.33 17.72
CA LEU A 861 -24.30 6.67 18.60
C LEU A 861 -25.74 6.70 18.09
N MET A 862 -26.47 5.63 18.33
CA MET A 862 -27.91 5.65 18.15
C MET A 862 -28.57 4.87 19.29
N SER A 863 -29.75 5.33 19.72
CA SER A 863 -30.62 4.59 20.63
C SER A 863 -31.70 3.93 19.79
N VAL A 864 -32.05 2.68 20.09
CA VAL A 864 -33.11 2.01 19.36
C VAL A 864 -33.82 0.99 20.24
N SER A 865 -35.02 0.57 19.79
CA SER A 865 -35.73 -0.56 20.36
C SER A 865 -35.36 -1.81 19.57
N LEU A 866 -34.79 -2.79 20.25
CA LEU A 866 -34.72 -4.13 19.73
C LEU A 866 -35.78 -4.93 20.46
N ARG A 867 -36.15 -6.06 19.86
CA ARG A 867 -37.07 -6.98 20.48
C ARG A 867 -36.29 -8.25 20.83
N LYS A 868 -36.90 -9.12 21.66
CA LYS A 868 -36.23 -10.29 22.21
C LYS A 868 -35.83 -11.21 21.05
N GLY A 869 -34.55 -11.61 21.01
CA GLY A 869 -34.07 -12.54 20.00
C GLY A 869 -33.49 -11.80 18.80
N ALA A 870 -33.78 -12.29 17.58
CA ALA A 870 -33.23 -11.75 16.32
C ALA A 870 -33.77 -10.36 16.04
N ASN A 871 -32.83 -9.48 15.62
CA ASN A 871 -33.13 -8.21 15.02
C ASN A 871 -32.30 -8.10 13.74
N THR A 872 -32.79 -7.30 12.77
CA THR A 872 -32.08 -7.03 11.54
C THR A 872 -31.55 -5.59 11.55
N PHE A 873 -30.23 -5.45 11.27
CA PHE A 873 -29.58 -4.14 11.27
C PHE A 873 -29.09 -3.84 9.86
N GLU A 874 -29.44 -2.65 9.35
CA GLU A 874 -28.95 -2.22 8.06
C GLU A 874 -28.41 -0.78 8.10
N LEU A 875 -27.45 -0.53 7.22
CA LEU A 875 -27.04 0.83 6.93
C LEU A 875 -27.23 1.00 5.43
N LYS A 876 -27.90 2.10 5.04
CA LYS A 876 -28.27 2.34 3.66
C LYS A 876 -27.95 3.79 3.28
N ALA A 877 -27.12 3.94 2.24
CA ALA A 877 -27.02 5.19 1.49
C ALA A 877 -28.35 5.59 0.86
N ASN A 878 -28.57 6.92 0.82
CA ASN A 878 -29.70 7.50 0.08
C ASN A 878 -29.17 8.37 -1.08
N SER A 879 -27.97 8.93 -0.94
CA SER A 879 -27.37 9.76 -1.99
C SER A 879 -25.88 9.47 -2.05
N SER A 880 -25.19 10.18 -2.93
CA SER A 880 -23.73 10.11 -2.99
C SER A 880 -23.08 10.66 -1.72
N GLY A 881 -22.22 9.87 -1.09
CA GLY A 881 -21.54 10.33 0.11
C GLY A 881 -20.68 11.55 -0.19
N ALA A 882 -20.52 12.43 0.82
CA ALA A 882 -19.65 13.58 0.65
C ALA A 882 -18.20 13.14 0.72
N GLY A 883 -18.01 11.87 1.10
CA GLY A 883 -16.69 11.28 1.18
C GLY A 883 -16.76 9.81 1.61
N ASP A 884 -15.61 9.15 1.61
CA ASP A 884 -15.61 7.76 1.97
C ASP A 884 -15.99 7.62 3.44
N LEU A 885 -16.87 6.63 3.68
CA LEU A 885 -17.20 6.12 5.00
C LEU A 885 -16.55 4.77 5.21
N TYR A 886 -15.84 4.64 6.33
CA TYR A 886 -15.28 3.36 6.77
C TYR A 886 -16.08 2.85 7.98
N LEU A 887 -16.15 1.52 8.11
CA LEU A 887 -16.79 0.86 9.23
C LEU A 887 -15.98 -0.36 9.67
N ASP A 888 -15.75 -0.42 11.00
CA ASP A 888 -14.93 -1.45 11.63
C ASP A 888 -15.83 -2.46 12.34
N ASN A 889 -16.84 -1.96 13.06
CA ASN A 889 -17.73 -2.83 13.82
C ASN A 889 -18.96 -2.07 14.33
N ILE A 890 -19.87 -2.81 14.98
CA ILE A 890 -20.82 -2.18 15.89
C ILE A 890 -20.81 -2.95 17.19
N VAL A 891 -21.17 -2.25 18.25
CA VAL A 891 -21.23 -2.79 19.59
C VAL A 891 -22.58 -2.40 20.18
N ILE A 892 -23.34 -3.39 20.65
CA ILE A 892 -24.67 -3.17 21.19
C ILE A 892 -24.68 -3.44 22.69
N GLU A 893 -25.29 -2.49 23.44
CA GLU A 893 -25.45 -2.57 24.88
C GLU A 893 -26.79 -2.00 25.35
N ARG A 894 -27.35 -2.60 26.41
CA ARG A 894 -28.59 -2.12 27.01
C ARG A 894 -28.35 -0.73 27.61
N LYS A 895 -29.35 0.19 27.56
CA LYS A 895 -29.26 1.50 28.23
C LYS A 895 -29.56 1.39 29.75
N PRO B 1 27.58 16.04 -11.25
CA PRO B 1 28.69 17.08 -11.17
C PRO B 1 30.05 16.41 -11.35
N GLY B 2 30.48 15.57 -10.38
CA GLY B 2 31.57 14.60 -10.55
C GLY B 2 32.96 15.20 -10.32
N THR B 3 33.86 14.49 -9.63
CA THR B 3 35.22 14.97 -9.46
C THR B 3 36.04 14.70 -10.71
N ALA B 4 37.17 15.39 -10.81
CA ALA B 4 38.06 15.27 -11.98
C ALA B 4 38.59 13.84 -12.09
N VAL B 5 38.80 13.20 -10.94
CA VAL B 5 39.42 11.89 -10.93
C VAL B 5 38.45 10.87 -11.52
N GLU B 6 37.17 10.99 -11.16
CA GLU B 6 36.14 10.15 -11.73
C GLU B 6 36.10 10.31 -13.23
N ASN B 7 36.00 11.56 -13.70
CA ASN B 7 35.90 11.86 -15.13
C ASN B 7 37.03 11.15 -15.90
N ILE B 8 38.25 11.23 -15.39
CA ILE B 8 39.43 10.74 -16.10
C ILE B 8 39.32 9.24 -16.29
N ASN B 9 38.95 8.54 -15.21
CA ASN B 9 38.96 7.09 -15.16
C ASN B 9 37.80 6.53 -15.97
N THR B 10 36.72 7.31 -16.03
CA THR B 10 35.61 6.95 -16.88
C THR B 10 36.07 6.84 -18.33
N ASN B 11 36.81 7.84 -18.80
CA ASN B 11 37.25 7.89 -20.19
C ASN B 11 38.22 6.76 -20.51
N VAL B 12 39.10 6.44 -19.55
CA VAL B 12 40.00 5.30 -19.66
C VAL B 12 39.22 3.98 -19.80
N LYS B 13 38.25 3.75 -18.91
CA LYS B 13 37.46 2.52 -18.93
C LYS B 13 36.71 2.44 -20.27
N ALA B 14 36.34 3.60 -20.82
CA ALA B 14 35.64 3.68 -22.09
C ALA B 14 36.57 3.35 -23.24
N LEU B 15 37.82 3.83 -23.18
CA LEU B 15 38.76 3.57 -24.25
C LEU B 15 39.04 2.07 -24.30
N ARG B 16 39.10 1.41 -23.13
CA ARG B 16 39.36 -0.03 -23.08
C ARG B 16 38.24 -0.76 -23.79
N LYS B 17 37.01 -0.28 -23.57
CA LYS B 17 35.79 -0.91 -24.02
C LYS B 17 35.61 -0.68 -25.53
N LEU B 18 35.95 0.51 -26.01
CA LEU B 18 35.85 0.79 -27.44
C LEU B 18 36.75 -0.17 -28.22
N ILE B 19 37.95 -0.44 -27.69
CA ILE B 19 38.92 -1.32 -28.31
C ILE B 19 38.40 -2.77 -28.28
N GLU B 20 37.68 -3.10 -27.22
CA GLU B 20 37.08 -4.42 -27.10
C GLU B 20 35.94 -4.55 -28.12
N ALA B 21 35.09 -3.52 -28.22
CA ALA B 21 34.00 -3.51 -29.19
C ALA B 21 34.53 -3.57 -30.63
N LYS B 22 35.72 -3.01 -30.87
CA LYS B 22 36.30 -2.95 -32.20
C LYS B 22 36.76 -4.34 -32.65
N GLN B 23 37.41 -5.09 -31.74
CA GLN B 23 37.92 -6.42 -32.01
C GLN B 23 36.85 -7.49 -31.82
N GLN B 24 35.62 -7.11 -31.46
CA GLN B 24 34.49 -8.03 -31.51
C GLN B 24 33.50 -7.61 -32.59
N ASP B 25 33.90 -6.62 -33.39
CA ASP B 25 33.10 -6.02 -34.45
C ASP B 25 31.73 -5.55 -33.93
N LEU B 26 31.67 -5.11 -32.67
CA LEU B 26 30.40 -4.65 -32.12
C LEU B 26 30.08 -3.29 -32.71
N ALA B 27 28.79 -2.96 -32.65
CA ALA B 27 28.27 -1.74 -33.24
C ALA B 27 27.73 -0.80 -32.15
N VAL B 28 27.69 0.48 -32.50
CA VAL B 28 27.01 1.48 -31.68
C VAL B 28 25.54 1.43 -32.07
N LYS B 29 24.67 1.25 -31.08
CA LYS B 29 23.23 1.30 -31.28
C LYS B 29 22.81 2.77 -31.25
N THR B 30 23.26 3.49 -30.23
CA THR B 30 22.86 4.87 -30.08
C THR B 30 23.92 5.62 -29.27
N TYR B 31 24.12 6.90 -29.62
CA TYR B 31 24.97 7.79 -28.84
C TYR B 31 24.27 9.15 -28.82
N ASN B 32 24.60 9.99 -27.83
CA ASN B 32 23.76 11.15 -27.52
C ASN B 32 24.52 12.12 -26.61
N PRO B 33 24.67 13.41 -27.00
CA PRO B 33 25.37 14.39 -26.17
C PRO B 33 24.55 14.98 -25.02
N VAL B 34 25.25 15.48 -23.99
CA VAL B 34 24.61 16.10 -22.85
C VAL B 34 25.41 17.31 -22.39
N ASN B 35 24.72 18.35 -21.91
CA ASN B 35 25.34 19.61 -21.54
C ASN B 35 26.18 20.18 -22.68
N ASN B 36 25.56 20.17 -23.87
CA ASN B 36 26.14 20.84 -25.01
C ASN B 36 27.43 20.10 -25.35
N GLY B 37 27.37 18.77 -25.25
CA GLY B 37 28.47 17.92 -25.69
C GLY B 37 29.65 17.89 -24.74
N ALA B 38 29.42 18.16 -23.44
CA ALA B 38 30.45 18.03 -22.43
C ALA B 38 30.65 16.55 -22.12
N SER B 39 29.57 15.78 -22.29
CA SER B 39 29.58 14.36 -22.02
C SER B 39 28.68 13.66 -23.03
N TYR B 40 28.92 12.38 -23.28
CA TYR B 40 28.03 11.58 -24.12
C TYR B 40 27.70 10.30 -23.38
N THR B 41 26.52 9.72 -23.68
CA THR B 41 26.24 8.32 -23.35
C THR B 41 26.22 7.52 -24.67
N ILE B 42 26.65 6.26 -24.55
CA ILE B 42 26.97 5.39 -25.67
C ILE B 42 26.36 4.03 -25.39
N GLU B 43 25.55 3.51 -26.31
CA GLU B 43 25.03 2.15 -26.15
C GLU B 43 25.52 1.29 -27.32
N LEU B 44 26.07 0.11 -27.01
CA LEU B 44 26.64 -0.77 -28.02
C LEU B 44 25.69 -1.94 -28.23
N SER B 45 25.95 -2.70 -29.30
CA SER B 45 25.06 -3.78 -29.74
C SER B 45 25.03 -4.94 -28.73
N ASP B 46 26.03 -5.07 -27.83
CA ASP B 46 26.00 -6.09 -26.79
C ASP B 46 25.21 -5.64 -25.55
N GLY B 47 24.66 -4.42 -25.58
CA GLY B 47 23.76 -3.93 -24.53
C GLY B 47 24.46 -3.06 -23.46
N THR B 48 25.76 -2.84 -23.66
CA THR B 48 26.59 -2.07 -22.74
C THR B 48 26.40 -0.59 -23.01
N SER B 49 26.23 0.16 -21.93
CA SER B 49 26.14 1.58 -22.04
C SER B 49 27.13 2.17 -21.06
N PHE B 50 27.76 3.28 -21.46
CA PHE B 50 28.77 3.98 -20.67
C PHE B 50 28.84 5.44 -21.10
N SER B 51 29.43 6.28 -20.22
CA SER B 51 29.62 7.69 -20.51
C SER B 51 31.04 7.95 -21.01
N MET B 52 31.23 9.08 -21.72
CA MET B 52 32.56 9.65 -21.91
C MET B 52 32.49 11.18 -21.74
N TYR B 53 33.60 11.80 -21.33
CA TYR B 53 33.66 13.21 -20.96
C TYR B 53 34.58 13.98 -21.91
N ALA B 54 34.02 14.99 -22.59
CA ALA B 54 34.78 15.94 -23.39
C ALA B 54 35.28 17.08 -22.49
N GLN B 55 34.61 17.27 -21.34
CA GLN B 55 35.01 18.23 -20.33
C GLN B 55 35.33 17.55 -19.00
N ILE B 56 36.51 17.86 -18.44
CA ILE B 56 36.88 17.34 -17.13
C ILE B 56 36.58 18.39 -16.07
N ALA B 57 36.05 17.92 -14.94
CA ALA B 57 35.88 18.78 -13.79
C ALA B 57 37.22 19.38 -13.39
N ALA B 58 37.17 20.65 -12.98
CA ALA B 58 38.36 21.32 -12.48
C ALA B 58 38.92 20.50 -11.32
N LEU B 59 40.11 20.88 -10.92
CA LEU B 59 40.74 20.22 -9.80
C LEU B 59 40.61 21.13 -8.58
N GLU B 60 39.85 20.67 -7.59
CA GLU B 60 39.90 21.27 -6.26
C GLU B 60 41.14 22.14 -6.08
N GLY B 61 40.91 23.44 -5.85
CA GLY B 61 41.97 24.34 -5.40
C GLY B 61 41.69 25.81 -5.72
N GLY B 62 41.13 26.09 -6.91
CA GLY B 62 40.85 27.48 -7.33
C GLY B 62 41.65 27.94 -8.55
N GLY B 63 42.84 27.37 -8.77
CA GLY B 63 43.67 27.75 -9.91
C GLY B 63 42.84 27.93 -11.18
N GLU B 64 43.28 28.89 -12.00
CA GLU B 64 42.52 29.33 -13.16
C GLU B 64 43.22 28.92 -14.43
N ASP B 65 44.44 28.35 -14.34
CA ASP B 65 45.26 27.98 -15.47
C ASP B 65 45.01 26.52 -15.88
N VAL B 66 45.14 26.26 -17.19
CA VAL B 66 45.12 24.89 -17.70
C VAL B 66 46.42 24.22 -17.28
N VAL B 67 46.35 23.06 -16.59
CA VAL B 67 47.51 22.40 -16.00
C VAL B 67 47.53 20.92 -16.34
N TYR B 68 48.60 20.22 -15.94
CA TYR B 68 48.80 18.83 -16.26
C TYR B 68 47.86 17.91 -15.46
N SER B 69 47.27 16.95 -16.19
CA SER B 69 46.63 15.76 -15.67
C SER B 69 47.06 14.60 -16.57
N PRO B 70 47.33 13.39 -16.05
CA PRO B 70 47.73 12.28 -16.90
C PRO B 70 46.78 11.96 -18.04
N LYS B 71 47.36 11.39 -19.10
CA LYS B 71 46.64 11.05 -20.31
C LYS B 71 46.88 9.59 -20.63
N VAL B 72 45.95 8.75 -20.19
CA VAL B 72 45.98 7.34 -20.53
C VAL B 72 45.27 7.19 -21.87
N GLY B 73 46.03 6.63 -22.83
CA GLY B 73 45.55 6.38 -24.19
C GLY B 73 46.09 5.04 -24.70
N ALA B 74 46.02 4.84 -26.02
CA ALA B 74 46.44 3.61 -26.66
C ALA B 74 47.03 3.85 -28.05
N LYS B 75 48.15 3.16 -28.33
CA LYS B 75 48.71 3.00 -29.66
C LYS B 75 48.45 1.57 -30.14
N VAL B 76 48.78 1.34 -31.42
CA VAL B 76 48.94 0.03 -32.02
C VAL B 76 50.43 -0.29 -32.07
N GLU B 77 50.80 -1.56 -31.81
CA GLU B 77 52.14 -2.06 -32.15
C GLU B 77 52.03 -3.53 -32.58
N HIS B 78 52.56 -3.80 -33.79
CA HIS B 78 52.61 -5.13 -34.39
C HIS B 78 51.30 -5.86 -34.09
N ASP B 79 50.19 -5.19 -34.44
CA ASP B 79 48.86 -5.75 -34.49
C ASP B 79 48.17 -5.78 -33.13
N GLU B 80 48.72 -5.07 -32.13
CA GLU B 80 48.15 -5.10 -30.78
C GLU B 80 47.99 -3.69 -30.21
N TYR B 81 47.04 -3.54 -29.26
CA TYR B 81 46.84 -2.30 -28.53
C TYR B 81 47.49 -2.38 -27.15
N TYR B 82 48.32 -1.38 -26.82
CA TYR B 82 48.89 -1.27 -25.49
C TYR B 82 48.64 0.12 -24.92
N TRP B 83 48.54 0.21 -23.59
CA TRP B 83 48.27 1.45 -22.89
C TRP B 83 49.43 2.43 -23.04
N THR B 84 49.09 3.71 -23.27
CA THR B 84 50.03 4.82 -23.27
C THR B 84 49.78 5.75 -22.07
N LEU B 85 50.87 6.39 -21.64
CA LEU B 85 50.85 7.47 -20.67
C LEU B 85 51.60 8.68 -21.23
N ASP B 86 50.84 9.69 -21.65
CA ASP B 86 51.37 10.91 -22.23
C ASP B 86 52.18 10.61 -23.49
N ASP B 87 51.65 9.73 -24.33
CA ASP B 87 52.18 9.38 -25.66
C ASP B 87 53.53 8.64 -25.57
N VAL B 88 53.83 8.04 -24.41
CA VAL B 88 54.85 7.03 -24.30
C VAL B 88 54.18 5.78 -23.73
N TRP B 89 54.72 4.59 -24.00
CA TRP B 89 54.15 3.34 -23.51
C TRP B 89 53.88 3.45 -22.02
N LEU B 90 52.76 2.89 -21.55
CA LEU B 90 52.54 2.74 -20.11
C LEU B 90 53.25 1.46 -19.66
N THR B 91 54.16 1.64 -18.68
CA THR B 91 55.02 0.63 -18.05
C THR B 91 55.15 0.98 -16.56
N PHE B 92 55.48 0.00 -15.72
CA PHE B 92 55.54 0.22 -14.27
C PHE B 92 56.99 0.28 -13.80
N GLU B 93 57.30 -0.38 -12.68
CA GLU B 93 58.69 -0.59 -12.30
C GLU B 93 59.23 -1.73 -13.16
N ASN B 94 59.39 -1.42 -14.45
CA ASN B 94 59.83 -2.36 -15.47
C ASN B 94 59.79 -1.59 -16.79
N ASP B 95 60.20 -2.24 -17.87
CA ASP B 95 59.96 -1.69 -19.19
C ASP B 95 58.91 -2.52 -19.92
N GLU B 96 57.99 -3.11 -19.16
CA GLU B 96 56.99 -3.99 -19.72
C GLU B 96 55.75 -3.17 -20.11
N LYS B 97 55.45 -3.19 -21.42
CA LYS B 97 54.19 -2.70 -21.95
C LYS B 97 53.02 -3.47 -21.33
N VAL B 98 51.84 -2.86 -21.44
CA VAL B 98 50.64 -3.36 -20.81
C VAL B 98 49.55 -3.40 -21.87
N LYS B 99 49.02 -4.60 -22.16
CA LYS B 99 47.98 -4.73 -23.18
C LYS B 99 46.68 -4.13 -22.67
N VAL B 100 45.90 -3.56 -23.60
CA VAL B 100 44.59 -3.02 -23.28
C VAL B 100 43.66 -4.18 -22.90
N LEU B 101 43.73 -5.25 -23.70
CA LEU B 101 42.82 -6.38 -23.62
C LEU B 101 43.50 -7.52 -22.85
N ASP B 102 43.19 -7.56 -21.55
CA ASP B 102 43.73 -8.55 -20.63
C ASP B 102 42.57 -9.48 -20.26
N GLU B 103 42.16 -10.37 -21.18
CA GLU B 103 40.76 -10.80 -21.24
C GLU B 103 40.34 -11.77 -20.14
N ASN B 104 41.14 -11.87 -19.07
CA ASN B 104 40.67 -12.28 -17.76
C ASN B 104 39.92 -11.13 -17.08
N ASN B 105 40.55 -9.94 -17.00
CA ASN B 105 40.00 -8.80 -16.26
C ASN B 105 39.39 -7.77 -17.22
N THR B 106 38.75 -6.73 -16.63
CA THR B 106 38.64 -5.40 -17.21
C THR B 106 39.20 -4.37 -16.22
N VAL B 107 40.09 -4.78 -15.29
CA VAL B 107 40.89 -3.86 -14.48
C VAL B 107 41.67 -3.00 -15.48
N ALA B 108 41.25 -1.74 -15.61
CA ALA B 108 42.00 -0.76 -16.39
C ALA B 108 43.05 -0.12 -15.51
N PRO B 109 44.06 0.55 -16.08
CA PRO B 109 44.82 1.50 -15.30
C PRO B 109 43.89 2.47 -14.60
N ILE B 110 44.10 2.65 -13.29
CA ILE B 110 43.40 3.68 -12.54
C ILE B 110 44.34 4.85 -12.31
N VAL B 111 43.84 6.05 -12.62
CA VAL B 111 44.52 7.29 -12.28
C VAL B 111 43.94 7.84 -10.98
N ASP B 112 44.81 8.47 -10.16
CA ASP B 112 44.43 8.96 -8.84
C ASP B 112 45.41 10.05 -8.37
N ILE B 113 45.12 10.63 -7.18
CA ILE B 113 45.99 11.54 -6.48
C ILE B 113 46.18 11.01 -5.06
N ASN B 114 47.42 10.70 -4.66
CA ASN B 114 47.68 10.11 -3.35
C ASN B 114 47.60 11.20 -2.27
N THR B 115 48.00 10.86 -1.04
CA THR B 115 47.79 11.69 0.14
C THR B 115 48.93 12.70 0.33
N ASP B 116 50.03 12.53 -0.42
CA ASP B 116 51.05 13.55 -0.56
C ASP B 116 50.74 14.48 -1.75
N GLY B 117 49.59 14.27 -2.41
CA GLY B 117 49.12 15.17 -3.45
C GLY B 117 49.84 15.01 -4.80
N TYR B 118 50.30 13.77 -5.10
CA TYR B 118 50.92 13.44 -6.39
C TYR B 118 49.96 12.56 -7.20
N TRP B 119 49.91 12.74 -8.53
CA TRP B 119 49.20 11.82 -9.41
C TRP B 119 49.79 10.41 -9.29
N THR B 120 48.94 9.41 -9.47
CA THR B 120 49.38 8.01 -9.49
C THR B 120 48.64 7.21 -10.56
N VAL B 121 49.19 6.03 -10.86
CA VAL B 121 48.59 5.10 -11.80
C VAL B 121 48.80 3.68 -11.28
N LYS B 122 47.71 2.91 -11.22
CA LYS B 122 47.72 1.56 -10.66
C LYS B 122 47.25 0.60 -11.74
N TYR B 123 47.89 -0.57 -11.81
CA TYR B 123 47.42 -1.62 -12.69
C TYR B 123 47.49 -2.95 -11.94
N GLY B 124 46.35 -3.33 -11.36
CA GLY B 124 46.32 -4.35 -10.32
C GLY B 124 47.16 -3.92 -9.11
N THR B 125 48.07 -4.79 -8.67
CA THR B 125 48.83 -4.52 -7.46
C THR B 125 49.98 -3.56 -7.74
N LYS B 126 50.37 -3.41 -9.02
CA LYS B 126 51.49 -2.56 -9.40
C LYS B 126 51.05 -1.10 -9.42
N SER B 127 52.03 -0.19 -9.29
CA SER B 127 51.76 1.19 -8.93
C SER B 127 52.93 2.10 -9.27
N ARG B 128 52.61 3.33 -9.66
CA ARG B 128 53.57 4.26 -10.24
C ARG B 128 53.21 5.69 -9.86
N THR B 129 54.17 6.38 -9.22
CA THR B 129 54.00 7.76 -8.82
C THR B 129 54.54 8.67 -9.92
N LEU B 130 53.76 9.72 -10.20
CA LEU B 130 54.03 10.68 -11.25
C LEU B 130 54.18 12.06 -10.60
N ASP B 131 53.82 13.12 -11.32
CA ASP B 131 54.11 14.50 -10.94
C ASP B 131 53.20 14.95 -9.82
N LYS B 132 53.58 16.07 -9.16
CA LYS B 132 52.71 16.73 -8.19
C LYS B 132 51.46 17.28 -8.88
N ALA B 133 50.27 16.96 -8.37
CA ALA B 133 49.05 17.58 -8.88
C ALA B 133 49.02 19.03 -8.41
N VAL B 134 48.35 19.86 -9.19
CA VAL B 134 48.33 21.30 -9.01
C VAL B 134 46.91 21.76 -9.33
N SER B 135 46.39 22.70 -8.55
CA SER B 135 45.06 23.23 -8.81
C SER B 135 44.98 23.84 -10.23
N GLY B 136 43.92 23.51 -10.98
CA GLY B 136 43.74 24.10 -12.28
C GLY B 136 42.62 23.46 -13.09
N LYS B 137 42.35 24.06 -14.26
CA LYS B 137 41.42 23.47 -15.23
C LYS B 137 42.22 22.36 -15.92
N LEU B 138 41.56 21.25 -16.28
CA LEU B 138 42.22 20.13 -16.94
C LEU B 138 41.58 19.86 -18.28
N THR B 139 42.31 19.10 -19.11
CA THR B 139 41.89 18.79 -20.47
C THR B 139 41.65 17.28 -20.56
N SER B 140 40.62 16.92 -21.34
CA SER B 140 40.19 15.54 -21.48
C SER B 140 41.11 14.78 -22.45
N GLN B 141 41.19 13.46 -22.29
CA GLN B 141 41.87 12.61 -23.24
C GLN B 141 41.00 12.40 -24.48
N PHE B 142 39.70 12.73 -24.38
CA PHE B 142 38.75 12.44 -25.45
C PHE B 142 38.14 13.73 -26.00
N LYS B 143 37.98 13.79 -27.33
CA LYS B 143 37.69 15.02 -28.06
C LYS B 143 36.19 15.09 -28.35
N GLN B 144 35.66 14.09 -29.05
CA GLN B 144 34.24 14.03 -29.41
C GLN B 144 33.94 12.73 -30.15
N VAL B 145 32.65 12.57 -30.51
CA VAL B 145 32.20 11.47 -31.35
C VAL B 145 31.25 12.04 -32.40
N SER B 146 31.52 11.73 -33.67
CA SER B 146 30.64 12.12 -34.76
C SER B 146 30.22 10.87 -35.54
N THR B 147 29.21 11.07 -36.42
CA THR B 147 28.72 10.04 -37.32
C THR B 147 29.13 10.37 -38.76
N ILE B 148 29.73 9.37 -39.43
CA ILE B 148 30.31 9.50 -40.75
C ILE B 148 29.43 8.74 -41.74
N GLY B 149 28.92 9.46 -42.74
CA GLY B 149 27.91 8.94 -43.65
C GLY B 149 26.58 8.69 -42.93
N ASP B 150 26.02 7.50 -43.14
CA ASP B 150 25.00 6.98 -42.24
C ASP B 150 25.37 5.54 -41.91
N GLU B 151 26.67 5.20 -42.01
CA GLU B 151 27.17 3.84 -41.82
C GLU B 151 28.04 3.73 -40.57
N SER B 152 28.97 4.69 -40.43
CA SER B 152 30.10 4.62 -39.52
C SER B 152 29.88 5.58 -38.35
N VAL B 153 30.56 5.33 -37.21
CA VAL B 153 30.63 6.28 -36.11
C VAL B 153 32.08 6.35 -35.58
N SER B 154 32.59 7.57 -35.41
CA SER B 154 33.99 7.80 -35.08
C SER B 154 34.12 8.43 -33.70
N PHE B 155 35.02 7.86 -32.89
CA PHE B 155 35.49 8.43 -31.62
C PHE B 155 36.92 8.98 -31.79
N THR B 156 37.09 10.27 -31.48
CA THR B 156 38.32 11.01 -31.74
C THR B 156 38.95 11.41 -30.42
N PHE B 157 40.27 11.27 -30.28
CA PHE B 157 40.90 11.60 -29.01
C PHE B 157 41.74 12.87 -29.19
N THR B 158 42.38 13.32 -28.11
CA THR B 158 43.10 14.58 -28.11
C THR B 158 44.59 14.31 -28.07
N ASP B 159 44.99 13.02 -27.97
CA ASP B 159 46.30 12.67 -27.46
C ASP B 159 47.14 11.84 -28.41
N ARG B 160 46.65 11.47 -29.60
CA ARG B 160 47.45 10.76 -30.62
C ARG B 160 47.17 9.26 -30.61
N THR B 161 46.41 8.78 -29.62
CA THR B 161 45.61 7.59 -29.80
C THR B 161 44.94 7.69 -31.16
N PRO B 162 44.94 6.64 -32.00
CA PRO B 162 44.32 6.73 -33.31
C PRO B 162 42.81 6.99 -33.18
N VAL B 163 42.17 7.34 -34.30
CA VAL B 163 40.72 7.37 -34.40
C VAL B 163 40.21 5.92 -34.33
N ILE B 164 38.99 5.77 -33.82
CA ILE B 164 38.35 4.47 -33.72
C ILE B 164 36.97 4.51 -34.35
N GLU B 165 36.80 3.75 -35.44
CA GLU B 165 35.53 3.66 -36.14
C GLU B 165 34.80 2.37 -35.75
N LEU B 166 33.49 2.47 -35.56
CA LEU B 166 32.64 1.31 -35.34
C LEU B 166 31.44 1.46 -36.26
N ASN B 167 30.80 0.35 -36.61
CA ASN B 167 29.58 0.39 -37.40
C ASN B 167 28.46 1.03 -36.58
N LEU B 168 27.52 1.70 -37.27
CA LEU B 168 26.25 2.09 -36.67
C LEU B 168 25.19 1.00 -36.90
N PHE B 169 24.25 0.85 -35.95
CA PHE B 169 23.30 -0.24 -35.98
C PHE B 169 22.00 0.17 -36.66
N LYS B 170 21.57 -0.66 -37.63
CA LYS B 170 20.21 -0.66 -38.15
C LYS B 170 19.65 -2.06 -37.95
N GLY B 171 18.37 -2.16 -37.54
CA GLY B 171 17.68 -3.44 -37.45
C GLY B 171 16.85 -3.72 -38.71
N ASP B 172 16.44 -4.98 -38.90
CA ASP B 172 15.48 -5.33 -39.94
C ASP B 172 14.05 -5.11 -39.42
N ASN B 173 13.92 -4.26 -38.39
CA ASN B 173 12.65 -3.80 -37.84
C ASN B 173 12.02 -2.76 -38.78
N PRO B 174 10.77 -2.94 -39.26
CA PRO B 174 10.20 -2.05 -40.28
C PRO B 174 9.96 -0.63 -39.76
N GLU B 175 10.43 0.36 -40.54
CA GLU B 175 10.30 1.76 -40.17
C GLU B 175 8.84 2.15 -40.09
N ILE B 176 8.50 2.99 -39.11
CA ILE B 176 7.13 3.47 -38.95
C ILE B 176 7.01 4.85 -39.58
N PRO B 177 6.18 5.06 -40.61
CA PRO B 177 6.16 6.35 -41.28
C PRO B 177 5.60 7.42 -40.36
N PRO B 178 6.26 8.60 -40.24
CA PRO B 178 5.84 9.61 -39.28
C PRO B 178 4.60 10.34 -39.77
N VAL B 179 4.03 11.17 -38.90
CA VAL B 179 2.83 11.94 -39.22
C VAL B 179 3.21 13.35 -39.67
N THR B 180 2.74 13.74 -40.86
CA THR B 180 3.08 15.04 -41.44
C THR B 180 1.86 15.72 -42.07
N GLY B 181 2.05 16.94 -42.61
CA GLY B 181 1.03 17.67 -43.34
C GLY B 181 0.21 18.61 -42.44
N ALA B 182 -1.10 18.33 -42.33
CA ALA B 182 -1.97 18.99 -41.39
C ALA B 182 -1.44 19.00 -39.96
N LEU B 183 -1.85 20.03 -39.21
CA LEU B 183 -1.76 20.07 -37.76
C LEU B 183 -2.19 18.73 -37.15
N ARG B 184 -1.42 18.25 -36.18
CA ARG B 184 -1.66 16.92 -35.61
C ARG B 184 -2.90 16.92 -34.71
N ARG B 185 -3.04 18.00 -33.93
CA ARG B 185 -4.11 18.16 -32.96
C ARG B 185 -4.52 19.63 -32.98
N PRO B 186 -5.48 20.00 -33.87
CA PRO B 186 -5.91 21.39 -34.00
C PRO B 186 -6.35 21.98 -32.67
N ILE B 187 -6.16 23.30 -32.52
CA ILE B 187 -6.66 24.05 -31.37
C ILE B 187 -7.53 25.20 -31.87
N SER B 188 -8.70 25.40 -31.23
CA SER B 188 -9.60 26.50 -31.56
C SER B 188 -10.57 26.69 -30.41
N PRO B 189 -11.51 27.65 -30.46
CA PRO B 189 -12.48 27.80 -29.40
C PRO B 189 -13.31 26.54 -29.18
N GLU B 190 -13.53 25.83 -30.29
CA GLU B 190 -14.28 24.59 -30.30
C GLU B 190 -13.43 23.48 -29.72
N GLN B 191 -12.11 23.63 -29.73
CA GLN B 191 -11.21 22.57 -29.36
C GLN B 191 -10.05 23.14 -28.54
N PRO B 192 -10.34 23.65 -27.34
CA PRO B 192 -9.32 24.27 -26.51
C PRO B 192 -8.36 23.25 -25.91
N ALA B 193 -7.25 23.76 -25.37
CA ALA B 193 -6.20 22.94 -24.80
C ALA B 193 -5.89 23.36 -23.38
N TRP B 194 -5.64 22.36 -22.53
CA TRP B 194 -5.08 22.52 -21.21
C TRP B 194 -3.73 21.81 -21.19
N PHE B 195 -2.67 22.57 -20.91
CA PHE B 195 -1.34 22.00 -20.74
C PHE B 195 -1.17 21.63 -19.27
N VAL B 196 -1.16 20.32 -18.98
CA VAL B 196 -0.99 19.82 -17.63
C VAL B 196 0.44 19.29 -17.58
N HIS B 197 1.19 19.63 -16.50
CA HIS B 197 2.62 19.35 -16.46
C HIS B 197 2.92 18.01 -15.80
N ILE B 198 3.65 17.16 -16.52
CA ILE B 198 4.43 16.12 -15.87
C ILE B 198 5.76 16.78 -15.53
N ASP B 199 6.06 16.94 -14.22
CA ASP B 199 7.07 17.90 -13.81
C ASP B 199 8.26 17.19 -13.17
N SER B 200 9.47 17.48 -13.64
CA SER B 200 10.69 16.99 -13.01
C SER B 200 10.73 17.29 -11.51
N TRP B 201 10.14 18.40 -11.08
CA TRP B 201 10.06 18.73 -9.66
C TRP B 201 9.13 17.79 -8.86
N ASN B 202 8.15 17.12 -9.49
CA ASN B 202 7.31 16.13 -8.83
C ASN B 202 8.00 14.76 -8.81
N TYR B 203 9.15 14.65 -9.49
CA TYR B 203 9.84 13.37 -9.61
C TYR B 203 8.86 12.32 -10.13
N ALA B 204 8.08 12.72 -11.14
CA ALA B 204 6.88 12.02 -11.58
C ALA B 204 7.16 10.61 -12.12
N ASP B 205 6.18 9.75 -11.84
CA ASP B 205 5.74 8.70 -12.73
C ASP B 205 4.70 9.29 -13.68
N PRO B 206 5.03 9.50 -14.99
CA PRO B 206 4.08 10.08 -15.92
C PRO B 206 2.71 9.42 -15.87
N GLN B 207 2.72 8.10 -15.73
CA GLN B 207 1.53 7.26 -15.74
C GLN B 207 0.54 7.70 -14.67
N LYS B 208 1.06 8.23 -13.55
CA LYS B 208 0.23 8.50 -12.39
C LYS B 208 -0.24 9.94 -12.39
N ILE B 209 0.50 10.81 -13.07
CA ILE B 209 0.00 12.14 -13.34
C ILE B 209 -1.09 12.12 -14.41
N ILE B 210 -0.89 11.33 -15.46
CA ILE B 210 -1.91 11.17 -16.50
C ILE B 210 -3.22 10.71 -15.86
N ASP B 211 -3.15 9.70 -14.99
CA ASP B 211 -4.34 9.11 -14.41
C ASP B 211 -5.02 10.03 -13.38
N LEU B 212 -4.35 11.07 -12.90
CA LEU B 212 -4.98 12.04 -12.03
C LEU B 212 -5.92 12.96 -12.81
N ILE B 213 -5.87 12.90 -14.15
CA ILE B 213 -6.74 13.71 -15.00
C ILE B 213 -7.94 12.89 -15.43
N PRO B 214 -9.17 13.33 -15.13
CA PRO B 214 -10.36 12.56 -15.45
C PRO B 214 -10.63 12.43 -16.96
N ALA B 215 -11.40 11.41 -17.36
CA ALA B 215 -11.59 11.00 -18.76
C ALA B 215 -12.25 12.09 -19.64
N ASP B 216 -13.14 12.90 -19.05
CA ASP B 216 -13.82 13.93 -19.80
C ASP B 216 -12.84 15.05 -20.17
N ILE B 217 -11.80 15.28 -19.34
CA ILE B 217 -10.83 16.34 -19.55
C ILE B 217 -9.68 15.86 -20.44
N ARG B 218 -9.31 14.56 -20.30
CA ARG B 218 -8.11 14.00 -20.89
C ARG B 218 -7.98 14.37 -22.37
N PRO B 219 -9.04 14.15 -23.19
CA PRO B 219 -8.95 14.43 -24.61
C PRO B 219 -8.63 15.88 -24.94
N PHE B 220 -9.01 16.84 -24.08
CA PHE B 220 -8.69 18.24 -24.30
C PHE B 220 -7.31 18.61 -23.74
N THR B 221 -6.63 17.65 -23.10
CA THR B 221 -5.38 17.93 -22.40
C THR B 221 -4.20 17.73 -23.35
N ILE B 222 -3.15 18.53 -23.12
CA ILE B 222 -1.85 18.30 -23.74
C ILE B 222 -0.80 18.19 -22.63
N PHE B 223 -0.30 16.98 -22.38
CA PHE B 223 0.62 16.75 -21.27
C PHE B 223 1.96 17.44 -21.54
N ASN B 224 2.38 18.30 -20.60
CA ASN B 224 3.58 19.13 -20.77
C ASN B 224 4.74 18.60 -19.93
N ILE B 225 5.73 18.03 -20.63
CA ILE B 225 6.86 17.33 -20.02
C ILE B 225 7.95 18.34 -19.65
N SER B 226 8.06 18.64 -18.35
CA SER B 226 8.82 19.78 -17.81
C SER B 226 10.23 19.36 -17.40
N LEU B 227 11.23 19.90 -18.10
CA LEU B 227 12.63 19.78 -17.74
C LEU B 227 13.02 21.04 -16.95
N SER B 228 13.50 20.80 -15.74
CA SER B 228 14.05 21.90 -14.96
C SER B 228 15.40 22.29 -15.52
N VAL B 229 15.66 23.60 -15.63
CA VAL B 229 16.96 24.07 -16.03
C VAL B 229 17.81 24.37 -14.80
N SER B 230 17.45 23.79 -13.64
CA SER B 230 18.32 23.87 -12.47
C SER B 230 19.66 23.20 -12.76
N HIS B 231 20.74 23.95 -12.48
CA HIS B 231 22.10 23.57 -12.85
C HIS B 231 23.12 24.15 -11.87
N ASP B 232 24.29 23.50 -11.79
CA ASP B 232 25.47 23.88 -11.01
C ASP B 232 26.15 25.07 -11.69
N GLU B 233 26.22 26.26 -11.03
CA GLU B 233 26.52 27.48 -11.77
C GLU B 233 27.94 27.37 -12.37
N ALA B 234 28.87 26.71 -11.66
CA ALA B 234 30.27 26.60 -12.07
C ALA B 234 30.45 25.77 -13.35
N THR B 235 30.01 24.50 -13.34
CA THR B 235 30.26 23.57 -14.42
C THR B 235 29.20 23.70 -15.52
N GLY B 236 27.98 24.15 -15.17
CA GLY B 236 26.85 24.22 -16.08
C GLY B 236 25.88 23.03 -15.99
N ILE B 237 26.25 21.97 -15.27
CA ILE B 237 25.60 20.68 -15.42
C ILE B 237 24.25 20.67 -14.72
N TYR B 238 23.25 20.08 -15.42
CA TYR B 238 21.89 20.02 -14.92
C TYR B 238 21.80 18.96 -13.83
N ASN B 239 21.10 19.28 -12.72
CA ASN B 239 20.89 18.36 -11.61
C ASN B 239 19.47 17.76 -11.58
N VAL B 240 18.48 18.63 -11.38
CA VAL B 240 17.13 18.18 -11.10
C VAL B 240 16.72 17.23 -12.22
N SER B 241 16.89 17.73 -13.47
CA SER B 241 16.65 16.98 -14.69
C SER B 241 17.98 16.63 -15.35
N GLU B 242 18.83 15.84 -14.66
CA GLU B 242 20.17 15.52 -15.13
C GLU B 242 20.18 15.08 -16.61
N TYR B 243 19.36 14.09 -16.97
CA TYR B 243 19.42 13.59 -18.34
C TYR B 243 18.11 13.93 -19.03
N GLY B 244 18.01 15.18 -19.49
CA GLY B 244 16.78 15.78 -20.00
C GLY B 244 16.22 14.96 -21.16
N TYR B 245 17.07 14.66 -22.14
CA TYR B 245 16.67 13.81 -23.25
C TYR B 245 16.07 12.52 -22.72
N GLU B 246 16.73 11.89 -21.77
CA GLU B 246 16.27 10.59 -21.27
C GLU B 246 14.97 10.71 -20.47
N ILE B 247 14.73 11.83 -19.78
CA ILE B 247 13.44 12.06 -19.16
C ILE B 247 12.42 12.17 -20.28
N ALA B 248 12.55 13.24 -21.05
CA ALA B 248 11.63 13.47 -22.14
C ALA B 248 11.32 12.17 -22.89
N LYS B 249 12.34 11.36 -23.17
CA LYS B 249 12.15 10.18 -24.01
C LYS B 249 11.21 9.22 -23.29
N SER B 250 11.58 8.94 -22.04
CA SER B 250 10.88 7.97 -21.22
C SER B 250 9.43 8.42 -21.03
N TRP B 251 9.23 9.70 -20.66
CA TRP B 251 7.87 10.14 -20.35
C TRP B 251 7.04 10.33 -21.61
N LEU B 252 7.71 10.54 -22.73
CA LEU B 252 7.03 10.72 -23.98
C LEU B 252 6.49 9.38 -24.48
N ARG B 253 7.25 8.32 -24.22
CA ARG B 253 6.77 6.97 -24.51
C ARG B 253 5.57 6.63 -23.62
N THR B 254 5.60 6.93 -22.31
CA THR B 254 4.43 6.56 -21.53
C THR B 254 3.23 7.37 -22.04
N CYS B 255 3.38 8.66 -22.34
CA CYS B 255 2.27 9.40 -22.96
C CYS B 255 1.77 8.64 -24.18
N ALA B 256 2.67 8.24 -25.08
CA ALA B 256 2.29 7.63 -26.34
C ALA B 256 1.57 6.30 -26.12
N GLU B 257 1.95 5.63 -25.03
CA GLU B 257 1.34 4.36 -24.67
C GLU B 257 -0.12 4.58 -24.28
N ASN B 258 -0.36 5.67 -23.55
CA ASN B 258 -1.69 6.03 -23.04
C ASN B 258 -2.48 6.84 -24.08
N ASN B 259 -1.95 7.01 -25.30
CA ASN B 259 -2.72 7.60 -26.38
C ASN B 259 -3.15 9.04 -26.05
N VAL B 260 -2.22 9.88 -25.56
CA VAL B 260 -2.56 11.23 -25.12
C VAL B 260 -1.51 12.22 -25.62
N TRP B 261 -1.97 13.47 -25.85
CA TRP B 261 -1.18 14.46 -26.55
C TRP B 261 -0.10 14.95 -25.62
N ALA B 262 1.09 15.26 -26.14
CA ALA B 262 2.19 15.72 -25.31
C ALA B 262 3.05 16.76 -26.03
N MET B 263 3.75 17.59 -25.22
CA MET B 263 4.81 18.46 -25.69
C MET B 263 6.00 18.33 -24.74
N VAL B 264 7.13 18.92 -25.08
CA VAL B 264 8.31 18.83 -24.22
C VAL B 264 8.68 20.25 -23.89
N GLN B 265 8.98 20.55 -22.61
CA GLN B 265 9.43 21.87 -22.21
C GLN B 265 10.92 21.80 -21.85
N PRO B 266 11.87 22.15 -22.76
CA PRO B 266 13.30 21.98 -22.50
C PRO B 266 14.05 23.23 -22.05
N SER B 267 13.37 24.37 -21.99
CA SER B 267 13.98 25.63 -21.65
C SER B 267 13.12 26.46 -20.70
N SER B 268 13.82 27.18 -19.84
CA SER B 268 13.28 28.34 -19.15
C SER B 268 14.35 29.42 -19.30
N GLY B 269 13.96 30.55 -19.89
CA GLY B 269 14.92 31.53 -20.33
C GLY B 269 15.93 30.90 -21.31
N GLY B 270 17.17 31.35 -21.23
CA GLY B 270 18.17 30.96 -22.22
C GLY B 270 18.63 29.52 -22.04
N PHE B 271 18.62 29.05 -20.80
CA PHE B 271 18.98 27.69 -20.52
C PHE B 271 18.04 26.76 -21.28
N SER B 272 18.62 25.71 -21.85
CA SER B 272 17.88 24.68 -22.53
C SER B 272 18.66 23.37 -22.48
N HIS B 273 18.00 22.22 -22.27
CA HIS B 273 18.73 20.97 -22.28
C HIS B 273 19.22 20.61 -23.69
N PHE B 274 18.63 21.20 -24.73
CA PHE B 274 19.01 20.89 -26.09
C PHE B 274 19.60 22.12 -26.80
N LYS B 275 20.55 21.82 -27.71
CA LYS B 275 21.37 22.82 -28.37
C LYS B 275 20.53 23.59 -29.38
N ASP B 276 20.76 24.89 -29.47
CA ASP B 276 20.05 25.72 -30.44
C ASP B 276 20.75 25.59 -31.81
N VAL B 277 19.96 25.68 -32.89
CA VAL B 277 20.45 25.57 -34.26
C VAL B 277 20.45 26.98 -34.87
N SER B 278 21.14 27.14 -36.02
CA SER B 278 20.98 28.36 -36.79
C SER B 278 20.67 28.07 -38.26
N LEU B 279 20.55 26.79 -38.63
CA LEU B 279 20.17 26.42 -39.99
C LEU B 279 19.24 25.21 -40.01
N TYR B 280 18.28 25.26 -40.94
CA TYR B 280 17.26 24.24 -40.99
C TYR B 280 17.91 22.91 -41.34
N SER B 281 19.06 22.93 -42.04
CA SER B 281 19.72 21.70 -42.48
C SER B 281 20.09 20.84 -41.28
N GLN B 282 20.39 21.45 -40.14
CA GLN B 282 20.97 20.74 -39.03
C GLN B 282 20.03 19.66 -38.50
N PHE B 283 18.73 19.73 -38.79
CA PHE B 283 17.79 18.83 -38.14
C PHE B 283 18.00 17.40 -38.66
N GLU B 284 18.64 17.27 -39.85
CA GLU B 284 18.96 15.97 -40.40
C GLU B 284 20.47 15.75 -40.54
N SER B 285 21.25 16.83 -40.65
CA SER B 285 22.66 16.68 -40.93
C SER B 285 23.55 16.75 -39.69
N ASP B 286 23.05 17.28 -38.54
CA ASP B 286 23.87 17.56 -37.37
C ASP B 286 23.65 16.56 -36.23
N ASP B 287 24.73 15.84 -35.87
CA ASP B 287 24.64 14.82 -34.82
C ASP B 287 24.50 15.46 -33.44
N LYS B 288 24.44 16.77 -33.37
CA LYS B 288 24.33 17.42 -32.07
C LYS B 288 22.88 17.82 -31.77
N VAL B 289 21.96 17.72 -32.74
CA VAL B 289 20.60 18.19 -32.49
C VAL B 289 19.53 17.23 -33.04
N ARG B 290 19.78 15.93 -32.89
CA ARG B 290 18.90 14.91 -33.42
C ARG B 290 17.54 14.99 -32.74
N VAL B 291 17.51 15.44 -31.49
CA VAL B 291 16.35 15.31 -30.63
C VAL B 291 15.13 15.98 -31.25
N TYR B 292 15.32 17.08 -31.98
CA TYR B 292 14.21 17.78 -32.58
C TYR B 292 13.51 16.86 -33.58
N ASP B 293 14.21 16.34 -34.61
CA ASP B 293 13.52 15.46 -35.56
C ASP B 293 12.95 14.23 -34.87
N GLU B 294 13.74 13.61 -33.98
CA GLU B 294 13.43 12.34 -33.34
C GLU B 294 12.05 12.33 -32.63
N PHE B 295 11.74 13.41 -31.92
CA PHE B 295 10.49 13.44 -31.17
C PHE B 295 9.30 13.51 -32.12
N PHE B 296 9.46 14.20 -33.25
CA PHE B 296 8.37 14.27 -34.22
C PHE B 296 8.30 12.97 -35.03
N ARG B 297 9.46 12.39 -35.30
CA ARG B 297 9.54 11.25 -36.20
C ARG B 297 8.88 10.03 -35.56
N GLU B 298 9.09 9.80 -34.25
CA GLU B 298 8.84 8.51 -33.63
C GLU B 298 7.53 8.48 -32.84
N TYR B 299 7.08 9.67 -32.41
CA TYR B 299 5.97 9.80 -31.47
C TYR B 299 4.81 10.57 -32.10
N PRO B 300 3.75 9.89 -32.59
CA PRO B 300 2.69 10.59 -33.28
C PRO B 300 1.87 11.51 -32.38
N ASN B 301 2.03 11.40 -31.05
CA ASN B 301 1.33 12.26 -30.10
C ASN B 301 2.18 13.48 -29.71
N PHE B 302 3.40 13.62 -30.24
CA PHE B 302 4.23 14.73 -29.83
C PHE B 302 3.88 15.98 -30.64
N LEU B 303 3.54 17.08 -29.98
CA LEU B 303 3.13 18.27 -30.71
C LEU B 303 4.26 19.28 -30.78
N GLY B 304 5.34 19.10 -30.00
CA GLY B 304 6.48 19.99 -30.15
C GLY B 304 6.96 20.53 -28.81
N PHE B 305 7.58 21.72 -28.85
CA PHE B 305 8.46 22.20 -27.80
C PHE B 305 8.01 23.53 -27.21
N ASN B 306 8.03 23.58 -25.87
CA ASN B 306 7.61 24.75 -25.07
C ASN B 306 8.86 25.41 -24.46
N TYR B 307 9.12 26.64 -24.94
CA TYR B 307 10.21 27.46 -24.45
C TYR B 307 9.53 28.49 -23.55
N CYS B 308 9.51 28.24 -22.24
CA CYS B 308 8.71 29.05 -21.32
C CYS B 308 9.59 30.10 -20.67
N ALA B 309 8.95 31.20 -20.28
CA ALA B 309 9.60 32.25 -19.49
C ALA B 309 10.81 32.82 -20.22
N GLN B 310 10.65 33.17 -21.50
CA GLN B 310 11.77 33.64 -22.31
C GLN B 310 12.05 35.11 -22.03
N PHE B 311 12.54 35.41 -20.81
CA PHE B 311 12.85 36.77 -20.38
C PHE B 311 14.12 36.86 -19.52
N TRP B 312 14.79 35.73 -19.27
CA TRP B 312 15.92 35.68 -18.32
C TRP B 312 16.92 34.63 -18.79
N GLY B 313 18.12 34.69 -18.18
CA GLY B 313 19.13 33.66 -18.38
C GLY B 313 19.82 33.72 -19.74
N TYR B 314 19.83 34.87 -20.42
CA TYR B 314 20.51 35.01 -21.70
C TYR B 314 21.95 35.51 -21.52
N ASP B 315 22.79 35.18 -22.52
CA ASP B 315 24.17 35.58 -22.58
C ASP B 315 24.96 35.02 -21.38
N ASP B 316 24.44 33.97 -20.72
CA ASP B 316 25.18 33.27 -19.68
C ASP B 316 26.36 32.57 -20.32
N GLN B 317 27.26 32.09 -19.47
CA GLN B 317 28.35 31.27 -19.92
C GLN B 317 27.81 29.97 -20.51
N PHE B 318 26.64 29.51 -20.02
CA PHE B 318 26.07 28.23 -20.43
C PHE B 318 24.68 28.39 -21.05
N SER B 319 24.42 29.56 -21.62
CA SER B 319 23.17 29.76 -22.33
C SER B 319 23.50 30.28 -23.73
N VAL B 320 22.61 31.11 -24.26
CA VAL B 320 22.75 31.65 -25.59
C VAL B 320 22.21 33.07 -25.52
N SER B 321 22.52 33.87 -26.56
CA SER B 321 21.93 35.19 -26.67
C SER B 321 20.47 35.03 -27.11
N TRP B 322 19.66 36.01 -26.73
CA TRP B 322 18.26 35.95 -27.09
C TRP B 322 18.11 36.02 -28.61
N LEU B 323 18.98 36.79 -29.26
CA LEU B 323 19.00 36.78 -30.71
C LEU B 323 19.20 35.37 -31.25
N GLN B 324 20.20 34.65 -30.74
CA GLN B 324 20.48 33.32 -31.28
C GLN B 324 19.29 32.40 -31.03
N ARG B 325 18.49 32.70 -30.01
CA ARG B 325 17.31 31.90 -29.66
C ARG B 325 16.22 32.09 -30.71
N VAL B 326 15.88 33.35 -31.02
CA VAL B 326 14.91 33.68 -32.06
C VAL B 326 15.31 32.99 -33.35
N ALA B 327 16.59 33.06 -33.70
CA ALA B 327 17.14 32.34 -34.84
C ALA B 327 16.81 30.85 -34.78
N HIS B 328 16.98 30.25 -33.59
CA HIS B 328 16.66 28.84 -33.39
C HIS B 328 15.15 28.59 -33.60
N TRP B 329 14.32 29.54 -33.17
CA TRP B 329 12.89 29.44 -33.38
C TRP B 329 12.56 29.53 -34.87
N ASN B 330 13.35 30.35 -35.60
CA ASN B 330 13.11 30.48 -37.02
C ASN B 330 13.24 29.10 -37.64
N GLN B 331 14.31 28.34 -37.34
CA GLN B 331 14.46 27.00 -37.93
C GLN B 331 13.45 26.02 -37.34
N LEU B 332 13.32 26.02 -36.02
CA LEU B 332 12.45 25.07 -35.34
C LEU B 332 11.00 25.19 -35.81
N LEU B 333 10.58 26.40 -36.17
CA LEU B 333 9.19 26.61 -36.55
C LEU B 333 8.89 25.93 -37.88
N LYS B 334 9.81 26.05 -38.84
CA LYS B 334 9.74 25.33 -40.09
C LYS B 334 9.54 23.85 -39.80
N LEU B 335 10.44 23.28 -38.98
CA LEU B 335 10.39 21.85 -38.68
C LEU B 335 9.00 21.47 -38.15
N THR B 336 8.50 22.28 -37.19
CA THR B 336 7.22 22.14 -36.53
C THR B 336 6.11 22.11 -37.60
N HIS B 337 6.21 22.98 -38.60
CA HIS B 337 5.21 23.07 -39.64
C HIS B 337 5.23 21.82 -40.53
N LYS B 338 6.41 21.28 -40.80
CA LYS B 338 6.50 20.08 -41.61
C LYS B 338 5.72 18.94 -40.96
N TYR B 339 5.74 18.90 -39.62
CA TYR B 339 5.18 17.79 -38.85
C TYR B 339 3.80 18.09 -38.23
N GLY B 340 3.23 19.30 -38.43
CA GLY B 340 1.87 19.59 -37.94
C GLY B 340 1.83 19.96 -36.44
N GLY B 341 2.90 20.61 -35.97
CA GLY B 341 3.15 20.82 -34.55
C GLY B 341 2.84 22.25 -34.11
N TYR B 342 2.99 22.51 -32.81
CA TYR B 342 2.98 23.85 -32.27
C TYR B 342 4.36 24.14 -31.68
N LEU B 343 4.81 25.38 -31.84
CA LEU B 343 5.87 25.87 -31.00
C LEU B 343 5.28 26.89 -30.03
N VAL B 344 5.54 26.69 -28.75
CA VAL B 344 4.93 27.50 -27.71
C VAL B 344 5.98 28.42 -27.08
N VAL B 345 5.63 29.68 -26.90
CA VAL B 345 6.46 30.61 -26.17
C VAL B 345 5.61 31.35 -25.14
N SER B 346 6.20 31.64 -23.98
CA SER B 346 5.50 32.37 -22.93
C SER B 346 6.42 33.50 -22.45
N PHE B 347 5.83 34.68 -22.26
CA PHE B 347 6.57 35.85 -21.81
C PHE B 347 5.92 36.45 -20.56
N CYS B 348 6.77 36.72 -19.55
CA CYS B 348 6.49 37.63 -18.44
C CYS B 348 7.62 38.68 -18.39
N GLY B 349 7.32 39.86 -17.81
CA GLY B 349 8.10 41.05 -18.11
C GLY B 349 8.79 41.71 -16.92
N ASN B 350 9.89 42.42 -17.20
CA ASN B 350 10.40 43.50 -16.36
C ASN B 350 10.94 44.63 -17.24
N THR B 351 11.47 45.69 -16.60
CA THR B 351 11.99 46.83 -17.35
C THR B 351 13.22 46.44 -18.18
N TRP B 352 14.01 45.47 -17.68
CA TRP B 352 15.27 45.07 -18.29
C TRP B 352 15.10 44.19 -19.53
N SER B 353 13.85 43.74 -19.80
CA SER B 353 13.51 42.74 -20.80
C SER B 353 12.56 43.25 -21.88
N ALA B 354 12.42 44.58 -22.02
CA ALA B 354 11.60 45.21 -23.05
C ALA B 354 12.11 44.86 -24.46
N ASN B 355 13.44 44.79 -24.63
CA ASN B 355 14.04 44.57 -25.94
C ASN B 355 13.90 43.12 -26.40
N ILE B 356 13.34 42.21 -25.58
CA ILE B 356 13.21 40.80 -25.97
C ILE B 356 11.75 40.35 -25.87
N ASN B 357 10.82 41.31 -25.81
CA ASN B 357 9.40 41.01 -25.62
C ASN B 357 8.75 40.62 -26.96
N PRO B 358 7.45 40.29 -26.98
CA PRO B 358 6.79 39.89 -28.23
C PRO B 358 6.59 40.98 -29.29
N ILE B 359 6.89 42.24 -28.96
CA ILE B 359 7.01 43.26 -30.01
C ILE B 359 8.38 43.08 -30.65
N ALA B 360 9.41 43.19 -29.80
CA ALA B 360 10.78 43.17 -30.27
C ALA B 360 11.02 41.87 -31.02
N LEU B 361 10.32 40.81 -30.60
CA LEU B 361 10.46 39.51 -31.20
C LEU B 361 10.38 39.63 -32.72
N VAL B 362 9.35 40.33 -33.23
CA VAL B 362 9.11 40.39 -34.67
C VAL B 362 9.62 41.70 -35.25
N LYS B 363 9.88 42.69 -34.39
CA LYS B 363 10.26 44.03 -34.81
C LYS B 363 11.77 44.13 -34.99
N ARG B 364 12.54 43.31 -34.25
CA ARG B 364 14.00 43.30 -34.33
C ARG B 364 14.49 42.28 -35.37
N ASN B 365 13.77 41.19 -35.60
CA ASN B 365 14.23 40.09 -36.45
C ASN B 365 13.27 39.87 -37.64
N SER B 366 13.60 40.39 -38.83
CA SER B 366 12.61 40.35 -39.90
C SER B 366 12.53 38.99 -40.57
N ASP B 367 13.56 38.16 -40.43
CA ASP B 367 13.46 36.81 -40.98
C ASP B 367 12.52 35.99 -40.10
N PHE B 368 12.69 36.03 -38.79
CA PHE B 368 11.72 35.38 -37.93
C PHE B 368 10.29 35.84 -38.27
N ALA B 369 10.12 37.16 -38.37
CA ALA B 369 8.84 37.73 -38.75
C ALA B 369 8.20 37.03 -39.97
N GLN B 370 8.95 36.81 -41.06
CA GLN B 370 8.43 36.11 -42.24
C GLN B 370 7.97 34.71 -41.86
N THR B 371 8.87 33.95 -41.23
CA THR B 371 8.61 32.56 -40.94
C THR B 371 7.46 32.45 -39.95
N ALA B 372 7.32 33.44 -39.07
CA ALA B 372 6.19 33.46 -38.16
C ALA B 372 4.89 33.69 -38.91
N LYS B 373 4.86 34.75 -39.75
CA LYS B 373 3.70 35.18 -40.53
C LYS B 373 3.13 34.00 -41.32
N LEU B 374 4.07 33.28 -41.93
CA LEU B 374 3.82 32.30 -42.97
C LEU B 374 3.33 31.01 -42.37
N TYR B 375 3.80 30.71 -41.15
CA TYR B 375 3.40 29.50 -40.43
C TYR B 375 2.76 29.88 -39.09
N SER B 376 1.82 30.83 -39.09
CA SER B 376 1.27 31.30 -37.84
C SER B 376 0.50 30.17 -37.14
N GLU B 377 -0.19 29.33 -37.90
CA GLU B 377 -0.96 28.24 -37.33
C GLU B 377 -0.12 27.39 -36.38
N ASN B 378 1.21 27.40 -36.54
CA ASN B 378 2.10 26.50 -35.80
C ASN B 378 2.77 27.20 -34.61
N PHE B 379 2.43 28.47 -34.38
CA PHE B 379 3.09 29.22 -33.34
C PHE B 379 2.07 29.78 -32.37
N ILE B 380 2.32 29.60 -31.07
CA ILE B 380 1.40 29.98 -30.01
C ILE B 380 2.13 30.89 -29.03
N MET B 381 1.55 32.05 -28.75
CA MET B 381 2.13 32.99 -27.81
C MET B 381 1.27 33.07 -26.55
N CYS B 382 1.92 33.01 -25.37
CA CYS B 382 1.25 32.96 -24.08
C CYS B 382 1.76 34.01 -23.11
N GLU B 383 0.83 34.64 -22.36
CA GLU B 383 1.19 35.45 -21.21
C GLU B 383 1.50 34.53 -20.05
N LYS B 384 2.58 34.83 -19.33
CA LYS B 384 2.95 34.15 -18.08
C LYS B 384 2.77 35.13 -16.93
N TYR B 385 2.26 34.65 -15.78
CA TYR B 385 2.00 35.51 -14.63
C TYR B 385 3.06 35.35 -13.53
N THR B 386 4.35 35.30 -13.90
CA THR B 386 5.40 34.88 -12.99
C THR B 386 6.09 36.09 -12.34
N THR B 387 6.31 37.18 -13.11
CA THR B 387 6.96 38.37 -12.60
C THR B 387 6.03 39.18 -11.68
N GLN B 388 6.58 40.25 -11.10
CA GLN B 388 5.92 41.04 -10.07
C GLN B 388 5.22 42.29 -10.63
N SER B 389 5.40 42.59 -11.92
CA SER B 389 4.78 43.80 -12.47
C SER B 389 4.65 43.73 -13.99
N GLY B 390 3.83 44.67 -14.50
CA GLY B 390 3.69 44.95 -15.92
C GLY B 390 2.64 44.10 -16.61
N PHE B 391 1.69 43.53 -15.86
CA PHE B 391 0.79 42.49 -16.33
C PHE B 391 -0.11 42.97 -17.48
N PHE B 392 -0.57 44.23 -17.43
CA PHE B 392 -1.53 44.76 -18.41
C PHE B 392 -0.81 45.12 -19.72
N ASN B 393 0.44 45.59 -19.61
CA ASN B 393 1.37 45.81 -20.71
C ASN B 393 1.63 44.52 -21.50
N VAL B 394 2.06 43.49 -20.74
CA VAL B 394 2.39 42.17 -21.28
C VAL B 394 1.13 41.45 -21.81
N GLU B 395 -0.04 41.64 -21.19
CA GLU B 395 -1.28 41.04 -21.67
C GLU B 395 -1.62 41.63 -23.05
N GLY B 396 -1.62 42.95 -23.16
CA GLY B 396 -1.96 43.59 -24.42
C GLY B 396 -1.03 43.10 -25.53
N ILE B 397 0.27 42.95 -25.21
CA ILE B 397 1.26 42.66 -26.24
C ILE B 397 1.12 41.21 -26.72
N CYS B 398 0.98 40.28 -25.76
CA CYS B 398 0.81 38.86 -26.07
C CYS B 398 -0.49 38.64 -26.87
N LEU B 399 -1.55 39.38 -26.52
CA LEU B 399 -2.78 39.35 -27.29
C LEU B 399 -2.53 39.93 -28.70
N GLY B 400 -1.79 41.04 -28.76
CA GLY B 400 -1.54 41.71 -30.02
C GLY B 400 -0.83 40.80 -31.02
N THR B 401 0.13 40.00 -30.53
CA THR B 401 0.83 38.99 -31.31
C THR B 401 -0.17 38.13 -32.08
N TRP B 402 -1.19 37.59 -31.39
CA TRP B 402 -2.18 36.70 -32.02
C TRP B 402 -3.09 37.43 -33.03
N LEU B 403 -3.74 38.52 -32.59
CA LEU B 403 -4.66 39.27 -33.43
C LEU B 403 -3.94 39.79 -34.67
N SER B 404 -2.65 40.16 -34.53
CA SER B 404 -1.94 40.83 -35.63
C SER B 404 -1.58 39.83 -36.75
N GLY B 405 -1.51 38.54 -36.40
CA GLY B 405 -1.38 37.49 -37.37
C GLY B 405 -0.10 36.68 -37.21
N PHE B 406 0.72 36.95 -36.18
CA PHE B 406 2.06 36.38 -36.04
C PHE B 406 2.06 35.16 -35.10
N ALA B 407 0.97 34.95 -34.36
CA ALA B 407 0.74 33.68 -33.68
C ALA B 407 -0.67 33.18 -33.95
N GLY B 408 -0.85 31.86 -33.99
CA GLY B 408 -2.11 31.24 -34.40
C GLY B 408 -3.11 31.03 -33.26
N GLN B 409 -2.62 30.99 -32.01
CA GLN B 409 -3.46 30.89 -30.82
C GLN B 409 -2.85 31.76 -29.73
N TYR B 410 -3.70 32.16 -28.78
CA TYR B 410 -3.27 32.95 -27.63
C TYR B 410 -3.52 32.13 -26.36
N GLY B 411 -2.59 32.20 -25.39
CA GLY B 411 -2.76 31.45 -24.16
C GLY B 411 -2.28 32.20 -22.92
N ILE B 412 -2.77 31.70 -21.78
CA ILE B 412 -2.38 32.15 -20.44
C ILE B 412 -1.68 31.01 -19.71
N ARG B 413 -0.60 31.37 -18.99
CA ARG B 413 0.06 30.49 -18.06
C ARG B 413 0.07 31.19 -16.70
N PHE B 414 -0.86 30.83 -15.85
CA PHE B 414 -0.92 31.51 -14.57
C PHE B 414 0.11 30.94 -13.61
N ASP B 415 0.57 31.76 -12.65
CA ASP B 415 1.59 31.40 -11.67
C ASP B 415 1.22 32.10 -10.37
N GLN B 416 1.28 31.35 -9.26
CA GLN B 416 1.14 31.95 -7.95
C GLN B 416 2.16 33.07 -7.78
N CYS B 417 3.41 32.83 -8.22
CA CYS B 417 4.58 33.65 -7.94
C CYS B 417 4.35 35.12 -8.34
N GLY B 418 3.27 35.42 -9.10
CA GLY B 418 2.94 36.76 -9.54
C GLY B 418 2.31 37.65 -8.46
N TRP B 419 1.89 37.00 -7.35
CA TRP B 419 1.43 37.67 -6.15
C TRP B 419 2.52 38.59 -5.57
N THR B 420 2.10 39.80 -5.15
CA THR B 420 3.03 40.84 -4.71
C THR B 420 3.57 40.50 -3.31
N GLU B 421 4.89 40.67 -3.11
CA GLU B 421 5.63 40.07 -2.00
C GLU B 421 5.56 40.95 -0.75
N GLU B 422 5.35 40.32 0.42
CA GLU B 422 5.29 40.98 1.73
C GLU B 422 3.88 41.51 2.00
N LYS B 423 3.49 42.50 1.17
CA LYS B 423 2.29 43.30 1.33
C LYS B 423 1.10 42.64 0.61
N GLY B 424 1.36 42.13 -0.60
CA GLY B 424 0.36 41.40 -1.35
C GLY B 424 -0.77 42.33 -1.81
N GLN B 425 -2.00 41.87 -1.62
CA GLN B 425 -3.16 42.56 -2.17
C GLN B 425 -4.30 42.38 -1.18
N ASN B 426 -4.93 43.52 -0.79
CA ASN B 426 -6.14 43.59 0.02
C ASN B 426 -5.82 43.40 1.51
N GLY B 427 -4.58 42.95 1.80
CA GLY B 427 -4.12 42.63 3.15
C GLY B 427 -3.89 41.12 3.31
N ASP B 428 -3.59 40.44 2.20
CA ASP B 428 -3.38 39.00 2.15
C ASP B 428 -1.94 38.66 1.74
N LYS B 429 -1.09 38.29 2.70
CA LYS B 429 0.33 38.07 2.45
C LYS B 429 0.48 36.96 1.42
N ASP B 430 -0.08 35.78 1.72
CA ASP B 430 0.13 34.60 0.89
C ASP B 430 -0.89 34.58 -0.23
N PHE B 431 -0.46 34.12 -1.40
CA PHE B 431 -1.33 33.95 -2.55
C PHE B 431 -2.50 33.02 -2.18
N PRO B 432 -3.76 33.48 -2.37
CA PRO B 432 -4.93 32.61 -2.24
C PRO B 432 -5.38 32.06 -3.58
N PRO B 433 -5.51 30.72 -3.74
CA PRO B 433 -5.85 30.12 -5.05
C PRO B 433 -7.01 30.75 -5.79
N ALA B 434 -8.07 31.14 -5.05
CA ALA B 434 -9.29 31.71 -5.59
C ALA B 434 -9.01 32.86 -6.57
N ALA B 435 -7.95 33.63 -6.23
CA ALA B 435 -7.45 34.76 -7.00
C ALA B 435 -7.21 34.36 -8.45
N GLY B 436 -6.71 33.13 -8.64
CA GLY B 436 -6.13 32.73 -9.91
C GLY B 436 -7.19 32.55 -10.99
N ALA B 437 -8.40 32.24 -10.55
CA ALA B 437 -9.50 31.95 -11.44
C ALA B 437 -9.92 33.21 -12.19
N LEU B 438 -9.62 34.39 -11.65
CA LEU B 438 -10.15 35.64 -12.20
C LEU B 438 -9.51 35.99 -13.54
N PRO B 439 -8.18 36.23 -13.64
CA PRO B 439 -7.59 36.56 -14.92
C PRO B 439 -7.84 35.49 -15.98
N ILE B 440 -7.82 34.20 -15.59
CA ILE B 440 -8.02 33.12 -16.54
C ILE B 440 -9.39 33.25 -17.22
N ILE B 441 -10.48 33.22 -16.43
CA ILE B 441 -11.83 33.32 -16.99
C ILE B 441 -11.96 34.64 -17.78
N GLU B 442 -11.46 35.73 -17.21
CA GLU B 442 -11.48 37.03 -17.86
C GLU B 442 -10.85 36.93 -19.26
N HIS B 443 -9.70 36.29 -19.40
CA HIS B 443 -8.97 36.40 -20.66
C HIS B 443 -9.43 35.31 -21.63
N VAL B 444 -9.93 34.20 -21.08
CA VAL B 444 -10.49 33.18 -21.95
C VAL B 444 -11.76 33.73 -22.59
N MET B 445 -12.68 34.31 -21.80
CA MET B 445 -14.04 34.51 -22.28
C MET B 445 -14.12 35.82 -23.07
N LEU B 446 -13.20 36.75 -22.74
CA LEU B 446 -13.23 38.09 -23.30
C LEU B 446 -12.08 38.31 -24.29
N THR B 447 -11.00 37.49 -24.27
CA THR B 447 -9.91 37.75 -25.20
C THR B 447 -9.43 36.51 -25.97
N GLY B 448 -10.18 35.41 -25.93
CA GLY B 448 -10.10 34.46 -27.01
C GLY B 448 -8.99 33.44 -26.83
N GLN B 449 -8.50 33.34 -25.59
CA GLN B 449 -7.46 32.35 -25.32
C GLN B 449 -7.99 30.93 -25.49
N THR B 450 -7.29 30.11 -26.28
CA THR B 450 -7.65 28.71 -26.45
C THR B 450 -6.75 27.78 -25.64
N VAL B 451 -5.71 28.34 -25.00
CA VAL B 451 -4.74 27.54 -24.27
C VAL B 451 -4.61 28.04 -22.83
N ILE B 452 -4.92 27.15 -21.87
CA ILE B 452 -4.67 27.39 -20.46
C ILE B 452 -3.46 26.55 -20.08
N ASP B 453 -2.45 27.18 -19.45
CA ASP B 453 -1.21 26.50 -19.09
C ASP B 453 -0.97 26.57 -17.56
N GLY B 454 -0.85 25.37 -16.96
CA GLY B 454 -0.50 25.18 -15.56
C GLY B 454 -1.69 24.76 -14.68
N PRO B 455 -1.99 25.50 -13.58
CA PRO B 455 -1.24 26.69 -13.19
C PRO B 455 0.04 26.37 -12.42
N GLU B 456 0.94 27.36 -12.32
CA GLU B 456 2.16 27.20 -11.55
C GLU B 456 1.97 27.72 -10.12
N LEU B 457 2.84 27.32 -9.18
CA LEU B 457 3.86 26.30 -9.41
C LEU B 457 3.15 24.96 -9.45
N ILE B 458 3.62 24.09 -10.35
CA ILE B 458 3.01 22.76 -10.52
C ILE B 458 2.87 22.05 -9.17
N TRP B 459 3.96 22.10 -8.37
CA TRP B 459 4.15 21.28 -7.19
C TRP B 459 3.53 21.91 -5.93
N GLN B 460 2.84 23.06 -6.09
CA GLN B 460 2.05 23.64 -5.01
C GLN B 460 0.59 23.75 -5.38
N GLN B 461 0.28 23.75 -6.69
CA GLN B 461 -1.06 24.05 -7.18
C GLN B 461 -1.72 22.88 -7.93
N CYS B 462 -0.95 21.90 -8.45
CA CYS B 462 -1.51 20.81 -9.24
C CYS B 462 -1.30 19.46 -8.54
N PHE B 463 -0.05 19.01 -8.38
CA PHE B 463 0.24 17.67 -7.83
C PHE B 463 1.37 17.70 -6.82
N LYS B 464 1.31 16.78 -5.85
CA LYS B 464 2.46 16.49 -5.01
C LYS B 464 2.57 14.98 -4.82
N GLU B 465 3.79 14.53 -4.55
CA GLU B 465 4.05 13.21 -4.01
C GLU B 465 3.71 13.17 -2.51
N THR B 466 3.06 12.07 -2.09
CA THR B 466 2.71 11.84 -0.70
C THR B 466 3.68 10.77 -0.19
N ASN B 467 3.42 10.28 1.02
CA ASN B 467 4.05 9.06 1.50
C ASN B 467 3.73 7.93 0.55
N ALA B 468 4.60 6.92 0.52
CA ALA B 468 4.29 5.67 -0.12
C ALA B 468 3.12 4.98 0.59
N VAL B 469 2.40 4.11 -0.13
CA VAL B 469 1.25 3.42 0.47
C VAL B 469 1.40 1.92 0.22
N SER B 470 0.95 1.12 1.19
CA SER B 470 0.92 -0.33 1.04
C SER B 470 -0.30 -0.73 0.23
N VAL B 471 -0.13 -1.71 -0.67
CA VAL B 471 -1.17 -2.03 -1.62
C VAL B 471 -1.33 -3.54 -1.72
N GLY B 472 -1.19 -4.23 -0.59
CA GLY B 472 -1.37 -5.67 -0.56
C GLY B 472 -0.10 -6.43 -0.96
N ASP B 473 -0.07 -7.71 -0.56
CA ASP B 473 0.94 -8.69 -0.94
C ASP B 473 2.32 -8.19 -0.60
N GLY B 474 2.40 -7.33 0.43
CA GLY B 474 3.65 -6.87 0.99
C GLY B 474 4.23 -5.66 0.25
N TYR B 475 3.58 -5.23 -0.85
CA TYR B 475 4.19 -4.32 -1.82
C TYR B 475 3.84 -2.88 -1.46
N GLN B 476 4.72 -1.98 -1.87
CA GLN B 476 4.69 -0.56 -1.55
C GLN B 476 4.68 0.23 -2.86
N SER B 477 3.89 1.30 -2.90
CA SER B 477 3.77 2.09 -4.12
C SER B 477 4.19 3.54 -3.86
N ARG B 478 4.78 4.18 -4.88
CA ARG B 478 4.85 5.63 -4.87
C ARG B 478 3.46 6.16 -5.20
N ASN B 479 3.19 7.40 -4.78
CA ASN B 479 1.84 7.93 -4.86
C ASN B 479 1.87 9.43 -5.06
N TRP B 480 0.89 9.93 -5.86
CA TRP B 480 0.74 11.34 -6.17
C TRP B 480 -0.73 11.73 -5.96
N GLU B 481 -0.97 12.97 -5.53
CA GLU B 481 -2.32 13.46 -5.38
C GLU B 481 -2.44 14.86 -5.94
N CYS B 482 -3.63 15.13 -6.50
CA CYS B 482 -4.06 16.47 -6.87
C CYS B 482 -4.13 17.27 -5.58
N PHE B 483 -3.70 18.55 -5.65
CA PHE B 483 -4.03 19.51 -4.61
C PHE B 483 -5.52 19.82 -4.74
N PRO B 484 -6.21 20.14 -3.60
CA PRO B 484 -7.65 20.41 -3.65
C PRO B 484 -8.02 21.53 -4.62
N GLN B 485 -7.18 22.59 -4.71
CA GLN B 485 -7.49 23.74 -5.56
C GLN B 485 -7.47 23.34 -7.02
N PHE B 486 -6.63 22.37 -7.39
CA PHE B 486 -6.58 21.90 -8.76
C PHE B 486 -7.95 21.43 -9.23
N VAL B 487 -8.62 20.66 -8.37
CA VAL B 487 -9.87 20.00 -8.71
C VAL B 487 -11.00 21.02 -8.66
N ASN B 488 -10.89 21.94 -7.70
CA ASN B 488 -11.98 22.78 -7.31
C ASN B 488 -11.93 24.13 -8.01
N ILE B 489 -10.81 24.50 -8.60
CA ILE B 489 -10.75 25.69 -9.43
C ILE B 489 -10.58 25.28 -10.89
N ASN B 490 -9.55 24.47 -11.14
CA ASN B 490 -9.00 24.33 -12.47
C ASN B 490 -9.82 23.31 -13.25
N ILE B 491 -9.91 22.09 -12.72
CA ILE B 491 -10.64 21.04 -13.42
C ILE B 491 -12.05 21.54 -13.74
N ASP B 492 -12.66 22.24 -12.77
CA ASP B 492 -14.07 22.58 -12.87
C ASP B 492 -14.29 23.75 -13.81
N MET B 493 -13.31 24.65 -13.89
CA MET B 493 -13.36 25.76 -14.85
C MET B 493 -13.35 25.22 -16.27
N PHE B 494 -12.64 24.10 -16.50
CA PHE B 494 -12.53 23.55 -17.85
C PHE B 494 -13.82 22.84 -18.24
N ARG B 495 -14.48 22.23 -17.25
CA ARG B 495 -15.76 21.59 -17.47
C ARG B 495 -16.78 22.63 -17.92
N LYS B 496 -16.53 23.89 -17.56
CA LYS B 496 -17.47 24.96 -17.83
C LYS B 496 -17.20 25.58 -19.19
N ILE B 497 -16.01 25.32 -19.74
CA ILE B 497 -15.72 25.61 -21.13
C ILE B 497 -16.33 24.49 -21.97
N ILE B 498 -16.03 23.24 -21.59
CA ILE B 498 -16.48 22.07 -22.34
C ILE B 498 -18.01 22.09 -22.51
N ASP B 499 -18.74 22.46 -21.44
CA ASP B 499 -20.20 22.46 -21.44
C ASP B 499 -20.81 23.71 -22.05
N LYS B 500 -19.98 24.56 -22.66
CA LYS B 500 -20.40 25.72 -23.44
C LYS B 500 -21.09 26.80 -22.60
N THR B 501 -20.89 26.82 -21.28
CA THR B 501 -21.18 28.02 -20.52
C THR B 501 -20.17 29.10 -20.90
N ILE B 502 -18.87 28.80 -20.86
CA ILE B 502 -17.82 29.79 -21.17
C ILE B 502 -17.40 29.66 -22.63
N ARG B 503 -17.98 30.49 -23.48
CA ARG B 503 -17.73 30.44 -24.91
C ARG B 503 -16.52 31.30 -25.22
N ILE B 504 -15.53 30.72 -25.87
CA ILE B 504 -14.30 31.42 -26.21
C ILE B 504 -14.54 32.14 -27.51
N PRO B 505 -14.28 33.44 -27.68
CA PRO B 505 -14.45 34.05 -28.99
C PRO B 505 -13.33 33.72 -29.96
N SER B 506 -13.66 33.65 -31.25
CA SER B 506 -12.65 33.55 -32.29
C SER B 506 -11.85 34.84 -32.45
N ARG B 507 -10.80 34.78 -33.27
CA ARG B 507 -9.90 35.89 -33.47
C ARG B 507 -10.66 37.08 -34.04
N LYS B 508 -11.50 36.81 -35.05
CA LYS B 508 -12.23 37.86 -35.75
C LYS B 508 -13.33 38.41 -34.84
N GLU B 509 -13.87 37.55 -33.97
CA GLU B 509 -14.86 37.97 -33.00
C GLU B 509 -14.28 38.96 -31.98
N VAL B 510 -12.99 38.79 -31.62
CA VAL B 510 -12.34 39.61 -30.62
C VAL B 510 -12.00 40.99 -31.21
N ILE B 511 -11.61 41.01 -32.50
CA ILE B 511 -11.18 42.22 -33.16
C ILE B 511 -12.41 43.13 -33.28
N ASP B 512 -13.58 42.52 -33.49
CA ASP B 512 -14.82 43.25 -33.68
C ASP B 512 -15.23 43.90 -32.37
N ARG B 513 -15.06 43.13 -31.27
CA ARG B 513 -15.28 43.64 -29.91
C ARG B 513 -14.21 44.69 -29.53
N THR B 514 -12.94 44.33 -29.62
CA THR B 514 -11.84 45.20 -29.23
C THR B 514 -11.91 46.56 -29.93
N LYS B 515 -12.17 46.61 -31.24
CA LYS B 515 -12.25 47.87 -31.99
C LYS B 515 -10.88 48.54 -32.24
N VAL B 516 -10.00 48.61 -31.22
CA VAL B 516 -8.82 49.45 -31.31
C VAL B 516 -7.51 48.65 -31.14
N VAL B 517 -6.47 49.11 -31.84
CA VAL B 517 -5.15 48.52 -31.71
C VAL B 517 -4.07 49.61 -31.75
N ILE B 518 -3.00 49.41 -30.97
CA ILE B 518 -1.83 50.28 -30.97
C ILE B 518 -0.72 49.65 -31.80
N LEU B 519 -0.08 50.46 -32.67
CA LEU B 519 0.98 49.94 -33.50
C LEU B 519 2.33 50.55 -33.11
N GLN B 520 3.28 49.69 -32.77
CA GLN B 520 4.46 50.13 -32.06
C GLN B 520 5.52 50.53 -33.09
N ASP B 521 5.33 51.71 -33.67
CA ASP B 521 6.09 52.19 -34.80
C ASP B 521 7.22 53.11 -34.34
N VAL B 522 7.68 52.95 -33.09
CA VAL B 522 8.63 53.89 -32.51
C VAL B 522 10.04 53.29 -32.59
N TYR B 523 10.98 54.14 -33.04
CA TYR B 523 12.37 53.75 -33.30
C TYR B 523 13.34 54.63 -32.51
N SER B 524 12.84 55.68 -31.83
CA SER B 524 13.67 56.57 -31.01
C SER B 524 13.39 56.34 -29.51
N GLY B 525 14.43 56.46 -28.69
CA GLY B 525 14.28 56.37 -27.24
C GLY B 525 14.84 55.05 -26.71
N ASP B 526 14.63 54.80 -25.41
CA ASP B 526 15.14 53.61 -24.73
C ASP B 526 14.31 52.39 -25.15
N ASP B 527 14.68 51.24 -24.58
CA ASP B 527 14.05 49.97 -24.91
C ASP B 527 12.54 50.00 -24.67
N ASN B 528 12.11 50.75 -23.65
CA ASN B 528 10.72 50.80 -23.26
C ASN B 528 9.92 51.61 -24.27
N ALA B 529 10.59 52.59 -24.91
CA ALA B 529 9.89 53.47 -25.82
C ALA B 529 9.57 52.75 -27.13
N LYS B 530 10.39 51.74 -27.47
CA LYS B 530 10.30 51.07 -28.77
C LYS B 530 9.64 49.68 -28.71
N TYR B 531 9.49 49.07 -27.52
CA TYR B 531 8.97 47.70 -27.46
C TYR B 531 7.80 47.55 -26.48
N SER B 532 7.69 48.43 -25.46
CA SER B 532 6.62 48.36 -24.47
C SER B 532 5.46 49.26 -24.87
N SER B 533 4.33 49.02 -24.20
CA SER B 533 3.13 49.83 -24.39
C SER B 533 3.41 51.26 -23.92
N PRO B 534 2.67 52.28 -24.44
CA PRO B 534 2.76 53.63 -23.88
C PRO B 534 2.55 53.59 -22.37
N LYS B 535 3.40 54.30 -21.61
CA LYS B 535 3.49 54.06 -20.17
C LYS B 535 2.16 54.41 -19.50
N ASN B 536 1.60 55.55 -19.96
CA ASN B 536 0.34 56.14 -19.55
C ASN B 536 -0.89 55.29 -19.88
N LEU B 537 -0.78 54.35 -20.84
CA LEU B 537 -1.89 53.49 -21.25
C LEU B 537 -2.41 52.80 -20.01
N HIS B 538 -3.70 52.42 -20.05
CA HIS B 538 -4.34 51.71 -18.94
C HIS B 538 -4.85 52.66 -17.83
N GLU B 539 -4.24 53.84 -17.64
CA GLU B 539 -4.65 54.75 -16.57
C GLU B 539 -5.93 55.50 -16.97
N GLY B 540 -6.86 55.55 -16.01
CA GLY B 540 -8.17 56.15 -16.17
C GLY B 540 -9.11 55.16 -16.85
N LEU B 541 -8.63 53.93 -17.13
CA LEU B 541 -9.37 52.90 -17.86
C LEU B 541 -9.62 51.71 -16.93
N TYR B 542 -8.81 50.64 -17.03
CA TYR B 542 -9.08 49.46 -16.23
C TYR B 542 -8.06 49.27 -15.11
N LEU B 543 -7.15 50.25 -14.92
CA LEU B 543 -6.12 50.21 -13.89
C LEU B 543 -6.64 50.81 -12.58
N ARG B 544 -6.39 50.11 -11.46
CA ARG B 544 -6.92 50.48 -10.16
C ARG B 544 -6.29 51.78 -9.65
N ASP B 545 -6.98 52.43 -8.71
CA ASP B 545 -6.51 53.67 -8.11
C ASP B 545 -5.24 53.44 -7.31
N ASP B 546 -5.20 52.33 -6.56
CA ASP B 546 -4.05 52.03 -5.69
C ASP B 546 -2.81 51.64 -6.51
N ASP B 547 -3.04 51.13 -7.74
CA ASP B 547 -2.02 50.51 -8.55
C ASP B 547 -1.39 51.60 -9.41
N GLY B 548 -0.27 51.27 -10.08
CA GLY B 548 0.48 52.24 -10.87
C GLY B 548 0.75 51.75 -12.30
N ASN B 549 1.33 52.65 -13.11
CA ASN B 549 1.52 52.46 -14.53
C ASN B 549 2.74 51.58 -14.78
N LEU B 550 2.60 50.68 -15.77
CA LEU B 550 3.69 49.94 -16.40
C LEU B 550 4.39 49.02 -15.39
N TRP B 551 5.61 49.37 -14.94
CA TRP B 551 6.35 48.48 -14.04
C TRP B 551 6.00 48.75 -12.57
N ASP B 552 5.10 49.72 -12.32
CA ASP B 552 4.47 49.88 -11.00
C ASP B 552 3.06 49.25 -10.99
N ASN B 553 2.68 48.58 -12.09
CA ASN B 553 1.42 47.85 -12.21
C ASN B 553 1.63 46.45 -11.60
N HIS B 554 1.13 46.27 -10.37
CA HIS B 554 1.40 45.10 -9.56
C HIS B 554 0.14 44.25 -9.31
N CYS B 555 -0.99 44.64 -9.91
CA CYS B 555 -2.23 43.91 -9.71
C CYS B 555 -2.85 43.59 -11.06
N TYR B 556 -3.31 42.33 -11.21
CA TYR B 556 -3.84 41.81 -12.46
C TYR B 556 -5.36 41.79 -12.46
N PHE B 557 -5.96 42.31 -11.40
CA PHE B 557 -7.39 42.59 -11.30
C PHE B 557 -7.75 43.90 -11.97
N LYS B 558 -8.73 43.89 -12.86
CA LYS B 558 -9.13 45.14 -13.51
C LYS B 558 -10.20 45.83 -12.65
N LYS B 559 -10.19 47.17 -12.69
CA LYS B 559 -11.13 48.02 -11.96
C LYS B 559 -12.52 47.95 -12.59
N THR B 560 -12.58 47.76 -13.90
CA THR B 560 -13.83 47.75 -14.65
C THR B 560 -13.61 46.88 -15.87
N GLY B 561 -14.70 46.40 -16.46
CA GLY B 561 -14.63 45.62 -17.69
C GLY B 561 -15.32 46.31 -18.87
N ARG B 562 -15.52 47.62 -18.75
CA ARG B 562 -16.27 48.37 -19.74
C ARG B 562 -15.45 48.43 -21.03
N TYR B 563 -14.15 48.70 -20.89
CA TYR B 563 -13.22 48.75 -22.01
C TYR B 563 -12.62 47.36 -22.18
N PRO B 564 -12.40 46.85 -23.40
CA PRO B 564 -11.75 45.54 -23.55
C PRO B 564 -10.25 45.64 -23.33
N THR B 565 -9.60 44.50 -23.07
CA THR B 565 -8.13 44.46 -23.10
C THR B 565 -7.66 45.11 -24.40
N ILE B 566 -6.70 46.07 -24.31
CA ILE B 566 -6.18 46.77 -25.48
C ILE B 566 -4.90 46.11 -25.99
N PRO B 567 -4.91 45.68 -27.27
CA PRO B 567 -3.79 45.00 -27.90
C PRO B 567 -2.75 45.93 -28.53
N VAL B 568 -1.50 45.47 -28.51
CA VAL B 568 -0.36 46.25 -28.94
C VAL B 568 0.47 45.36 -29.88
N ALA B 569 0.63 45.81 -31.14
CA ALA B 569 1.23 44.99 -32.18
C ALA B 569 2.35 45.75 -32.88
N PHE B 570 3.19 44.98 -33.59
CA PHE B 570 4.25 45.55 -34.39
C PHE B 570 3.64 46.00 -35.72
N GLU B 571 2.95 45.07 -36.40
CA GLU B 571 2.33 45.31 -37.71
C GLU B 571 1.06 44.48 -37.79
N LEU B 572 0.18 44.80 -38.77
CA LEU B 572 -0.97 43.95 -39.06
C LEU B 572 -0.77 43.18 -40.37
N CYS B 573 -0.67 41.84 -40.28
CA CYS B 573 -0.12 41.00 -41.33
C CYS B 573 -1.11 40.56 -42.39
N ASP B 574 -2.42 40.72 -42.15
CA ASP B 574 -3.37 40.10 -43.05
C ASP B 574 -4.64 40.96 -43.10
N ASP B 575 -5.57 40.61 -43.98
CA ASP B 575 -6.75 41.46 -44.14
C ASP B 575 -7.53 41.50 -42.83
N VAL B 576 -7.65 40.35 -42.13
CA VAL B 576 -8.38 40.22 -40.87
C VAL B 576 -7.84 41.20 -39.83
N ALA B 577 -6.52 41.18 -39.64
CA ALA B 577 -5.89 42.07 -38.70
C ALA B 577 -6.11 43.52 -39.09
N ASN B 578 -6.35 43.77 -40.38
CA ASN B 578 -6.47 45.13 -40.90
C ASN B 578 -7.94 45.55 -40.85
N SER B 579 -8.80 44.69 -40.30
CA SER B 579 -10.21 45.01 -40.16
C SER B 579 -10.48 45.65 -38.80
N PHE B 580 -9.41 45.84 -38.00
CA PHE B 580 -9.50 46.71 -36.83
C PHE B 580 -10.13 48.05 -37.21
N GLN B 581 -11.10 48.50 -36.40
CA GLN B 581 -11.79 49.76 -36.67
C GLN B 581 -10.85 50.96 -36.47
N TYR B 582 -10.09 50.98 -35.37
CA TYR B 582 -9.30 52.14 -34.98
C TYR B 582 -7.82 51.75 -34.81
N LYS B 583 -6.97 52.22 -35.73
CA LYS B 583 -5.54 52.00 -35.67
C LYS B 583 -4.89 53.28 -35.17
N ILE B 584 -4.17 53.18 -34.05
CA ILE B 584 -3.39 54.28 -33.50
C ILE B 584 -1.91 53.91 -33.51
N ASN B 585 -1.11 54.77 -34.15
CA ASN B 585 0.34 54.66 -34.11
C ASN B 585 0.88 55.30 -32.84
N GLN B 586 1.81 54.58 -32.20
CA GLN B 586 2.37 54.98 -30.91
C GLN B 586 3.13 56.30 -31.05
N SER B 587 3.76 56.55 -32.20
CA SER B 587 4.45 57.81 -32.44
C SER B 587 3.49 59.00 -32.30
N THR B 588 2.20 58.82 -32.57
CA THR B 588 1.22 59.90 -32.40
C THR B 588 0.72 59.95 -30.96
N PHE B 589 1.05 58.92 -30.17
CA PHE B 589 0.45 58.72 -28.85
C PHE B 589 1.00 59.76 -27.89
N GLU B 590 2.31 60.02 -27.94
CA GLU B 590 2.93 60.96 -27.02
C GLU B 590 2.32 62.36 -27.15
N GLY B 591 1.84 62.73 -28.35
CA GLY B 591 1.26 64.06 -28.55
C GLY B 591 -0.12 64.21 -27.92
N SER B 592 -1.01 63.26 -28.22
CA SER B 592 -2.45 63.40 -28.08
C SER B 592 -2.98 62.51 -26.95
N TRP B 593 -2.70 61.20 -27.03
CA TRP B 593 -3.40 60.16 -26.26
C TRP B 593 -2.79 59.95 -24.87
N SER B 594 -1.64 60.60 -24.61
CA SER B 594 -0.96 60.51 -23.32
C SER B 594 -1.64 61.42 -22.29
N ASP B 595 -2.44 62.36 -22.78
CA ASP B 595 -3.35 63.12 -21.94
C ASP B 595 -4.48 62.19 -21.49
N VAL B 596 -4.46 61.79 -20.21
CA VAL B 596 -5.32 60.73 -19.67
C VAL B 596 -6.79 61.02 -20.00
N ASN B 597 -7.19 62.30 -19.84
CA ASN B 597 -8.58 62.75 -20.01
C ASN B 597 -9.04 62.64 -21.47
N THR B 598 -8.20 63.03 -22.45
CA THR B 598 -8.59 62.99 -23.86
C THR B 598 -8.79 61.53 -24.29
N LYS B 599 -7.86 60.65 -23.90
CA LYS B 599 -7.97 59.21 -24.12
C LYS B 599 -9.30 58.69 -23.61
N VAL B 600 -9.62 59.00 -22.34
CA VAL B 600 -10.82 58.48 -21.70
C VAL B 600 -12.04 58.99 -22.47
N GLY B 601 -11.93 60.21 -23.02
CA GLY B 601 -13.00 60.86 -23.75
C GLY B 601 -13.35 60.14 -25.06
N LYS B 602 -12.31 59.78 -25.83
CA LYS B 602 -12.51 59.11 -27.11
C LYS B 602 -12.97 57.67 -26.85
N PHE B 603 -12.37 57.01 -25.85
CA PHE B 603 -12.68 55.62 -25.49
C PHE B 603 -14.13 55.46 -25.04
N ASN B 604 -14.66 56.51 -24.38
CA ASN B 604 -16.02 56.49 -23.83
C ASN B 604 -17.06 56.49 -24.96
N ARG B 605 -16.78 57.15 -26.10
CA ARG B 605 -17.67 57.09 -27.25
C ARG B 605 -17.68 55.66 -27.83
N TRP B 606 -16.50 55.01 -27.93
CA TRP B 606 -16.36 53.69 -28.54
C TRP B 606 -16.99 52.59 -27.68
N PHE B 607 -16.90 52.73 -26.35
CA PHE B 607 -17.33 51.67 -25.45
C PHE B 607 -18.33 52.20 -24.42
N PRO B 608 -19.66 52.08 -24.65
CA PRO B 608 -20.66 52.61 -23.73
C PRO B 608 -20.65 52.01 -22.32
N GLN B 609 -21.17 52.73 -21.34
CA GLN B 609 -21.27 52.24 -19.99
C GLN B 609 -22.37 51.19 -19.92
N GLU B 610 -22.06 49.99 -19.42
CA GLU B 610 -23.05 48.93 -19.40
C GLU B 610 -23.45 48.57 -17.97
N TYR B 611 -22.78 49.16 -16.96
CA TYR B 611 -23.15 48.99 -15.55
C TYR B 611 -22.51 50.06 -14.68
N THR B 612 -22.85 50.06 -13.37
CA THR B 612 -22.20 50.92 -12.39
C THR B 612 -21.82 50.14 -11.12
N GLY B 613 -20.77 50.60 -10.43
CA GLY B 613 -20.31 49.98 -9.18
C GLY B 613 -18.88 49.44 -9.28
N GLU B 614 -18.40 48.82 -8.19
CA GLU B 614 -16.97 48.63 -7.99
C GLU B 614 -16.51 47.21 -8.33
N LEU B 615 -17.46 46.38 -8.75
CA LEU B 615 -17.11 45.05 -9.23
C LEU B 615 -16.54 45.16 -10.65
N TYR B 616 -15.87 44.08 -11.08
CA TYR B 616 -15.49 43.89 -12.46
C TYR B 616 -16.67 43.32 -13.23
N ALA B 617 -17.05 43.97 -14.35
CA ALA B 617 -18.10 43.44 -15.21
C ALA B 617 -17.77 43.73 -16.68
N GLY B 618 -17.59 42.66 -17.47
CA GLY B 618 -17.40 42.78 -18.92
C GLY B 618 -18.30 41.82 -19.69
N ARG B 619 -18.86 42.33 -20.79
CA ARG B 619 -19.91 41.61 -21.51
C ARG B 619 -19.44 41.23 -22.92
N ILE B 620 -19.74 40.00 -23.31
CA ILE B 620 -19.60 39.61 -24.70
C ILE B 620 -20.79 38.71 -25.06
N GLU B 621 -21.55 39.11 -26.09
CA GLU B 621 -22.84 38.50 -26.40
C GLU B 621 -23.67 38.48 -25.11
N ASN B 622 -24.29 37.35 -24.77
CA ASN B 622 -25.16 37.30 -23.62
C ASN B 622 -24.41 36.75 -22.41
N GLY B 623 -23.10 37.01 -22.37
CA GLY B 623 -22.26 36.48 -21.31
C GLY B 623 -21.49 37.60 -20.60
N TRP B 624 -21.62 37.63 -19.27
CA TRP B 624 -20.87 38.52 -18.40
C TRP B 624 -19.81 37.71 -17.65
N VAL B 625 -18.60 38.25 -17.56
CA VAL B 625 -17.70 37.89 -16.48
C VAL B 625 -17.84 38.95 -15.39
N VAL B 626 -18.15 38.53 -14.15
CA VAL B 626 -18.23 39.44 -13.01
C VAL B 626 -17.40 38.88 -11.88
N TYR B 627 -16.52 39.72 -11.29
CA TYR B 627 -15.68 39.31 -10.18
C TYR B 627 -15.38 40.49 -9.27
N ASN B 628 -14.82 40.17 -8.10
CA ASN B 628 -14.47 41.16 -7.10
C ASN B 628 -13.04 40.97 -6.67
N GLY B 629 -12.17 41.93 -7.04
CA GLY B 629 -10.74 41.84 -6.75
C GLY B 629 -10.35 42.77 -5.61
N LEU B 630 -11.37 43.27 -4.90
CA LEU B 630 -11.23 44.19 -3.76
C LEU B 630 -11.67 43.52 -2.46
N ALA B 631 -11.29 44.09 -1.32
CA ALA B 631 -11.63 43.49 -0.03
C ALA B 631 -13.07 43.83 0.34
N GLY B 632 -13.68 42.89 1.08
CA GLY B 632 -15.05 43.01 1.53
C GLY B 632 -15.99 42.66 0.40
N ILE B 633 -17.30 42.76 0.67
CA ILE B 633 -18.34 42.57 -0.32
C ILE B 633 -18.51 43.85 -1.12
N ARG B 634 -18.65 43.73 -2.45
CA ARG B 634 -18.73 44.85 -3.38
C ARG B 634 -19.85 44.64 -4.38
N ASN B 635 -20.38 45.75 -4.92
CA ASN B 635 -21.67 45.73 -5.59
C ASN B 635 -21.59 46.20 -7.03
N ALA B 636 -22.66 45.92 -7.77
CA ALA B 636 -22.83 46.43 -9.12
C ALA B 636 -24.29 46.32 -9.56
N ALA B 637 -24.70 47.31 -10.35
CA ALA B 637 -26.03 47.32 -10.91
C ALA B 637 -25.90 47.24 -12.43
N ILE B 638 -26.34 46.10 -12.98
CA ILE B 638 -26.13 45.72 -14.37
C ILE B 638 -27.51 45.68 -15.02
N PRO B 639 -27.88 46.67 -15.86
CA PRO B 639 -29.05 46.54 -16.72
C PRO B 639 -28.88 45.41 -17.71
N PHE B 640 -29.87 44.50 -17.76
CA PHE B 640 -29.86 43.34 -18.66
C PHE B 640 -29.87 43.77 -20.13
N LYS B 641 -29.32 42.93 -21.01
CA LYS B 641 -29.37 43.19 -22.44
C LYS B 641 -30.25 42.17 -23.19
N TYR B 642 -30.50 41.00 -22.56
CA TYR B 642 -31.27 39.93 -23.16
C TYR B 642 -32.49 39.58 -22.28
N ASN B 643 -32.27 39.40 -20.98
CA ASN B 643 -33.36 39.01 -20.09
C ASN B 643 -34.38 40.15 -20.05
N THR B 644 -35.64 39.78 -19.84
CA THR B 644 -36.79 40.67 -20.01
C THR B 644 -37.14 41.39 -18.71
N CYS B 645 -36.51 41.02 -17.58
CA CYS B 645 -36.56 41.75 -16.32
C CYS B 645 -35.71 43.03 -16.48
N ASP B 646 -35.54 43.88 -15.45
CA ASP B 646 -34.98 45.22 -15.62
C ASP B 646 -33.46 45.24 -15.39
N LYS B 647 -33.06 44.74 -14.22
CA LYS B 647 -31.66 44.75 -13.81
C LYS B 647 -31.42 43.74 -12.67
N MET B 648 -30.13 43.49 -12.42
CA MET B 648 -29.67 42.72 -11.27
C MET B 648 -28.72 43.59 -10.46
N GLU B 649 -28.80 43.50 -9.13
CA GLU B 649 -27.76 44.08 -8.28
C GLU B 649 -26.96 42.93 -7.70
N LEU B 650 -25.64 43.04 -7.79
CA LEU B 650 -24.80 41.94 -7.41
C LEU B 650 -23.93 42.38 -6.26
N ALA B 651 -23.77 41.49 -5.28
CA ALA B 651 -22.93 41.76 -4.11
C ALA B 651 -22.08 40.51 -3.84
N TYR B 652 -20.77 40.66 -3.98
CA TYR B 652 -19.90 39.51 -4.05
C TYR B 652 -18.75 39.66 -3.08
N SER B 653 -18.45 38.55 -2.37
CA SER B 653 -17.29 38.44 -1.51
C SER B 653 -15.99 38.57 -2.32
N LYS B 654 -14.90 38.82 -1.59
CA LYS B 654 -13.58 39.04 -2.17
C LYS B 654 -13.09 37.77 -2.87
N TYR B 655 -12.73 37.90 -4.17
CA TYR B 655 -12.17 36.83 -4.97
C TYR B 655 -13.25 35.85 -5.44
N THR B 656 -14.52 36.26 -5.37
CA THR B 656 -15.58 35.52 -6.03
C THR B 656 -15.59 35.94 -7.49
N VAL B 657 -15.60 34.96 -8.38
CA VAL B 657 -15.73 35.16 -9.81
C VAL B 657 -17.04 34.47 -10.23
N SER B 658 -17.67 35.00 -11.28
CA SER B 658 -18.91 34.42 -11.79
C SER B 658 -18.97 34.55 -13.31
N VAL B 659 -19.69 33.61 -13.95
CA VAL B 659 -20.01 33.71 -15.36
C VAL B 659 -21.54 33.65 -15.49
N ILE B 660 -22.11 34.74 -16.02
CA ILE B 660 -23.55 34.92 -16.04
C ILE B 660 -24.01 34.93 -17.48
N LYS B 661 -24.88 33.98 -17.81
CA LYS B 661 -25.48 33.94 -19.15
C LYS B 661 -26.90 34.49 -19.04
N GLU B 662 -27.19 35.51 -19.87
CA GLU B 662 -28.54 36.02 -19.95
C GLU B 662 -29.33 35.26 -21.02
N TYR B 663 -30.57 34.92 -20.64
CA TYR B 663 -31.56 34.41 -21.56
C TYR B 663 -32.86 35.20 -21.35
N ALA B 664 -33.76 35.10 -22.34
CA ALA B 664 -35.03 35.80 -22.34
C ALA B 664 -35.73 35.65 -20.99
N ASN B 665 -35.82 34.40 -20.51
CA ASN B 665 -36.56 34.07 -19.30
C ASN B 665 -35.74 33.22 -18.32
N LYS B 666 -34.41 33.31 -18.40
CA LYS B 666 -33.53 32.45 -17.63
C LYS B 666 -32.25 33.25 -17.37
N LEU B 667 -31.61 32.96 -16.23
CA LEU B 667 -30.22 33.33 -16.01
C LEU B 667 -29.47 32.11 -15.45
N THR B 668 -28.22 31.95 -15.89
CA THR B 668 -27.32 31.00 -15.25
C THR B 668 -26.12 31.76 -14.66
N PHE B 669 -25.75 31.36 -13.44
CA PHE B 669 -24.53 31.80 -12.78
C PHE B 669 -23.64 30.59 -12.49
N TYR B 670 -22.45 30.57 -13.08
CA TYR B 670 -21.36 29.79 -12.51
C TYR B 670 -20.56 30.70 -11.55
N MET B 671 -20.53 30.33 -10.27
CA MET B 671 -19.79 31.09 -9.28
C MET B 671 -18.77 30.16 -8.63
N ASN B 672 -17.60 30.72 -8.31
CA ASN B 672 -16.60 30.02 -7.54
C ASN B 672 -15.86 31.03 -6.65
N ASN B 673 -15.31 30.48 -5.56
CA ASN B 673 -14.40 31.19 -4.69
C ASN B 673 -13.86 30.18 -3.68
N TYR B 674 -12.90 29.36 -4.09
CA TYR B 674 -12.62 28.12 -3.36
C TYR B 674 -11.44 28.36 -2.42
N ASP B 675 -11.66 28.14 -1.12
CA ASP B 675 -10.63 28.17 -0.10
C ASP B 675 -10.35 26.74 0.37
N PRO B 676 -9.10 26.20 0.26
CA PRO B 676 -8.80 24.84 0.72
C PRO B 676 -9.03 24.62 2.22
N SER B 677 -9.03 25.69 3.01
CA SER B 677 -9.18 25.57 4.45
C SER B 677 -10.64 25.42 4.87
N GLY B 678 -11.59 25.75 3.98
CA GLY B 678 -12.99 25.39 4.14
C GLY B 678 -13.95 26.53 4.54
N SER B 679 -13.51 27.80 4.43
CA SER B 679 -14.35 28.94 4.78
C SER B 679 -15.53 29.08 3.80
N SER B 680 -16.63 29.67 4.28
CA SER B 680 -17.74 30.06 3.43
C SER B 680 -17.63 31.54 3.06
N LYS B 681 -18.23 31.89 1.91
CA LYS B 681 -18.41 33.27 1.46
C LYS B 681 -19.88 33.50 1.14
N THR B 682 -20.34 34.73 1.30
CA THR B 682 -21.72 35.15 1.06
C THR B 682 -21.82 35.91 -0.26
N GLU B 683 -22.89 35.69 -1.03
CA GLU B 683 -23.16 36.44 -2.25
C GLU B 683 -24.64 36.83 -2.23
N VAL B 684 -24.96 38.02 -2.75
CA VAL B 684 -26.32 38.52 -2.75
C VAL B 684 -26.71 38.91 -4.17
N ILE B 685 -27.86 38.39 -4.59
CA ILE B 685 -28.36 38.57 -5.94
C ILE B 685 -29.78 39.10 -5.82
N LYS B 686 -30.02 40.24 -6.47
CA LYS B 686 -31.33 40.86 -6.49
C LYS B 686 -31.74 41.05 -7.94
N ILE B 687 -32.95 40.54 -8.28
CA ILE B 687 -33.52 40.72 -9.61
C ILE B 687 -34.68 41.70 -9.51
N TYR B 688 -34.66 42.69 -10.42
CA TYR B 688 -35.64 43.76 -10.46
C TYR B 688 -36.53 43.56 -11.68
N GLY B 689 -37.82 43.86 -11.54
CA GLY B 689 -38.69 44.04 -12.70
C GLY B 689 -39.37 42.73 -13.11
N CYS B 690 -39.05 41.63 -12.44
CA CYS B 690 -39.75 40.39 -12.71
C CYS B 690 -41.19 40.49 -12.25
N THR B 691 -42.13 40.11 -13.14
CA THR B 691 -43.55 40.41 -12.92
C THR B 691 -44.32 39.14 -12.58
N SER B 692 -43.64 38.16 -11.96
CA SER B 692 -44.26 37.12 -11.15
C SER B 692 -43.19 36.52 -10.21
N LYS B 693 -43.64 35.62 -9.33
CA LYS B 693 -42.74 34.95 -8.41
C LYS B 693 -41.73 34.17 -9.24
N PRO B 694 -40.43 34.54 -9.20
CA PRO B 694 -39.38 33.72 -9.79
C PRO B 694 -39.10 32.46 -8.96
N THR B 695 -38.44 31.49 -9.59
CA THR B 695 -37.92 30.31 -8.92
C THR B 695 -36.44 30.14 -9.29
N HIS B 696 -35.74 29.30 -8.50
CA HIS B 696 -34.29 29.21 -8.57
C HIS B 696 -33.84 27.77 -8.38
N SER B 697 -32.68 27.43 -8.92
CA SER B 697 -32.15 26.09 -8.78
C SER B 697 -30.65 26.19 -8.57
N VAL B 698 -30.04 25.31 -7.75
CA VAL B 698 -28.61 25.37 -7.52
C VAL B 698 -28.04 23.96 -7.42
N SER B 699 -26.92 23.73 -8.08
CA SER B 699 -26.16 22.54 -7.75
C SER B 699 -24.70 22.90 -7.45
N SER B 700 -24.22 22.38 -6.31
CA SER B 700 -22.83 22.39 -5.91
C SER B 700 -22.02 21.58 -6.89
N ARG B 701 -20.71 21.83 -6.95
CA ARG B 701 -19.85 21.18 -7.93
C ARG B 701 -18.57 20.72 -7.25
N ALA B 702 -17.98 19.65 -7.79
CA ALA B 702 -16.71 19.15 -7.30
C ALA B 702 -16.86 18.91 -5.81
N ASN B 703 -15.91 19.38 -4.99
CA ASN B 703 -15.93 19.15 -3.55
C ASN B 703 -16.60 20.31 -2.82
N GLY B 704 -17.19 21.23 -3.58
CA GLY B 704 -17.76 22.44 -3.00
C GLY B 704 -19.07 22.18 -2.26
N THR B 705 -19.46 23.18 -1.43
CA THR B 705 -20.70 23.22 -0.66
C THR B 705 -21.51 24.43 -1.10
N ALA B 706 -22.78 24.52 -0.70
CA ALA B 706 -23.64 25.56 -1.22
C ALA B 706 -24.99 25.54 -0.55
N GLN B 707 -25.51 26.74 -0.25
CA GLN B 707 -26.80 26.95 0.38
C GLN B 707 -27.42 28.19 -0.26
N VAL B 708 -28.67 28.12 -0.72
CA VAL B 708 -29.32 29.32 -1.24
C VAL B 708 -30.71 29.44 -0.63
N SER B 709 -31.06 30.63 -0.09
CA SER B 709 -32.41 30.98 0.33
C SER B 709 -32.93 32.12 -0.54
N GLU B 710 -34.26 32.28 -0.55
CA GLU B 710 -34.86 33.29 -1.41
C GLU B 710 -35.85 34.17 -0.65
N ASN B 711 -36.25 35.25 -1.31
CA ASN B 711 -37.04 36.31 -0.69
C ASN B 711 -37.78 37.08 -1.78
N TRP B 712 -39.11 37.00 -1.75
CA TRP B 712 -39.94 37.78 -2.64
C TRP B 712 -40.60 38.89 -1.83
N LYS B 713 -40.46 40.14 -2.28
CA LYS B 713 -40.81 41.30 -1.48
C LYS B 713 -40.74 42.56 -2.35
N GLU B 714 -41.89 43.19 -2.55
CA GLU B 714 -42.02 44.45 -3.26
C GLU B 714 -41.45 44.33 -4.67
N ASP B 715 -41.64 43.15 -5.30
CA ASP B 715 -41.24 42.89 -6.68
C ASP B 715 -39.72 42.85 -6.85
N VAL B 716 -39.01 42.74 -5.71
CA VAL B 716 -37.62 42.35 -5.69
C VAL B 716 -37.53 40.90 -5.23
N TYR B 717 -36.72 40.14 -5.98
CA TYR B 717 -36.43 38.74 -5.68
C TYR B 717 -34.96 38.65 -5.24
N THR B 718 -34.73 38.09 -4.03
CA THR B 718 -33.44 38.14 -3.39
C THR B 718 -32.93 36.75 -3.03
N LEU B 719 -31.78 36.41 -3.63
CA LEU B 719 -31.09 35.17 -3.37
C LEU B 719 -29.84 35.45 -2.53
N THR B 720 -29.69 34.65 -1.48
CA THR B 720 -28.54 34.72 -0.60
C THR B 720 -27.77 33.40 -0.75
N VAL B 721 -26.60 33.47 -1.39
CA VAL B 721 -25.80 32.30 -1.68
C VAL B 721 -24.58 32.21 -0.75
N THR B 722 -24.66 31.49 0.37
CA THR B 722 -23.44 31.07 1.06
C THR B 722 -22.90 29.79 0.39
N HIS B 723 -21.56 29.64 0.33
CA HIS B 723 -20.91 28.54 -0.38
C HIS B 723 -19.41 28.54 -0.20
N ASN B 724 -18.77 27.37 -0.23
CA ASN B 724 -17.34 27.26 -0.50
C ASN B 724 -17.13 26.48 -1.80
N GLY B 725 -16.42 27.10 -2.75
CA GLY B 725 -16.18 26.45 -4.02
C GLY B 725 -17.32 26.64 -5.03
N PRO B 726 -17.23 25.92 -6.17
CA PRO B 726 -18.02 26.24 -7.34
C PRO B 726 -19.42 25.65 -7.33
N LEU B 727 -20.31 26.33 -8.03
CA LEU B 727 -21.69 25.92 -8.10
C LEU B 727 -22.27 26.52 -9.37
N ASP B 728 -23.33 25.87 -9.89
CA ASP B 728 -24.18 26.45 -10.91
C ASP B 728 -25.53 26.76 -10.30
N LEU B 729 -25.99 27.97 -10.57
CA LEU B 729 -27.26 28.43 -10.06
C LEU B 729 -28.15 28.81 -11.25
N THR B 730 -29.43 28.44 -11.20
CA THR B 730 -30.37 28.79 -12.25
C THR B 730 -31.49 29.67 -11.68
N VAL B 731 -31.72 30.80 -12.36
CA VAL B 731 -32.80 31.71 -11.99
C VAL B 731 -33.81 31.77 -13.13
N ASN B 732 -35.06 31.36 -12.84
CA ASN B 732 -36.17 31.52 -13.77
C ASN B 732 -36.90 32.83 -13.43
N CYS B 733 -36.64 33.87 -14.23
CA CYS B 733 -37.22 35.17 -13.98
C CYS B 733 -37.59 35.79 -15.31
N SER B 734 -38.83 36.28 -15.39
CA SER B 734 -39.38 36.85 -16.60
C SER B 734 -39.93 38.23 -16.30
N GLY B 735 -39.83 39.13 -17.28
CA GLY B 735 -40.31 40.50 -17.18
C GLY B 735 -41.08 40.91 -18.42
N LYS B 736 -41.14 42.21 -18.68
CA LYS B 736 -42.08 42.76 -19.64
C LYS B 736 -41.37 43.48 -20.79
N ALA B 737 -40.04 43.46 -20.82
CA ALA B 737 -39.31 44.30 -21.76
C ALA B 737 -39.33 43.64 -23.15
N THR B 738 -39.36 44.46 -24.21
CA THR B 738 -39.34 43.97 -25.59
C THR B 738 -38.20 44.65 -26.37
N ASP B 739 -37.49 45.58 -25.73
CA ASP B 739 -36.26 46.14 -26.26
C ASP B 739 -35.07 45.32 -25.73
N ARG B 740 -34.78 44.16 -26.36
CA ARG B 740 -33.74 43.25 -25.88
C ARG B 740 -33.10 42.47 -27.02
N LEU B 741 -31.79 42.18 -26.91
CA LEU B 741 -31.08 41.42 -27.95
C LEU B 741 -31.47 39.93 -27.89
N THR B 742 -31.01 39.15 -28.89
CA THR B 742 -31.45 37.78 -29.09
C THR B 742 -30.26 36.82 -29.12
N VAL B 743 -30.41 35.68 -28.43
CA VAL B 743 -29.29 34.79 -28.18
C VAL B 743 -29.00 33.92 -29.41
N SER B 744 -27.76 33.96 -29.93
CA SER B 744 -27.31 33.03 -30.97
C SER B 744 -27.35 31.57 -30.48
N THR B 745 -27.27 30.60 -31.40
CA THR B 745 -27.38 29.19 -31.05
C THR B 745 -26.09 28.68 -30.40
N ALA B 746 -26.17 27.45 -29.90
CA ALA B 746 -25.08 26.81 -29.16
C ALA B 746 -23.77 26.99 -29.93
N ALA B 747 -22.77 27.55 -29.24
CA ALA B 747 -21.38 27.45 -29.68
C ALA B 747 -21.01 25.97 -29.81
N SER B 748 -20.07 25.66 -30.73
CA SER B 748 -19.60 24.28 -30.87
C SER B 748 -18.49 24.00 -29.88
N ILE B 749 -18.54 22.80 -29.29
CA ILE B 749 -17.35 22.17 -28.75
C ILE B 749 -17.21 20.83 -29.42
N GLN B 750 -16.02 20.61 -30.00
CA GLN B 750 -15.65 19.36 -30.67
C GLN B 750 -14.60 18.65 -29.83
N VAL B 751 -14.86 17.44 -29.37
CA VAL B 751 -13.88 16.64 -28.63
C VAL B 751 -12.68 16.40 -29.55
N PRO B 752 -11.48 16.88 -29.18
CA PRO B 752 -10.28 16.64 -29.97
C PRO B 752 -10.01 15.15 -30.20
N ALA B 753 -9.85 14.80 -31.48
CA ALA B 753 -9.47 13.45 -31.87
C ALA B 753 -8.18 13.01 -31.16
N SER B 754 -8.14 11.73 -30.79
CA SER B 754 -6.95 11.08 -30.28
C SER B 754 -5.81 11.01 -31.30
N PRO B 755 -4.54 10.91 -30.87
CA PRO B 755 -3.46 10.70 -31.80
C PRO B 755 -3.49 9.27 -32.36
N GLN B 756 -2.82 9.04 -33.48
CA GLN B 756 -2.68 7.69 -33.95
C GLN B 756 -2.03 6.83 -32.88
N ILE B 757 -2.27 5.51 -32.99
CA ILE B 757 -1.79 4.53 -32.03
C ILE B 757 -0.29 4.35 -32.22
N TYR B 758 0.49 4.56 -31.15
CA TYR B 758 1.94 4.51 -31.19
C TYR B 758 2.43 3.08 -31.37
N GLN B 759 3.19 2.81 -32.45
CA GLN B 759 3.56 1.45 -32.82
C GLN B 759 4.85 0.98 -32.13
N GLY B 760 5.53 1.90 -31.45
CA GLY B 760 6.89 1.66 -30.98
C GLY B 760 6.94 1.11 -29.57
N ALA B 761 8.16 1.16 -29.00
CA ALA B 761 8.47 0.44 -27.78
C ALA B 761 8.03 1.24 -26.56
N TYR B 762 7.67 0.51 -25.49
CA TYR B 762 7.19 1.10 -24.23
C TYR B 762 8.30 1.10 -23.18
N GLN B 763 8.21 2.00 -22.20
CA GLN B 763 9.27 2.17 -21.22
C GLN B 763 8.66 2.39 -19.83
N TYR B 764 9.29 1.78 -18.81
CA TYR B 764 8.75 1.72 -17.46
C TYR B 764 9.93 1.84 -16.52
N GLU B 765 10.03 2.98 -15.84
CA GLU B 765 11.21 3.28 -15.05
C GLU B 765 11.14 2.59 -13.67
N ALA B 766 12.27 2.00 -13.24
CA ALA B 766 12.34 1.15 -12.05
C ALA B 766 12.02 1.95 -10.80
N GLU B 767 12.39 3.24 -10.80
CA GLU B 767 12.10 4.11 -9.68
C GLU B 767 10.59 4.35 -9.57
N CYS B 768 9.79 3.93 -10.57
CA CYS B 768 8.32 3.98 -10.48
C CYS B 768 7.70 2.62 -10.12
N PHE B 769 8.49 1.54 -10.03
CA PHE B 769 7.95 0.23 -9.73
C PHE B 769 7.31 0.19 -8.34
N ASP B 770 6.40 -0.77 -8.13
CA ASP B 770 6.04 -1.17 -6.78
C ASP B 770 7.13 -2.09 -6.25
N PHE B 771 7.41 -2.04 -4.94
CA PHE B 771 8.61 -2.69 -4.44
C PHE B 771 8.44 -3.22 -3.02
N LYS B 772 9.25 -4.23 -2.69
CA LYS B 772 9.35 -4.62 -1.30
C LYS B 772 10.79 -5.02 -1.03
N ASN B 773 11.29 -4.62 0.15
CA ASN B 773 12.55 -5.11 0.64
C ASN B 773 13.64 -4.82 -0.40
N VAL B 774 13.83 -3.55 -0.77
CA VAL B 774 14.91 -3.18 -1.67
C VAL B 774 15.92 -2.35 -0.89
N THR B 775 17.19 -2.40 -1.31
CA THR B 775 18.27 -1.77 -0.56
C THR B 775 18.15 -0.24 -0.67
N LYS B 776 18.00 0.31 -1.88
CA LYS B 776 17.76 1.74 -1.99
C LYS B 776 17.01 2.10 -3.27
N ARG B 777 16.19 3.14 -3.16
CA ARG B 777 15.40 3.65 -4.26
C ARG B 777 15.80 5.11 -4.46
N VAL B 778 16.45 5.37 -5.60
CA VAL B 778 16.98 6.69 -5.91
C VAL B 778 16.01 7.37 -6.88
N THR B 779 15.18 8.29 -6.34
CA THR B 779 14.22 9.03 -7.15
C THR B 779 14.83 10.35 -7.62
N LYS B 780 16.01 10.69 -7.09
CA LYS B 780 16.67 11.95 -7.39
C LYS B 780 18.20 11.73 -7.51
N GLY B 781 18.63 11.31 -8.70
CA GLY B 781 19.90 10.62 -8.84
C GLY B 781 21.10 11.55 -8.87
N ASP B 782 20.88 12.82 -9.20
CA ASP B 782 21.95 13.75 -9.53
C ASP B 782 22.94 13.93 -8.38
N SER B 783 22.47 13.65 -7.16
CA SER B 783 23.23 13.80 -5.93
C SER B 783 23.81 12.46 -5.48
N GLU B 784 23.73 11.42 -6.33
CA GLU B 784 24.22 10.10 -5.97
C GLU B 784 25.39 9.68 -6.87
N PRO B 785 26.11 8.56 -6.57
CA PRO B 785 27.30 8.17 -7.31
C PRO B 785 27.06 7.62 -8.71
N ILE B 786 25.84 7.10 -8.96
CA ILE B 786 25.62 6.38 -10.19
C ILE B 786 25.12 7.38 -11.22
N ARG B 787 25.75 7.32 -12.40
CA ARG B 787 25.52 8.22 -13.51
C ARG B 787 24.81 7.47 -14.63
N ASN B 788 24.57 8.16 -15.75
CA ASN B 788 24.08 7.56 -16.98
C ASN B 788 22.87 6.66 -16.75
N TYR B 789 21.80 7.20 -16.17
CA TYR B 789 20.57 6.46 -15.96
C TYR B 789 19.48 7.12 -16.82
N THR B 790 18.26 6.55 -16.84
CA THR B 790 17.14 7.10 -17.62
C THR B 790 16.09 7.74 -16.69
N ALA B 791 15.48 8.82 -17.15
CA ALA B 791 14.58 9.62 -16.34
C ALA B 791 15.40 10.09 -15.15
N GLN B 792 14.82 10.23 -13.94
CA GLN B 792 15.54 10.91 -12.87
C GLN B 792 16.21 9.97 -11.88
N GLY B 793 16.14 8.66 -12.11
CA GLY B 793 16.53 7.74 -11.05
C GLY B 793 16.72 6.30 -11.50
N TYR B 794 16.92 5.46 -10.49
CA TYR B 794 17.14 4.01 -10.58
C TYR B 794 16.88 3.46 -9.17
N ILE B 795 17.00 2.13 -9.01
CA ILE B 795 16.94 1.51 -7.69
C ILE B 795 18.05 0.49 -7.56
N ASN B 796 18.43 0.27 -6.30
CA ASN B 796 19.25 -0.84 -5.87
C ASN B 796 18.35 -1.93 -5.28
N PHE B 797 18.05 -2.95 -6.09
CA PHE B 797 17.22 -4.05 -5.67
C PHE B 797 17.85 -4.76 -4.47
N GLY B 798 19.18 -5.02 -4.56
CA GLY B 798 19.98 -5.56 -3.46
C GLY B 798 19.81 -7.06 -3.24
N ALA B 799 20.37 -7.57 -2.14
CA ALA B 799 20.60 -9.01 -2.01
C ALA B 799 19.50 -9.72 -1.24
N SER B 800 18.55 -8.99 -0.66
CA SER B 800 17.56 -9.62 0.20
C SER B 800 16.87 -10.76 -0.55
N SER B 801 16.74 -11.90 0.14
CA SER B 801 16.16 -13.09 -0.48
C SER B 801 14.68 -12.90 -0.79
N ALA B 802 14.01 -11.92 -0.15
CA ALA B 802 12.58 -11.70 -0.31
C ALA B 802 12.32 -10.41 -1.07
N ALA B 803 13.37 -9.90 -1.72
CA ALA B 803 13.27 -8.66 -2.47
C ALA B 803 12.50 -8.91 -3.77
N ALA B 804 11.61 -7.98 -4.11
CA ALA B 804 10.82 -8.10 -5.32
C ALA B 804 10.28 -6.74 -5.80
N VAL B 805 9.91 -6.68 -7.08
CA VAL B 805 9.32 -5.48 -7.68
C VAL B 805 8.23 -5.89 -8.69
N ARG B 806 7.29 -4.96 -8.93
CA ARG B 806 6.12 -5.21 -9.76
C ARG B 806 5.63 -3.91 -10.41
N PHD B 807 5.31 -3.99 -11.70
CA PHD B 807 4.67 -2.87 -12.38
C PHD B 807 3.66 -3.45 -13.35
O PHD B 807 3.78 -4.63 -13.70
CB PHD B 807 5.69 -2.05 -13.17
CG PHD B 807 5.42 -0.60 -13.45
OD1 PHD B 807 4.27 -0.08 -12.94
OD2 PHD B 807 6.20 -0.01 -14.07
P PHD B 807 3.65 1.49 -12.85
OP1 PHD B 807 4.25 2.53 -13.76
OP2 PHD B 807 2.22 1.31 -13.27
OP3 PHD B 807 3.78 2.05 -11.44
H PHD B 807 5.50 -4.75 -12.17
HA PHD B 807 4.22 -2.30 -11.72
HB2 PHD B 807 6.55 -2.10 -12.68
HB3 PHD B 807 5.83 -2.50 -14.02
N ALA B 808 2.70 -2.59 -13.75
CA ALA B 808 1.70 -2.91 -14.75
C ALA B 808 2.04 -2.28 -16.10
N VAL B 809 2.15 -3.16 -17.10
CA VAL B 809 2.62 -2.85 -18.45
C VAL B 809 1.49 -3.20 -19.42
N THR B 810 1.57 -2.71 -20.66
CA THR B 810 0.49 -2.94 -21.62
C THR B 810 1.00 -3.50 -22.95
N ALA B 811 0.05 -4.01 -23.73
CA ALA B 811 0.32 -4.63 -25.03
C ALA B 811 -0.80 -4.30 -26.01
N LEU B 812 -0.38 -3.81 -27.18
CA LEU B 812 -1.28 -3.49 -28.27
C LEU B 812 -2.13 -4.72 -28.53
N GLU B 813 -1.52 -5.90 -28.45
CA GLU B 813 -2.23 -7.15 -28.63
C GLU B 813 -1.38 -8.32 -28.12
N ASP B 814 -1.98 -9.50 -28.17
CA ASP B 814 -1.41 -10.74 -27.67
C ASP B 814 -0.21 -11.14 -28.52
N GLY B 815 0.82 -11.72 -27.90
CA GLY B 815 1.89 -12.36 -28.67
C GLY B 815 3.25 -12.20 -28.00
N VAL B 816 4.32 -12.44 -28.79
CA VAL B 816 5.69 -12.50 -28.32
C VAL B 816 6.24 -11.08 -28.24
N TYR B 817 6.77 -10.69 -27.06
CA TYR B 817 7.43 -9.40 -26.86
C TYR B 817 8.82 -9.60 -26.26
N THR B 818 9.69 -8.61 -26.47
CA THR B 818 11.04 -8.57 -25.93
C THR B 818 11.10 -7.62 -24.73
N ILE B 819 11.59 -8.11 -23.59
CA ILE B 819 11.80 -7.28 -22.40
C ILE B 819 13.30 -7.15 -22.12
N ARG B 820 13.77 -5.90 -22.23
CA ARG B 820 15.16 -5.52 -22.01
C ARG B 820 15.27 -4.81 -20.67
N ILE B 821 15.95 -5.46 -19.72
CA ILE B 821 16.16 -4.97 -18.36
C ILE B 821 17.57 -4.36 -18.28
N ARG B 822 17.63 -3.02 -18.18
CA ARG B 822 18.88 -2.30 -18.01
C ARG B 822 19.24 -2.39 -16.53
N TYR B 823 20.46 -2.89 -16.22
CA TYR B 823 20.82 -3.24 -14.85
C TYR B 823 22.31 -3.05 -14.56
N ARG B 824 22.69 -3.17 -13.28
CA ARG B 824 24.07 -3.12 -12.80
C ARG B 824 24.27 -4.27 -11.80
N ALA B 825 25.37 -5.03 -11.95
CA ALA B 825 25.69 -6.12 -11.06
C ALA B 825 27.19 -6.08 -10.78
N PRO B 826 27.68 -5.01 -10.12
CA PRO B 826 29.09 -4.65 -10.20
C PRO B 826 30.04 -5.65 -9.53
N SER B 827 29.62 -6.34 -8.46
CA SER B 827 30.54 -7.19 -7.69
C SER B 827 30.44 -8.68 -8.06
N ALA B 828 29.28 -9.11 -8.57
CA ALA B 828 29.04 -10.53 -8.81
C ALA B 828 27.79 -10.73 -9.68
N THR B 829 27.78 -11.83 -10.46
CA THR B 829 26.61 -12.20 -11.23
C THR B 829 25.44 -12.45 -10.26
N VAL B 830 24.22 -12.10 -10.70
CA VAL B 830 23.02 -12.38 -9.92
C VAL B 830 22.13 -13.33 -10.73
N ASN B 831 22.15 -14.63 -10.37
CA ASN B 831 21.40 -15.67 -11.05
C ASN B 831 20.23 -16.13 -10.19
N THR B 832 19.82 -15.26 -9.25
CA THR B 832 18.98 -15.66 -8.14
C THR B 832 17.66 -14.90 -8.17
N VAL B 833 17.37 -14.13 -9.22
CA VAL B 833 16.12 -13.41 -9.30
C VAL B 833 15.33 -13.93 -10.50
N ASP B 834 14.03 -14.17 -10.30
CA ASP B 834 13.16 -14.78 -11.30
C ASP B 834 12.15 -13.78 -11.81
N MET B 835 11.69 -13.98 -13.04
CA MET B 835 10.72 -13.09 -13.65
C MET B 835 9.35 -13.77 -13.71
N TYR B 836 8.30 -13.03 -13.33
CA TYR B 836 6.93 -13.52 -13.38
C TYR B 836 6.11 -12.58 -14.27
N ILE B 837 5.42 -13.18 -15.25
CA ILE B 837 4.40 -12.51 -16.03
C ILE B 837 3.05 -13.03 -15.55
N ASN B 838 2.16 -12.12 -15.11
CA ASN B 838 0.77 -12.46 -14.84
C ASN B 838 0.70 -13.57 -13.79
N ASN B 839 1.65 -13.46 -12.84
CA ASN B 839 1.79 -14.30 -11.66
C ASN B 839 2.15 -15.74 -12.04
N THR B 840 2.90 -15.93 -13.14
CA THR B 840 3.47 -17.22 -13.50
C THR B 840 4.94 -16.99 -13.84
N LYS B 841 5.81 -17.80 -13.22
CA LYS B 841 7.27 -17.73 -13.39
C LYS B 841 7.65 -18.11 -14.81
N VAL B 842 8.54 -17.34 -15.42
CA VAL B 842 8.80 -17.43 -16.85
C VAL B 842 10.29 -17.63 -17.13
N GLY B 843 11.18 -17.50 -16.14
CA GLY B 843 12.61 -17.50 -16.41
C GLY B 843 13.43 -16.84 -15.31
N THR B 844 14.75 -16.89 -15.48
CA THR B 844 15.70 -16.32 -14.52
C THR B 844 16.69 -15.45 -15.28
N PRO B 845 16.46 -14.12 -15.47
CA PRO B 845 17.41 -13.34 -16.23
C PRO B 845 18.83 -13.57 -15.73
N GLU B 846 19.75 -13.62 -16.71
CA GLU B 846 21.16 -13.86 -16.45
C GLU B 846 21.73 -12.47 -16.28
N PHE B 847 21.77 -11.97 -15.05
CA PHE B 847 22.32 -10.65 -14.76
C PHE B 847 23.84 -10.75 -14.57
N ALA B 848 24.58 -10.87 -15.68
CA ALA B 848 26.02 -11.10 -15.65
C ALA B 848 26.75 -9.90 -15.04
N GLN B 849 27.76 -10.20 -14.21
CA GLN B 849 28.54 -9.20 -13.47
C GLN B 849 28.92 -8.07 -14.40
N THR B 850 28.60 -6.82 -14.01
CA THR B 850 28.91 -5.62 -14.78
C THR B 850 30.17 -4.92 -14.23
N ASP B 851 30.68 -4.02 -15.08
CA ASP B 851 31.93 -3.32 -14.86
C ASP B 851 31.72 -2.38 -13.66
N ASN B 852 32.80 -2.18 -12.90
CA ASN B 852 32.73 -1.51 -11.61
C ASN B 852 32.36 -0.03 -11.75
N ASP B 853 32.66 0.54 -12.91
CA ASP B 853 32.57 1.98 -13.09
C ASP B 853 31.14 2.44 -12.86
N ASN B 854 30.99 3.71 -12.46
CA ASN B 854 29.75 4.25 -11.98
C ASN B 854 28.89 4.78 -13.12
N THR B 855 29.39 4.72 -14.38
CA THR B 855 28.57 5.10 -15.52
C THR B 855 28.06 3.88 -16.30
N VAL B 856 28.59 2.68 -16.00
CA VAL B 856 28.30 1.50 -16.80
C VAL B 856 26.97 0.87 -16.38
N TRP B 857 26.14 0.58 -17.39
CA TRP B 857 24.95 -0.25 -17.26
C TRP B 857 25.01 -1.38 -18.28
N ASN B 858 24.11 -2.34 -18.18
CA ASN B 858 24.04 -3.44 -19.14
C ASN B 858 22.59 -3.79 -19.38
N THR B 859 22.30 -4.69 -20.34
CA THR B 859 20.93 -5.09 -20.63
C THR B 859 20.82 -6.61 -20.74
N ALA B 860 19.80 -7.13 -20.06
CA ALA B 860 19.47 -8.55 -20.03
C ALA B 860 18.13 -8.80 -20.75
N LEU B 861 18.06 -9.84 -21.59
CA LEU B 861 16.95 -10.03 -22.53
C LEU B 861 16.03 -11.20 -22.14
N MET B 862 14.72 -11.02 -22.36
CA MET B 862 13.78 -12.12 -22.22
C MET B 862 12.68 -11.98 -23.27
N SER B 863 12.24 -13.10 -23.84
CA SER B 863 11.07 -13.15 -24.73
C SER B 863 9.88 -13.69 -23.95
N VAL B 864 8.70 -13.08 -24.12
CA VAL B 864 7.54 -13.49 -23.34
C VAL B 864 6.25 -13.35 -24.14
N SER B 865 5.20 -14.06 -23.68
CA SER B 865 3.85 -13.82 -24.13
C SER B 865 3.17 -12.82 -23.21
N LEU B 866 2.76 -11.68 -23.78
CA LEU B 866 1.80 -10.83 -23.11
C LEU B 866 0.45 -11.06 -23.79
N ARG B 867 -0.60 -10.54 -23.16
CA ARG B 867 -1.94 -10.55 -23.73
C ARG B 867 -2.34 -9.10 -23.97
N LYS B 868 -3.45 -8.89 -24.70
CA LYS B 868 -3.87 -7.56 -25.07
C LYS B 868 -4.27 -6.82 -23.79
N GLY B 869 -3.75 -5.60 -23.64
CA GLY B 869 -4.10 -4.74 -22.53
C GLY B 869 -3.10 -4.91 -21.38
N ALA B 870 -3.60 -4.92 -20.14
CA ALA B 870 -2.77 -5.01 -18.94
C ALA B 870 -2.06 -6.35 -18.85
N ASN B 871 -0.78 -6.26 -18.49
CA ASN B 871 -0.01 -7.39 -17.99
C ASN B 871 0.68 -6.96 -16.70
N THR B 872 0.98 -7.94 -15.83
CA THR B 872 1.76 -7.72 -14.62
C THR B 872 3.17 -8.29 -14.78
N PHE B 873 4.16 -7.44 -14.49
CA PHE B 873 5.57 -7.80 -14.54
C PHE B 873 6.12 -7.77 -13.12
N GLU B 874 6.81 -8.87 -12.75
CA GLU B 874 7.47 -8.92 -11.46
C GLU B 874 8.93 -9.38 -11.62
N LEU B 875 9.77 -8.91 -10.70
CA LEU B 875 11.04 -9.56 -10.44
C LEU B 875 11.02 -9.97 -8.97
N LYS B 876 11.38 -11.24 -8.74
CA LYS B 876 11.27 -11.85 -7.41
C LYS B 876 12.55 -12.62 -7.10
N ALA B 877 13.22 -12.23 -6.01
CA ALA B 877 14.35 -12.97 -5.47
C ALA B 877 13.83 -14.29 -4.91
N ASN B 878 14.67 -15.33 -5.01
CA ASN B 878 14.42 -16.61 -4.35
C ASN B 878 15.43 -16.86 -3.22
N SER B 879 16.65 -16.33 -3.35
CA SER B 879 17.68 -16.52 -2.34
C SER B 879 18.52 -15.25 -2.20
N SER B 880 19.56 -15.27 -1.37
CA SER B 880 20.43 -14.12 -1.18
C SER B 880 21.25 -13.83 -2.43
N GLY B 881 21.20 -12.59 -2.93
CA GLY B 881 22.04 -12.22 -4.06
C GLY B 881 23.53 -12.41 -3.74
N ALA B 882 24.33 -12.68 -4.78
CA ALA B 882 25.79 -12.74 -4.65
C ALA B 882 26.35 -11.34 -4.48
N GLY B 883 25.49 -10.35 -4.73
CA GLY B 883 25.87 -8.96 -4.69
C GLY B 883 24.70 -8.11 -5.13
N ASP B 884 24.92 -6.81 -5.11
CA ASP B 884 23.82 -5.90 -5.37
C ASP B 884 23.42 -6.01 -6.83
N LEU B 885 22.09 -6.07 -7.04
CA LEU B 885 21.45 -5.82 -8.33
C LEU B 885 20.84 -4.41 -8.36
N TYR B 886 21.17 -3.66 -9.42
CA TYR B 886 20.53 -2.39 -9.72
C TYR B 886 19.60 -2.53 -10.92
N LEU B 887 18.55 -1.68 -10.95
CA LEU B 887 17.62 -1.58 -12.08
C LEU B 887 17.28 -0.11 -12.38
N ASP B 888 17.34 0.23 -13.67
CA ASP B 888 17.08 1.57 -14.17
C ASP B 888 15.71 1.64 -14.87
N ASN B 889 15.39 0.61 -15.66
CA ASN B 889 14.14 0.60 -16.42
C ASN B 889 13.94 -0.77 -17.06
N ILE B 890 12.78 -0.95 -17.71
CA ILE B 890 12.63 -1.97 -18.73
C ILE B 890 12.02 -1.30 -19.96
N VAL B 891 12.31 -1.89 -21.12
CA VAL B 891 11.74 -1.47 -22.39
C VAL B 891 11.14 -2.69 -23.08
N ILE B 892 9.86 -2.62 -23.48
CA ILE B 892 9.15 -3.75 -24.05
C ILE B 892 8.82 -3.44 -25.52
N GLU B 893 8.89 -4.44 -26.38
CA GLU B 893 8.53 -4.26 -27.79
C GLU B 893 8.29 -5.58 -28.52
N ARG B 894 7.50 -5.46 -29.59
CA ARG B 894 6.88 -6.55 -30.32
C ARG B 894 7.92 -7.42 -31.04
N LYS B 895 7.59 -8.71 -31.24
CA LYS B 895 8.29 -9.72 -32.06
C LYS B 895 9.51 -10.25 -31.30
O1 XYP C . 20.08 -26.64 16.39
C1 XYP C . 18.69 -26.80 16.43
C2 XYP C . 17.98 -25.71 17.22
C3 XYP C . 16.52 -26.15 17.33
C4 XYP C . 15.92 -26.28 15.92
C5 XYP C . 16.78 -27.18 15.07
O2 XYP C . 18.64 -25.48 18.47
O3 XYP C . 15.62 -25.20 17.94
O4 XYP C . 14.59 -26.82 16.06
O5 XYP C . 18.16 -26.81 15.10
HO1 XYP C . 20.35 -27.30 15.79
H1 XYP C . 18.49 -27.67 16.85
H2 XYP C . 18.03 -24.89 16.68
H3 XYP C . 16.45 -27.02 17.80
H4 XYP C . 15.87 -25.38 15.52
H51 XYP C . 16.46 -27.15 14.14
H52 XYP C . 16.70 -28.11 15.38
HO2 XYP C . 18.17 -25.01 18.87
C1 XYP C . 13.54 -26.45 15.20
C2 XYP C . 12.77 -27.68 14.74
C3 XYP C . 11.60 -27.26 13.84
C4 XYP C . 10.70 -26.29 14.60
C5 XYP C . 11.56 -25.13 15.14
O2 XYP C . 13.67 -28.56 14.05
O3 XYP C . 10.96 -28.45 13.33
O4 XYP C . 9.72 -25.75 13.69
O5 XYP C . 12.67 -25.58 15.93
H1 XYP C . 13.91 -25.97 14.42
H2 XYP C . 12.42 -28.15 15.53
H3 XYP C . 11.98 -26.77 13.06
H4 XYP C . 10.25 -26.75 15.35
H51 XYP C . 10.99 -24.54 15.67
H52 XYP C . 11.90 -24.61 14.37
HO2 XYP C . 13.17 -29.23 13.60
C1 XYP C . 8.52 -25.13 14.08
C2 XYP C . 7.91 -24.19 13.04
C3 XYP C . 6.56 -23.60 13.46
C4 XYP C . 5.67 -24.83 13.72
C5 XYP C . 6.35 -25.62 14.82
O2 XYP C . 8.84 -23.13 12.79
O3 XYP C . 6.13 -22.75 12.38
O4 XYP C . 4.30 -24.66 14.14
O5 XYP C . 7.57 -26.15 14.32
H1 XYP C . 8.69 -24.62 14.92
H2 XYP C . 7.78 -24.70 12.19
H3 XYP C . 6.66 -23.07 14.30
H4 XYP C . 5.68 -25.38 12.89
H51 XYP C . 5.76 -26.36 15.11
H52 XYP C . 6.53 -25.04 15.58
C1 XYP C . 3.47 -25.75 13.87
C2 XYP C . 2.14 -25.54 14.57
C3 XYP C . 0.95 -25.30 13.64
C4 XYP C . 1.33 -24.40 12.45
C5 XYP C . 2.66 -24.82 11.79
O2 XYP C . 1.84 -26.73 15.28
O3 XYP C . -0.20 -24.88 14.47
O4 XYP C . 0.36 -24.44 11.41
O5 XYP C . 3.32 -25.91 12.44
H1 XYP C . 3.89 -26.57 14.24
H2 XYP C . 2.22 -24.79 15.21
H3 XYP C . 0.71 -26.18 13.25
H4 XYP C . 1.43 -23.47 12.78
H51 XYP C . 3.26 -24.04 11.77
H52 XYP C . 2.48 -25.07 10.86
HO2 XYP C . 1.03 -26.50 15.78
HO4 XYP C . 0.76 -23.77 10.80
O5 FUB C . -0.07 -19.35 14.59
C5 FUB C . -0.26 -20.52 13.82
C4 FUB C . -0.53 -21.64 14.81
O4 FUB C . 0.50 -22.67 14.90
C3 FUB C . -1.80 -22.46 14.60
O3 FUB C . -3.03 -21.73 14.71
C2 FUB C . -1.53 -23.44 15.75
O2 FUB C . -2.57 -24.39 15.87
C1 FUB C . -0.10 -23.86 15.42
HO5 FUB C . 0.10 -18.77 13.69
H51 FUB C . 0.55 -20.72 13.30
H52 FUB C . -1.02 -20.42 13.24
H4 FUB C . -0.59 -21.23 15.71
H3 FUB C . -1.76 -22.95 13.71
HO3 FUB C . -3.67 -22.28 14.56
H2 FUB C . -1.51 -22.91 16.59
HO2 FUB C . -3.33 -23.99 15.98
H1 FUB C . 0.38 -24.17 16.23
O5 FUB C . 8.74 -19.46 11.02
C5 FUB C . 9.85 -20.25 11.43
C4 FUB C . 10.21 -21.40 10.49
O4 FUB C . 9.26 -22.48 10.63
C3 FUB C . 11.52 -22.13 10.77
O3 FUB C . 11.82 -23.09 9.76
C2 FUB C . 11.15 -22.95 12.00
O2 FUB C . 11.45 -22.23 13.19
C1 FUB C . 9.70 -23.32 11.69
HO5 FUB C . 8.72 -18.74 11.63
H51 FUB C . 9.68 -20.60 12.32
H52 FUB C . 10.64 -19.67 11.50
H4 FUB C . 10.19 -21.08 9.56
H3 FUB C . 12.31 -21.51 10.93
HO3 FUB C . 12.47 -23.46 9.91
H2 FUB C . 11.70 -23.78 11.99
HO2 FUB C . 12.21 -22.10 13.26
H1 FUB C . 9.66 -24.27 11.38
C1 XYP C . 5.45 -21.53 12.51
C2 XYP C . 5.02 -21.13 11.10
C3 XYP C . 4.22 -19.84 11.18
C4 XYP C . 3.02 -20.05 12.08
C5 XYP C . 3.54 -20.48 13.44
O2 XYP C . 6.15 -20.97 10.25
O3 XYP C . 3.86 -19.43 9.86
O4 XYP C . 2.19 -18.88 12.17
O5 XYP C . 4.30 -21.69 13.33
H1 XYP C . 6.07 -20.85 12.88
H2 XYP C . 4.44 -21.84 10.73
H3 XYP C . 4.79 -19.13 11.58
H4 XYP C . 2.47 -20.79 11.71
H51 XYP C . 2.77 -20.61 14.05
H52 XYP C . 4.10 -19.76 13.80
HO2 XYP C . 6.23 -20.63 9.69
HO3 XYP C . 4.77 -19.50 9.40
HO4 XYP C . 1.74 -18.99 12.64
O5 FUB C . 7.13 -31.70 10.95
C5 FUB C . 8.36 -30.98 10.99
C4 FUB C . 8.22 -29.51 11.37
O4 FUB C . 9.51 -28.86 11.45
C3 FUB C . 7.58 -29.32 12.75
O3 FUB C . 6.75 -28.15 12.86
C2 FUB C . 8.83 -29.25 13.63
O2 FUB C . 9.48 -30.48 13.87
C1 FUB C . 9.68 -28.32 12.77
HO5 FUB C . 7.37 -32.64 10.84
H51 FUB C . 8.78 -31.02 10.11
H52 FUB C . 8.96 -31.41 11.62
H4 FUB C . 7.67 -29.05 10.69
H3 FUB C . 7.05 -30.15 13.01
HO3 FUB C . 6.48 -28.05 13.62
H2 FUB C . 8.60 -28.81 14.49
HO2 FUB C . 9.13 -30.57 14.72
H1 FUB C . 9.37 -27.39 12.77
C1 XYP C . 15.47 -25.14 19.32
C2 XYP C . 14.62 -23.89 19.68
C3 XYP C . 14.31 -23.91 21.17
C4 XYP C . 13.58 -25.21 21.46
C5 XYP C . 14.50 -26.37 21.12
O2 XYP C . 15.23 -22.63 19.37
O3 XYP C . 13.61 -22.73 21.56
O4 XYP C . 13.19 -25.28 22.83
O5 XYP C . 14.86 -26.37 19.73
H1 XYP C . 16.36 -25.05 19.75
H2 XYP C . 13.77 -23.95 19.18
H3 XYP C . 15.18 -23.93 21.66
H4 XYP C . 12.78 -25.27 20.90
H51 XYP C . 14.05 -27.22 21.34
H52 XYP C . 15.33 -26.32 21.66
HO2 XYP C . 14.51 -22.09 19.51
HO3 XYP C . 14.09 -22.13 21.36
HO4 XYP C . 12.86 -26.09 23.01
O1 XYP D . 20.88 44.06 -14.34
C1 XYP D . 19.61 43.42 -14.28
C2 XYP D . 19.41 42.41 -15.42
C3 XYP D . 18.13 41.58 -15.33
C4 XYP D . 17.72 41.15 -13.91
C5 XYP D . 18.01 42.29 -12.93
O2 XYP D . 19.42 43.18 -16.62
O3 XYP D . 18.24 40.30 -15.99
O4 XYP D . 16.33 40.78 -13.91
O5 XYP D . 19.36 42.75 -13.03
HO1 XYP D . 20.98 44.43 -13.74
H1 XYP D . 18.92 44.12 -14.39
H2 XYP D . 20.19 41.80 -15.42
H3 XYP D . 17.38 42.09 -15.74
H4 XYP D . 18.27 40.37 -13.65
H51 XYP D . 17.84 41.98 -12.01
H52 XYP D . 17.40 43.04 -13.11
HO2 XYP D . 19.28 42.52 -17.34
C1 XYP D . 15.97 39.63 -13.20
C2 XYP D . 14.47 39.49 -12.89
C3 XYP D . 14.27 38.22 -12.05
C4 XYP D . 14.87 37.00 -12.77
C5 XYP D . 16.31 37.29 -13.20
O2 XYP D . 13.85 40.56 -12.18
O3 XYP D . 12.87 38.03 -11.80
O4 XYP D . 14.84 35.87 -11.89
O5 XYP D . 16.38 38.50 -13.97
H1 XYP D . 16.47 39.64 -12.33
H2 XYP D . 13.99 39.37 -13.75
H3 XYP D . 14.73 38.33 -11.18
H4 XYP D . 14.33 36.82 -13.57
H51 XYP D . 16.65 36.54 -13.73
H52 XYP D . 16.88 37.38 -12.40
HO2 XYP D . 13.27 40.43 -11.94
C1 XYP D . 15.00 34.59 -12.40
C2 XYP D . 15.00 33.50 -11.31
C3 XYP D . 14.45 32.24 -12.00
C4 XYP D . 12.94 32.47 -12.18
C5 XYP D . 12.74 33.88 -12.74
O2 XYP D . 16.26 33.34 -10.60
O3 XYP D . 14.61 31.07 -11.18
O4 XYP D . 12.28 31.50 -13.02
O5 XYP D . 13.94 34.37 -13.33
H1 XYP D . 15.88 34.55 -12.88
H2 XYP D . 14.33 33.79 -10.64
H3 XYP D . 14.89 32.10 -12.87
H4 XYP D . 12.52 32.44 -11.29
H51 XYP D . 12.46 34.48 -12.01
H52 XYP D . 12.03 33.86 -13.42
C1 XYP D . 10.89 31.30 -12.95
C2 XYP D . 10.49 30.14 -13.86
C3 XYP D . 9.60 29.12 -13.13
C4 XYP D . 10.32 28.63 -11.87
C5 XYP D . 10.85 29.80 -11.05
O2 XYP D . 9.73 30.59 -14.98
O3 XYP D . 9.19 27.98 -13.95
O4 XYP D . 9.41 27.88 -11.06
O5 XYP D . 10.49 31.09 -11.58
H1 XYP D . 10.44 32.13 -13.29
H2 XYP D . 11.30 29.69 -14.18
H3 XYP D . 8.78 29.59 -12.85
H4 XYP D . 11.07 28.05 -12.13
H51 XYP D . 11.82 29.73 -11.00
H52 XYP D . 10.50 29.73 -10.13
HO2 XYP D . 9.64 30.29 -15.51
HO4 XYP D . 9.87 27.44 -10.60
O5 FUB D . 13.63 24.71 -14.40
C5 FUB D . 12.53 25.08 -13.58
C4 FUB D . 11.47 25.61 -14.51
O4 FUB D . 11.37 27.05 -14.49
C3 FUB D . 10.02 25.16 -14.25
O3 FUB D . 9.78 23.76 -14.42
C2 FUB D . 9.32 26.11 -15.22
O2 FUB D . 7.90 26.17 -15.15
C1 FUB D . 10.05 27.43 -14.92
HO5 FUB D . 14.17 24.48 -13.79
H51 FUB D . 12.81 25.78 -12.95
H52 FUB D . 12.20 24.30 -13.12
H4 FUB D . 11.69 25.34 -15.44
H3 FUB D . 9.76 25.42 -13.30
HO3 FUB D . 8.97 23.62 -14.24
H2 FUB D . 9.57 25.83 -16.13
HO2 FUB D . 7.50 25.28 -15.07
H1 FUB D . 10.09 28.01 -15.73
O5 FUB D . 19.89 36.82 -11.97
C5 FUB D . 19.59 36.02 -10.84
C4 FUB D . 19.34 34.60 -11.29
O4 FUB D . 17.97 34.48 -11.70
C3 FUB D . 19.54 33.52 -10.23
O3 FUB D . 20.82 32.93 -10.40
C2 FUB D . 18.50 32.45 -10.59
O2 FUB D . 18.02 31.77 -9.43
C1 FUB D . 17.43 33.21 -11.37
HO5 FUB D . 19.60 37.38 -11.61
H51 FUB D . 18.79 36.38 -10.39
H52 FUB D . 20.34 36.05 -10.21
H4 FUB D . 19.93 34.41 -12.06
H3 FUB D . 19.41 33.87 -9.29
HO3 FUB D . 20.68 32.13 -9.41
H2 FUB D . 18.94 31.79 -11.18
HO2 FUB D . 18.53 30.99 -9.11
H1 FUB D . 17.24 32.72 -12.21
C1 XYP D . 15.19 29.90 -11.63
C2 XYP D . 15.46 29.02 -10.40
C3 XYP D . 15.88 27.60 -10.75
C4 XYP D . 15.10 27.04 -11.94
C5 XYP D . 14.85 28.05 -13.04
O2 XYP D . 16.52 29.57 -9.62
O3 XYP D . 15.70 26.79 -9.59
O4 XYP D . 15.95 26.02 -12.47
O5 XYP D . 14.29 29.25 -12.53
H1 XYP D . 16.05 30.10 -12.08
H2 XYP D . 14.64 28.99 -9.85
H3 XYP D . 16.84 27.61 -10.99
H4 XYP D . 14.25 26.65 -11.63
H51 XYP D . 14.22 27.66 -13.70
H52 XYP D . 15.70 28.25 -13.50
HO2 XYP D . 16.02 28.88 -8.52
HO3 XYP D . 16.44 27.03 -9.06
HO4 XYP D . 15.50 25.78 -13.17
C1 XYP D . 18.32 40.24 -17.38
C2 XYP D . 18.71 38.81 -17.78
C3 XYP D . 18.67 38.69 -19.30
C4 XYP D . 17.33 39.18 -19.83
C5 XYP D . 17.04 40.58 -19.33
O2 XYP D . 19.99 38.41 -17.29
O3 XYP D . 18.88 37.34 -19.73
O4 XYP D . 17.34 39.17 -21.26
O5 XYP D . 17.05 40.63 -17.90
H1 XYP D . 19.02 40.87 -17.69
H2 XYP D . 18.03 38.19 -17.40
H3 XYP D . 19.39 39.26 -19.68
H4 XYP D . 16.62 38.57 -19.52
H51 XYP D . 16.16 40.87 -19.66
H52 XYP D . 17.72 41.21 -19.67
HO2 XYP D . 20.49 37.68 -17.71
HO3 XYP D . 19.76 36.98 -19.51
HO4 XYP D . 16.66 39.33 -21.57
CA CA E . -13.45 -5.06 12.27
CA CA F . 15.19 5.05 -14.42
#